data_9JG9
#
_entry.id   9JG9
#
_cell.length_a   1.00
_cell.length_b   1.00
_cell.length_c   1.00
_cell.angle_alpha   90.00
_cell.angle_beta   90.00
_cell.angle_gamma   90.00
#
_symmetry.space_group_name_H-M   'P 1'
#
loop_
_entity.id
_entity.type
_entity.pdbx_description
1 polymer 'DUF3289 family protein'
2 polymer 'Peptidase C39-like domain-containing protein'
3 polymer 'Type VI secretion system spike protein VgrG'
4 non-polymer 'ZINC ION'
#
loop_
_entity_poly.entity_id
_entity_poly.type
_entity_poly.pdbx_seq_one_letter_code
_entity_poly.pdbx_strand_id
1 'polypeptide(L)'
;MAGKEFVVDKAMCMCKYGAAPGKLMVTDNQFFRLNGTKLCASTMTLGNVIYPPGFGICKVNPMFPKPCVPAITQWNGQFS
KITMMGGNPLTDKSKGTCSCGGPDCIEFMQTGQIPVPGSKQMQQATGEHQGELDAMGDPSALTKHPVDTPTSLLLKEGNI
LVKAVKGEAESFSGQTLIYEVEHYNTPIVSDEIRSHVKWKVTIGEKEETVDQPGTDVLELSVKEEWQGKKLCVQAYINQP
SDNVKVNTQIKKWEFPIIVDRYKMPGLNDTGTDIADDMAYGYGVNTKKCVYSTLLIKQLIESYEQKHENKKIDNILSNSI
DYDPEPPMFSTSSLDTKQKMERYIRVKNAKAIYSKEDFPKISSRIQEGVRFLRKGGDDFTDEELFADFEAMAKLAFSSLN
SEMRGNIVRMIAKFRQNNGGVYEDSVLTDHIKKHPSTIRYCNQLETYIKKELQDSKGDVSTLEDIKIFFKGERDLLEDIL
KKRVNDKYHKKDFSLTPVYDAGFISFKNIGRKTEQIKNATQGYTIALNDIWSTEVIIKKYVLNGNSYTVDYRVTLWDHFG
LDAPDLEANKVAAYGAGFRAWFILQHFRGYKPFITKITFDKTFKGKIQ
;
B
2 'polypeptide(L)'
;MSDDKSQLTISIDIKAEDRKYQIVENSVTSILFKVSDTTTRYVYNIRMGEMRNESETTPEGLKNLNLKKECDLSVKIRTE
ADQAFVLSEKHRGNIMLVEFFKYEGIPVLCASCVLIVKPSDLKITQVIFKDSTGKEVGCGSVQYEANLKFALRVKYNRPL
LRGEKAPKLKCKGYCTNAVTGEYEEISKFRVDENGAYTDTFYCDDGLQESHAGADYVFSFGINNPYGPPFMIEDTNVPVP
SIQKIHLIGRNLKKPQITSVIWSSKEMIKFGEDSPRRKSINYNEDGFLHIHARGMYGQKVRVELFEKDSTGIKKLLLGLK
DDVTILDNVVCVPVEMSGVYAKAAKGRHALAEGLSFEILAKVTPLDTSIAAFEQDDKSLIELQIYGKADEDKAAKSTVNG
TMKFMIADVEEDEKGEEEKAIEEGVCPLCGKKHIDLRSKIDYQTQFDSRFGTKKEQNVACYKACKVILTNAGLSPNSAPN
DNTVIQIGVEKSSTDNSSHSSSLTIDFVKASEGLNYINQQLETGYPILVGVDYKAGSPNSDKTTDHFIVIVGRGCKNNEV
YYLFYEVGTGQQENGQYKGAHENNKLYLKKDNTLQGTPYHNSNKKYIVVQIRKNILS
;
C
3 'polypeptide(L)'
;MASTNLDAVSVEIKVAGKVCDYVTMELFQSVSTHHRFKIKVNYRPDKPSVWAIGPDVIFKQLGEKVSIIMTHHESGEKTE
FHGLISDIHVEGFDGNQGFVILEGGSPTILLDRDPAMDCYVEQNLNTIVSDILDKSGVKMNVTNNPKHTDIIPYVARYKE
TSYGFLSRLLRSYGEWFYYNGETLQIGNPEIETESRAGYDVDLTGVSINATIRSLNHSTYEFDPVNDKFYYDYSGTPKGA
TLGSRSAEKCSEPIFPTEAKLPSMRPAYSAMDLEHYGDAGFHRNYSQLSQIKASSRYCGIRLGELVVTRVPESFPGVKIT
DLGRYRITEITHTVDGQGRYSNTFCGVPGGTPVMPWGDAVMPVAYPEMARVVSNEDPKNQGRVKVQFMWQEVDGGESYWM
RVQSPDAGKSDQVAKNRGFVFIPEPGDLVMVGFEQGNPDRPYVTGSLFYKANSQGAATDNTVKSIRTRSGHTLEFNDDEG
GDWGITIKDRNGCMFHFDTKGKNIEITAPETMTLNAQNININAGEQLNTSSGKETVMQIGTDFQQDVGGNAEIAIGESLT
ESIAKDSTNSIAGNLSVTVDENLMYDAQDMTLTAQGGMKLLANAKIGLKSSEGVDIAQ
;
E,F,G
#
# COMPACT_ATOMS: atom_id res chain seq x y z
N GLY A 3 46.37 -76.74 -66.01
CA GLY A 3 46.90 -75.48 -66.50
C GLY A 3 47.33 -74.53 -65.39
N LYS A 4 48.45 -73.85 -65.59
CA LYS A 4 49.00 -72.95 -64.59
C LYS A 4 49.17 -71.53 -65.09
N GLU A 5 49.79 -71.35 -66.25
CA GLU A 5 50.14 -70.04 -66.78
C GLU A 5 49.26 -69.72 -67.98
N PHE A 6 49.48 -68.53 -68.54
CA PHE A 6 48.79 -68.08 -69.73
C PHE A 6 49.81 -67.74 -70.82
N VAL A 7 49.52 -68.16 -72.04
CA VAL A 7 50.42 -67.93 -73.16
C VAL A 7 50.25 -66.51 -73.65
N VAL A 8 51.37 -65.81 -73.83
CA VAL A 8 51.36 -64.44 -74.31
C VAL A 8 52.17 -64.33 -75.59
N ASP A 9 52.32 -63.12 -76.11
CA ASP A 9 53.07 -62.92 -77.34
C ASP A 9 54.53 -63.30 -77.15
N LYS A 10 55.14 -63.78 -78.24
CA LYS A 10 56.54 -64.20 -78.26
C LYS A 10 56.80 -65.33 -77.27
N ALA A 11 55.87 -66.27 -77.18
CA ALA A 11 56.08 -67.47 -76.39
C ALA A 11 56.80 -68.53 -77.22
N MET A 12 57.78 -69.18 -76.60
CA MET A 12 58.57 -70.19 -77.31
C MET A 12 57.73 -71.45 -77.53
N CYS A 13 57.80 -71.98 -78.75
CA CYS A 13 56.98 -73.11 -79.13
C CYS A 13 57.67 -73.87 -80.26
N MET A 14 57.38 -75.18 -80.33
CA MET A 14 57.94 -76.02 -81.38
C MET A 14 56.83 -76.82 -82.05
N CYS A 15 57.04 -77.17 -83.31
CA CYS A 15 56.20 -78.14 -84.00
C CYS A 15 56.77 -79.53 -83.82
N LYS A 16 55.91 -80.54 -83.94
CA LYS A 16 56.35 -81.92 -83.82
C LYS A 16 57.24 -82.33 -84.99
N TYR A 17 57.26 -81.56 -86.08
CA TYR A 17 58.05 -81.87 -87.25
C TYR A 17 59.15 -80.85 -87.52
N GLY A 18 58.81 -79.56 -87.55
CA GLY A 18 59.80 -78.53 -87.78
C GLY A 18 60.83 -78.51 -86.67
N ALA A 19 62.10 -78.63 -87.03
CA ALA A 19 63.17 -78.69 -86.04
C ALA A 19 63.77 -77.30 -85.80
N ALA A 20 62.92 -76.41 -85.27
CA ALA A 20 63.32 -75.06 -84.92
C ALA A 20 62.34 -74.54 -83.90
N PRO A 21 62.79 -74.08 -82.74
CA PRO A 21 61.86 -73.54 -81.73
C PRO A 21 61.40 -72.13 -82.07
N GLY A 22 60.34 -72.01 -82.85
CA GLY A 22 59.82 -70.71 -83.22
C GLY A 22 59.11 -70.02 -82.08
N LYS A 23 58.69 -68.79 -82.34
CA LYS A 23 58.03 -67.95 -81.35
C LYS A 23 56.63 -67.59 -81.81
N LEU A 24 55.68 -67.64 -80.89
CA LEU A 24 54.29 -67.36 -81.20
C LEU A 24 54.09 -65.87 -81.52
N MET A 25 53.13 -65.61 -82.41
CA MET A 25 52.77 -64.25 -82.81
C MET A 25 51.29 -64.05 -82.60
N VAL A 26 50.92 -62.94 -81.96
CA VAL A 26 49.54 -62.64 -81.61
C VAL A 26 49.11 -61.39 -82.35
N THR A 27 48.05 -61.51 -83.15
CA THR A 27 47.48 -60.37 -83.86
C THR A 27 45.97 -60.24 -83.72
N ASP A 28 45.25 -61.31 -83.38
CA ASP A 28 43.82 -61.21 -83.13
C ASP A 28 43.52 -60.38 -81.89
N ASN A 29 44.49 -60.22 -80.99
CA ASN A 29 44.32 -59.46 -79.76
C ASN A 29 45.19 -58.22 -79.81
N GLN A 30 44.56 -57.05 -79.70
CA GLN A 30 45.26 -55.79 -79.49
C GLN A 30 44.81 -55.11 -78.21
N PHE A 31 44.07 -55.83 -77.37
CA PHE A 31 43.37 -55.28 -76.21
C PHE A 31 43.87 -55.84 -74.90
N PHE A 32 43.90 -57.16 -74.75
CA PHE A 32 44.18 -57.82 -73.49
C PHE A 32 45.67 -58.10 -73.39
N ARG A 33 46.37 -57.32 -72.57
CA ARG A 33 47.79 -57.51 -72.32
C ARG A 33 47.99 -57.97 -70.88
N LEU A 34 49.11 -58.64 -70.64
CA LEU A 34 49.44 -59.10 -69.31
C LEU A 34 50.95 -59.32 -69.23
N ASN A 35 51.45 -59.39 -67.99
CA ASN A 35 52.89 -59.41 -67.73
C ASN A 35 53.57 -58.21 -68.37
N GLY A 36 53.01 -57.03 -68.10
CA GLY A 36 53.52 -55.81 -68.69
C GLY A 36 52.70 -55.33 -69.86
N THR A 37 53.20 -55.55 -71.07
CA THR A 37 52.53 -55.14 -72.30
C THR A 37 52.58 -56.25 -73.33
N LYS A 38 52.38 -57.49 -72.89
CA LYS A 38 52.43 -58.66 -73.76
C LYS A 38 51.00 -59.12 -74.05
N LEU A 39 50.65 -59.18 -75.32
CA LEU A 39 49.29 -59.56 -75.71
C LEU A 39 49.04 -61.03 -75.37
N CYS A 40 47.84 -61.30 -74.84
CA CYS A 40 47.49 -62.66 -74.45
C CYS A 40 47.05 -63.48 -75.65
N ALA A 41 47.48 -64.73 -75.69
CA ALA A 41 47.14 -65.64 -76.77
C ALA A 41 45.81 -66.32 -76.47
N SER A 42 44.92 -66.34 -77.44
CA SER A 42 43.58 -66.87 -77.29
C SER A 42 43.36 -68.03 -78.25
N THR A 43 42.13 -68.56 -78.24
CA THR A 43 41.75 -69.58 -79.22
C THR A 43 41.52 -69.01 -80.60
N MET A 44 41.53 -67.69 -80.75
CA MET A 44 41.42 -67.05 -82.05
C MET A 44 42.78 -66.76 -82.67
N THR A 45 43.86 -67.19 -82.04
CA THR A 45 45.20 -67.09 -82.61
C THR A 45 45.41 -68.29 -83.53
N LEU A 46 44.88 -68.16 -84.75
CA LEU A 46 44.83 -69.25 -85.70
C LEU A 46 45.49 -68.83 -87.01
N GLY A 47 46.12 -69.80 -87.68
CA GLY A 47 46.77 -69.54 -88.95
C GLY A 47 48.27 -69.35 -88.82
N ASN A 48 48.84 -68.48 -89.65
CA ASN A 48 50.26 -68.15 -89.58
C ASN A 48 50.46 -67.18 -88.41
N VAL A 49 50.50 -67.75 -87.21
CA VAL A 49 50.61 -66.98 -85.98
C VAL A 49 51.96 -67.22 -85.34
N ILE A 50 52.97 -67.50 -86.16
CA ILE A 50 54.30 -67.85 -85.66
C ILE A 50 55.32 -66.92 -86.29
N PRO A 53 60.20 -67.08 -89.14
CA PRO A 53 60.60 -68.48 -89.30
C PRO A 53 59.60 -69.45 -88.67
N GLY A 54 58.70 -69.99 -89.47
CA GLY A 54 57.72 -70.95 -88.99
C GLY A 54 58.33 -72.32 -88.75
N PHE A 55 59.13 -72.43 -87.68
CA PHE A 55 59.84 -73.66 -87.36
C PHE A 55 60.79 -74.07 -88.49
N GLY A 56 61.41 -73.08 -89.13
CA GLY A 56 62.33 -73.36 -90.20
C GLY A 56 61.66 -74.00 -91.40
N ILE A 57 61.92 -75.28 -91.61
CA ILE A 57 61.31 -76.03 -92.70
C ILE A 57 60.36 -77.06 -92.11
N CYS A 58 59.40 -77.48 -92.92
CA CYS A 58 58.47 -78.53 -92.52
C CYS A 58 59.10 -79.90 -92.74
N LYS A 59 58.71 -80.85 -91.89
CA LYS A 59 59.29 -82.19 -91.91
C LYS A 59 58.20 -83.26 -91.76
N VAL A 60 56.97 -82.93 -92.17
CA VAL A 60 55.88 -83.89 -92.01
C VAL A 60 56.09 -85.11 -92.89
N ASN A 61 56.67 -84.93 -94.07
CA ASN A 61 57.00 -86.04 -94.96
C ASN A 61 58.49 -86.05 -95.23
N PRO A 62 59.27 -86.89 -94.53
CA PRO A 62 60.73 -86.94 -94.68
C PRO A 62 61.17 -87.76 -95.88
N ILE A 72 47.22 -73.87 -88.49
CA ILE A 72 46.77 -73.83 -87.10
C ILE A 72 45.28 -73.53 -87.04
N THR A 73 44.49 -74.51 -86.59
CA THR A 73 43.04 -74.36 -86.52
C THR A 73 42.45 -74.62 -85.15
N GLN A 74 43.11 -75.37 -84.27
CA GLN A 74 42.57 -75.72 -82.97
C GLN A 74 43.62 -75.45 -81.90
N TRP A 75 43.15 -75.03 -80.72
CA TRP A 75 43.99 -74.65 -79.60
C TRP A 75 43.47 -75.28 -78.31
N ASN A 76 43.21 -76.59 -78.35
CA ASN A 76 42.63 -77.26 -77.19
C ASN A 76 43.56 -77.16 -75.98
N GLY A 77 42.96 -77.26 -74.79
CA GLY A 77 43.69 -77.15 -73.54
C GLY A 77 43.69 -75.77 -72.91
N GLN A 78 42.87 -74.84 -73.42
CA GLN A 78 42.86 -73.48 -72.94
C GLN A 78 42.07 -73.37 -71.64
N PHE A 79 42.08 -72.16 -71.07
CA PHE A 79 41.33 -71.87 -69.85
C PHE A 79 39.92 -71.44 -70.22
N SER A 80 38.93 -72.12 -69.65
CA SER A 80 37.54 -71.93 -70.02
C SER A 80 36.81 -70.92 -69.15
N LYS A 81 37.47 -70.36 -68.14
CA LYS A 81 36.82 -69.43 -67.22
C LYS A 81 37.07 -67.97 -67.57
N ILE A 82 37.71 -67.69 -68.70
CA ILE A 82 37.94 -66.33 -69.16
C ILE A 82 37.50 -66.23 -70.61
N THR A 83 36.74 -65.19 -70.94
CA THR A 83 36.23 -64.97 -72.29
C THR A 83 36.72 -63.61 -72.78
N MET A 84 37.70 -63.64 -73.68
CA MET A 84 38.29 -62.41 -74.23
C MET A 84 37.79 -62.23 -75.67
N MET A 85 36.60 -61.64 -75.78
CA MET A 85 35.99 -61.28 -77.07
C MET A 85 35.86 -62.50 -77.98
N GLY A 86 35.05 -63.45 -77.54
CA GLY A 86 34.72 -64.61 -78.33
C GLY A 86 35.72 -65.75 -78.26
N GLY A 87 36.85 -65.55 -77.61
CA GLY A 87 37.86 -66.59 -77.49
C GLY A 87 38.31 -66.74 -76.06
N ASN A 88 39.00 -67.84 -75.80
CA ASN A 88 39.48 -68.12 -74.46
C ASN A 88 41.01 -68.07 -74.43
N PRO A 89 41.61 -67.61 -73.33
CA PRO A 89 43.07 -67.46 -73.30
C PRO A 89 43.78 -68.81 -73.32
N LEU A 90 44.96 -68.81 -73.92
CA LEU A 90 45.75 -70.03 -74.01
C LEU A 90 46.49 -70.29 -72.70
N THR A 91 46.94 -71.53 -72.55
CA THR A 91 47.56 -72.00 -71.32
C THR A 91 48.82 -72.79 -71.68
N ASP A 92 49.74 -72.89 -70.71
CA ASP A 92 51.01 -73.55 -70.96
C ASP A 92 50.85 -75.01 -71.38
N LYS A 93 49.72 -75.64 -71.05
CA LYS A 93 49.46 -77.02 -71.44
C LYS A 93 48.64 -77.12 -72.71
N SER A 94 48.26 -76.01 -73.32
CA SER A 94 47.50 -76.06 -74.56
C SER A 94 48.38 -76.53 -75.70
N LYS A 95 47.77 -77.28 -76.62
CA LYS A 95 48.46 -77.80 -77.79
C LYS A 95 47.69 -77.40 -79.04
N GLY A 96 48.42 -76.98 -80.08
CA GLY A 96 47.80 -76.56 -81.32
C GLY A 96 48.06 -77.54 -82.45
N THR A 97 47.18 -77.50 -83.43
CA THR A 97 47.29 -78.35 -84.61
C THR A 97 47.89 -77.56 -85.77
N CYS A 98 47.94 -78.18 -86.94
CA CYS A 98 48.39 -77.52 -88.15
C CYS A 98 47.74 -78.20 -89.34
N SER A 99 47.23 -77.40 -90.28
CA SER A 99 46.62 -77.96 -91.47
C SER A 99 47.62 -78.76 -92.28
N CYS A 100 48.84 -78.24 -92.41
CA CYS A 100 49.90 -78.96 -93.10
C CYS A 100 50.48 -80.10 -92.28
N GLY A 101 50.18 -80.16 -90.98
CA GLY A 101 50.69 -81.22 -90.12
C GLY A 101 49.60 -82.04 -89.47
N GLY A 102 49.81 -82.45 -88.22
CA GLY A 102 48.87 -83.26 -87.50
C GLY A 102 48.31 -82.58 -86.27
N PRO A 103 47.22 -83.13 -85.73
CA PRO A 103 46.63 -82.53 -84.52
C PRO A 103 47.59 -82.53 -83.35
N ASP A 104 47.51 -81.47 -82.55
CA ASP A 104 48.28 -81.34 -81.31
C ASP A 104 49.78 -81.49 -81.55
N CYS A 105 50.27 -80.91 -82.63
CA CYS A 105 51.69 -80.97 -82.95
C CYS A 105 52.48 -79.83 -82.33
N ILE A 106 51.85 -78.67 -82.11
CA ILE A 106 52.55 -77.49 -81.59
C ILE A 106 52.34 -77.43 -80.09
N GLU A 107 53.43 -77.35 -79.34
CA GLU A 107 53.42 -77.30 -77.89
C GLU A 107 54.07 -76.02 -77.40
N PHE A 108 54.22 -75.91 -76.08
CA PHE A 108 54.86 -74.78 -75.45
C PHE A 108 55.86 -75.27 -74.41
N MET A 109 56.92 -74.50 -74.22
CA MET A 109 57.85 -74.71 -73.12
C MET A 109 57.93 -73.50 -72.20
N GLN A 110 58.10 -72.31 -72.77
CA GLN A 110 58.10 -71.06 -72.03
C GLN A 110 57.04 -70.16 -72.65
N THR A 111 56.07 -69.76 -71.85
CA THR A 111 54.91 -69.03 -72.36
C THR A 111 55.10 -67.51 -72.31
N GLY A 112 56.27 -67.05 -72.75
CA GLY A 112 56.54 -65.64 -72.94
C GLY A 112 56.37 -64.73 -71.74
N GLN A 113 56.14 -65.29 -70.55
CA GLN A 113 55.94 -64.50 -69.34
C GLN A 113 57.25 -64.48 -68.56
N ILE A 114 57.92 -63.32 -68.53
CA ILE A 114 59.18 -63.13 -67.84
C ILE A 114 58.90 -62.26 -66.61
N PRO A 115 59.03 -62.79 -65.39
CA PRO A 115 58.81 -61.97 -64.19
C PRO A 115 60.02 -61.12 -63.86
N VAL A 116 59.90 -59.82 -64.10
CA VAL A 116 60.97 -58.87 -63.75
C VAL A 116 60.84 -58.53 -62.28
N PRO A 117 61.90 -58.66 -61.48
CA PRO A 117 61.78 -58.42 -60.04
C PRO A 117 61.93 -56.94 -59.68
N GLY A 118 61.05 -56.49 -58.77
CA GLY A 118 61.05 -55.14 -58.31
C GLY A 118 61.66 -54.98 -56.93
N SER A 119 61.38 -53.83 -56.30
CA SER A 119 61.96 -53.54 -54.99
C SER A 119 61.50 -54.56 -53.94
N LYS A 120 60.24 -54.97 -54.01
CA LYS A 120 59.75 -56.00 -53.08
C LYS A 120 60.50 -57.31 -53.29
N GLN A 121 60.73 -57.69 -54.55
CA GLN A 121 61.41 -58.94 -54.84
C GLN A 121 62.90 -58.87 -54.59
N MET A 122 63.47 -57.68 -54.44
CA MET A 122 64.87 -57.52 -54.08
C MET A 122 65.07 -57.43 -52.57
N GLN A 123 64.00 -57.60 -51.78
CA GLN A 123 64.09 -57.66 -50.33
C GLN A 123 63.94 -59.08 -49.79
N GLN A 124 63.30 -59.98 -50.56
CA GLN A 124 63.06 -61.34 -50.10
C GLN A 124 64.22 -62.28 -50.39
N ALA A 125 65.29 -61.78 -51.00
CA ALA A 125 66.46 -62.62 -51.29
C ALA A 125 67.44 -62.61 -50.12
N VAL B 398 61.15 -49.21 -58.63
CA VAL B 398 60.20 -49.76 -59.59
C VAL B 398 59.65 -51.09 -59.10
N ASN B 399 58.44 -51.43 -59.55
CA ASN B 399 57.82 -52.71 -59.23
C ASN B 399 58.10 -53.78 -60.28
N GLY B 400 58.50 -53.37 -61.49
CA GLY B 400 58.66 -54.36 -62.53
C GLY B 400 57.31 -54.87 -63.01
N THR B 401 57.33 -56.08 -63.55
CA THR B 401 56.13 -56.74 -64.04
C THR B 401 56.04 -58.11 -63.39
N MET B 402 54.81 -58.62 -63.27
CA MET B 402 54.56 -59.91 -62.65
C MET B 402 53.74 -60.80 -63.58
N LYS B 403 53.44 -61.98 -63.07
CA LYS B 403 52.85 -63.06 -63.85
C LYS B 403 51.38 -63.22 -63.51
N PHE B 404 50.55 -63.32 -64.54
CA PHE B 404 49.13 -63.60 -64.40
C PHE B 404 48.94 -65.10 -64.58
N MET B 405 48.60 -65.80 -63.49
CA MET B 405 48.52 -67.25 -63.53
C MET B 405 47.27 -67.76 -62.85
N ILE B 406 47.21 -69.07 -62.60
CA ILE B 406 46.04 -69.74 -62.06
C ILE B 406 46.35 -70.20 -60.65
N ALA B 407 45.51 -69.81 -59.69
CA ALA B 407 45.70 -70.19 -58.30
C ALA B 407 45.23 -71.61 -58.06
N ALA C 8 -43.20 17.40 53.51
CA ALA C 8 -43.81 16.09 53.77
C ALA C 8 -42.84 14.97 53.45
N VAL C 9 -41.59 15.34 53.18
CA VAL C 9 -40.54 14.39 52.84
C VAL C 9 -39.41 14.53 53.85
N SER C 10 -38.97 13.40 54.38
CA SER C 10 -37.84 13.34 55.30
C SER C 10 -36.70 12.57 54.65
N VAL C 11 -35.50 13.13 54.69
CA VAL C 11 -34.32 12.54 54.05
C VAL C 11 -33.35 12.10 55.14
N GLU C 12 -32.84 10.88 55.01
CA GLU C 12 -31.89 10.32 55.95
C GLU C 12 -30.68 9.81 55.19
N ILE C 13 -29.49 10.25 55.61
CA ILE C 13 -28.24 9.91 54.96
C ILE C 13 -27.37 9.13 55.94
N LYS C 14 -26.86 7.99 55.52
CA LYS C 14 -25.99 7.13 56.32
C LYS C 14 -24.68 6.96 55.57
N VAL C 15 -23.58 7.36 56.20
CA VAL C 15 -22.25 7.21 55.61
C VAL C 15 -21.57 6.05 56.31
N ALA C 16 -21.34 4.97 55.55
CA ALA C 16 -20.78 3.73 56.08
C ALA C 16 -21.62 3.19 57.25
N GLY C 17 -22.94 3.34 57.14
CA GLY C 17 -23.86 2.84 58.13
C GLY C 17 -24.12 3.77 59.31
N LYS C 18 -23.44 4.91 59.37
CA LYS C 18 -23.60 5.85 60.47
C LYS C 18 -24.36 7.08 59.97
N VAL C 19 -25.36 7.50 60.74
CA VAL C 19 -26.22 8.60 60.32
C VAL C 19 -25.41 9.87 60.18
N CYS C 20 -25.52 10.52 59.02
CA CYS C 20 -24.77 11.72 58.70
C CYS C 20 -25.62 12.95 59.01
N ASP C 21 -25.05 13.88 59.78
CA ASP C 21 -25.70 15.15 60.07
C ASP C 21 -25.32 16.13 58.97
N TYR C 22 -26.27 16.42 58.09
CA TYR C 22 -26.04 17.25 56.92
C TYR C 22 -26.90 18.49 56.97
N VAL C 23 -26.43 19.55 56.32
CA VAL C 23 -27.19 20.78 56.15
C VAL C 23 -27.81 20.86 54.75
N THR C 24 -27.07 20.48 53.73
CA THR C 24 -27.51 20.55 52.34
C THR C 24 -27.29 19.20 51.67
N MET C 25 -28.27 18.77 50.89
CA MET C 25 -28.17 17.52 50.13
C MET C 25 -28.54 17.79 48.68
N GLU C 26 -27.80 17.16 47.77
CA GLU C 26 -28.07 17.24 46.34
C GLU C 26 -27.93 15.83 45.77
N LEU C 27 -28.79 15.48 44.82
CA LEU C 27 -28.74 14.14 44.25
C LEU C 27 -29.29 14.18 42.83
N PHE C 28 -28.41 14.05 41.85
CA PHE C 28 -28.80 13.97 40.45
C PHE C 28 -28.80 12.50 40.03
N GLN C 29 -29.88 12.07 39.37
CA GLN C 29 -30.00 10.71 38.87
C GLN C 29 -30.41 10.76 37.41
N SER C 30 -29.82 9.89 36.60
CA SER C 30 -30.18 9.84 35.20
C SER C 30 -30.10 8.41 34.70
N VAL C 31 -30.94 8.11 33.70
CA VAL C 31 -30.87 6.82 33.03
C VAL C 31 -29.79 6.79 31.96
N SER C 32 -29.08 7.90 31.77
CA SER C 32 -28.10 8.02 30.69
C SER C 32 -26.71 8.41 31.14
N THR C 33 -26.51 8.76 32.41
CA THR C 33 -25.19 9.16 32.89
C THR C 33 -25.05 8.76 34.35
N HIS C 34 -23.98 9.25 34.99
CA HIS C 34 -23.73 8.96 36.39
C HIS C 34 -24.78 9.61 37.28
N HIS C 35 -25.04 8.98 38.42
CA HIS C 35 -25.69 9.65 39.53
C HIS C 35 -24.62 10.37 40.35
N ARG C 36 -24.93 11.59 40.78
CA ARG C 36 -23.98 12.39 41.53
C ARG C 36 -24.67 13.04 42.71
N PHE C 37 -24.10 12.87 43.90
CA PHE C 37 -24.59 13.57 45.08
C PHE C 37 -23.51 14.51 45.61
N LYS C 38 -23.93 15.41 46.49
CA LYS C 38 -23.02 16.39 47.08
C LYS C 38 -23.62 16.78 48.43
N ILE C 39 -23.07 16.22 49.50
CA ILE C 39 -23.64 16.33 50.84
C ILE C 39 -22.73 17.24 51.66
N LYS C 40 -23.31 18.29 52.24
CA LYS C 40 -22.57 19.18 53.14
C LYS C 40 -22.83 18.70 54.57
N VAL C 41 -21.79 18.21 55.23
CA VAL C 41 -21.91 17.61 56.55
C VAL C 41 -21.70 18.69 57.60
N ASN C 42 -22.60 18.74 58.58
CA ASN C 42 -22.52 19.71 59.66
C ASN C 42 -21.63 19.19 60.77
N TYR C 43 -20.79 20.07 61.30
CA TYR C 43 -19.93 19.76 62.44
C TYR C 43 -20.30 20.69 63.58
N ARG C 44 -20.87 20.13 64.64
CA ARG C 44 -21.37 20.93 65.74
C ARG C 44 -20.21 21.56 66.52
N PRO C 45 -20.42 22.73 67.11
CA PRO C 45 -19.34 23.39 67.85
C PRO C 45 -18.80 22.59 69.02
N ASP C 46 -19.65 21.84 69.72
CA ASP C 46 -19.18 21.08 70.88
C ASP C 46 -18.31 19.91 70.46
N LYS C 47 -18.71 19.21 69.40
CA LYS C 47 -17.90 18.10 68.90
C LYS C 47 -16.60 18.63 68.30
N PRO C 48 -15.55 17.80 68.25
CA PRO C 48 -14.30 18.25 67.64
C PRO C 48 -14.49 18.65 66.18
N SER C 49 -13.80 19.70 65.78
CA SER C 49 -13.93 20.24 64.44
C SER C 49 -13.24 19.33 63.43
N VAL C 50 -13.33 19.71 62.15
CA VAL C 50 -12.68 18.93 61.11
C VAL C 50 -11.17 19.00 61.24
N TRP C 51 -10.64 20.15 61.67
CA TRP C 51 -9.19 20.30 61.78
C TRP C 51 -8.64 19.52 62.97
N ALA C 52 -9.44 19.34 64.03
CA ALA C 52 -9.03 18.45 65.11
C ALA C 52 -8.91 17.02 64.63
N ILE C 53 -9.88 16.56 63.84
CA ILE C 53 -9.76 15.27 63.18
C ILE C 53 -8.70 15.31 62.09
N GLY C 54 -8.67 16.39 61.32
CA GLY C 54 -7.72 16.55 60.24
C GLY C 54 -8.31 16.19 58.89
N PRO C 55 -7.76 16.69 57.77
CA PRO C 55 -8.26 16.25 56.46
C PRO C 55 -7.91 14.77 56.25
N ASP C 56 -6.73 14.33 56.71
CA ASP C 56 -6.29 12.93 56.41
C ASP C 56 -7.28 11.91 57.01
N VAL C 57 -7.86 12.18 58.19
CA VAL C 57 -8.74 11.15 58.79
C VAL C 57 -10.13 11.26 58.15
N ILE C 58 -10.51 12.46 57.70
CA ILE C 58 -11.81 12.63 56.97
C ILE C 58 -11.69 11.96 55.60
N PHE C 59 -10.45 11.74 55.14
CA PHE C 59 -10.25 11.20 53.77
C PHE C 59 -10.35 9.66 53.77
N LYS C 60 -10.35 9.02 54.94
CA LYS C 60 -10.52 7.58 54.91
C LYS C 60 -11.93 7.17 54.49
N GLN C 61 -12.84 8.14 54.37
CA GLN C 61 -14.20 7.89 53.91
C GLN C 61 -14.30 7.73 52.40
N LEU C 62 -13.21 7.95 51.68
CA LEU C 62 -13.23 7.77 50.23
C LEU C 62 -13.52 6.32 49.88
N GLY C 63 -14.50 6.12 49.00
CA GLY C 63 -14.93 4.79 48.62
C GLY C 63 -15.94 4.15 49.53
N GLU C 64 -16.29 4.80 50.64
CA GLU C 64 -17.27 4.25 51.56
C GLU C 64 -18.68 4.41 51.01
N LYS C 65 -19.60 3.60 51.51
CA LYS C 65 -20.96 3.57 50.99
C LYS C 65 -21.81 4.65 51.64
N VAL C 66 -22.60 5.32 50.81
CA VAL C 66 -23.53 6.36 51.24
C VAL C 66 -24.93 5.92 50.87
N SER C 67 -25.83 5.94 51.85
CA SER C 67 -27.22 5.55 51.66
C SER C 67 -28.08 6.79 51.87
N ILE C 68 -28.92 7.11 50.88
CA ILE C 68 -29.85 8.22 50.95
C ILE C 68 -31.25 7.65 50.84
N ILE C 69 -32.05 7.83 51.88
CA ILE C 69 -33.42 7.34 51.91
C ILE C 69 -34.32 8.54 52.11
N MET C 70 -35.14 8.86 51.12
CA MET C 70 -36.12 9.93 51.24
C MET C 70 -37.52 9.30 51.29
N THR C 71 -38.24 9.56 52.37
CA THR C 71 -39.55 8.98 52.59
C THR C 71 -40.62 10.08 52.58
N HIS C 72 -41.79 9.72 52.06
CA HIS C 72 -42.94 10.61 51.99
C HIS C 72 -43.89 10.23 53.12
N HIS C 73 -44.16 11.17 54.02
CA HIS C 73 -44.90 10.85 55.24
C HIS C 73 -46.34 10.45 54.93
N GLU C 74 -47.00 11.17 54.03
CA GLU C 74 -48.41 10.90 53.75
C GLU C 74 -48.59 9.59 53.00
N SER C 75 -48.01 9.49 51.80
CA SER C 75 -48.22 8.32 50.95
C SER C 75 -47.41 7.12 51.42
N GLY C 76 -46.31 7.34 52.13
CA GLY C 76 -45.45 6.25 52.54
C GLY C 76 -44.46 5.80 51.49
N GLU C 77 -44.47 6.39 50.30
CA GLU C 77 -43.58 5.98 49.23
C GLU C 77 -42.17 6.51 49.51
N LYS C 78 -41.19 5.59 49.53
CA LYS C 78 -39.81 5.93 49.83
C LYS C 78 -38.94 5.65 48.62
N THR C 79 -37.84 6.39 48.51
CA THR C 79 -36.86 6.18 47.46
C THR C 79 -35.49 6.02 48.11
N GLU C 80 -34.80 4.94 47.75
CA GLU C 80 -33.50 4.60 48.31
C GLU C 80 -32.42 4.70 47.24
N PHE C 81 -31.28 5.27 47.62
CA PHE C 81 -30.12 5.39 46.74
C PHE C 81 -28.90 4.90 47.49
N HIS C 82 -28.07 4.08 46.84
CA HIS C 82 -26.82 3.59 47.40
C HIS C 82 -25.70 3.98 46.46
N GLY C 83 -24.73 4.73 46.98
CA GLY C 83 -23.60 5.16 46.17
C GLY C 83 -22.29 5.12 46.94
N LEU C 84 -21.23 5.67 46.35
CA LEU C 84 -19.93 5.70 46.98
C LEU C 84 -19.37 7.11 46.95
N ILE C 85 -18.46 7.39 47.87
CA ILE C 85 -17.81 8.69 47.95
C ILE C 85 -16.59 8.68 47.05
N SER C 86 -16.51 9.64 46.13
CA SER C 86 -15.38 9.79 45.22
C SER C 86 -14.49 10.96 45.57
N ASP C 87 -15.08 12.09 45.95
CA ASP C 87 -14.35 13.30 46.30
C ASP C 87 -14.77 13.77 47.68
N ILE C 88 -13.82 14.33 48.43
CA ILE C 88 -14.10 14.94 49.72
C ILE C 88 -13.38 16.29 49.76
N HIS C 89 -14.06 17.31 50.26
CA HIS C 89 -13.49 18.65 50.39
C HIS C 89 -13.68 19.11 51.83
N VAL C 90 -12.58 19.25 52.57
CA VAL C 90 -12.63 19.79 53.92
C VAL C 90 -12.36 21.29 53.81
N GLU C 91 -13.41 22.09 53.97
CA GLU C 91 -13.32 23.52 53.72
C GLU C 91 -13.52 24.29 55.02
N GLY C 92 -12.72 25.34 55.21
CA GLY C 92 -12.81 26.16 56.40
C GLY C 92 -13.10 27.62 56.10
N GLY C 98 -15.40 25.14 60.14
CA GLY C 98 -15.09 24.30 59.00
C GLY C 98 -16.06 23.14 58.82
N PHE C 99 -16.35 22.81 57.57
CA PHE C 99 -17.26 21.74 57.23
C PHE C 99 -16.61 20.80 56.23
N VAL C 100 -17.36 19.75 55.88
CA VAL C 100 -16.92 18.72 54.95
C VAL C 100 -17.96 18.60 53.85
N ILE C 101 -17.50 18.44 52.62
CA ILE C 101 -18.36 18.25 51.46
C ILE C 101 -18.03 16.88 50.86
N LEU C 102 -19.03 16.01 50.80
CA LEU C 102 -18.88 14.68 50.23
C LEU C 102 -19.48 14.70 48.83
N GLU C 103 -18.63 14.74 47.81
CA GLU C 103 -19.05 14.74 46.41
C GLU C 103 -18.81 13.34 45.86
N GLY C 104 -19.83 12.50 45.95
CA GLY C 104 -19.71 11.16 45.42
C GLY C 104 -20.69 10.89 44.30
N GLY C 105 -21.32 9.73 44.34
CA GLY C 105 -22.29 9.35 43.33
C GLY C 105 -22.46 7.85 43.30
N SER C 106 -23.02 7.38 42.19
CA SER C 106 -23.21 5.96 41.98
C SER C 106 -21.86 5.26 41.85
N PRO C 107 -21.81 3.95 42.15
CA PRO C 107 -20.53 3.22 41.98
C PRO C 107 -20.02 3.28 40.56
N THR C 108 -20.92 3.51 39.60
CA THR C 108 -20.55 3.69 38.20
C THR C 108 -19.47 4.76 38.04
N ILE C 109 -19.48 5.78 38.89
CA ILE C 109 -18.49 6.86 38.82
C ILE C 109 -17.09 6.31 38.97
N LEU C 110 -16.88 5.33 39.85
CA LEU C 110 -15.56 4.78 40.03
C LEU C 110 -15.12 3.90 38.87
N LEU C 111 -16.01 3.58 37.95
CA LEU C 111 -15.68 2.84 36.74
C LEU C 111 -15.22 3.73 35.61
N ASP C 112 -15.10 5.03 35.84
CA ASP C 112 -14.80 6.01 34.80
C ASP C 112 -13.49 6.73 35.09
N ARG C 113 -12.50 6.01 35.62
CA ARG C 113 -11.24 6.64 35.98
C ARG C 113 -10.04 5.78 35.59
N ASP C 114 -10.14 5.01 34.51
CA ASP C 114 -9.04 4.14 34.12
C ASP C 114 -9.01 3.90 32.61
N PRO C 115 -8.63 4.88 31.81
CA PRO C 115 -8.54 4.64 30.36
C PRO C 115 -7.50 3.57 30.05
N ALA C 116 -7.83 2.71 29.10
CA ALA C 116 -6.94 1.61 28.75
C ALA C 116 -7.31 1.07 27.38
N MET C 117 -6.49 0.11 26.93
CA MET C 117 -6.72 -0.72 25.75
C MET C 117 -7.24 -2.09 26.16
N ASP C 118 -8.09 -2.67 25.32
CA ASP C 118 -8.48 -4.06 25.44
C ASP C 118 -9.16 -4.48 24.15
N CYS C 119 -9.52 -5.76 24.07
CA CYS C 119 -10.24 -6.28 22.92
C CYS C 119 -10.99 -7.53 23.33
N TYR C 120 -12.15 -7.72 22.72
CA TYR C 120 -13.02 -8.86 22.99
C TYR C 120 -13.35 -9.54 21.68
N VAL C 121 -12.95 -10.81 21.55
CA VAL C 121 -13.06 -11.54 20.30
C VAL C 121 -14.15 -12.60 20.45
N GLU C 122 -15.18 -12.49 19.62
CA GLU C 122 -16.26 -13.49 19.54
C GLU C 122 -16.94 -13.69 20.89
N GLN C 123 -17.38 -12.58 21.49
CA GLN C 123 -18.08 -12.62 22.76
C GLN C 123 -19.35 -11.79 22.67
N ASN C 124 -20.35 -12.17 23.44
CA ASN C 124 -21.61 -11.43 23.47
C ASN C 124 -21.53 -10.31 24.49
N LEU C 125 -22.59 -9.49 24.52
CA LEU C 125 -22.61 -8.35 25.42
C LEU C 125 -22.56 -8.78 26.89
N ASN C 126 -23.21 -9.90 27.21
CA ASN C 126 -23.24 -10.39 28.58
C ASN C 126 -21.83 -10.70 29.09
N THR C 127 -21.06 -11.44 28.29
CA THR C 127 -19.72 -11.82 28.71
C THR C 127 -18.80 -10.62 28.80
N ILE C 128 -18.90 -9.68 27.85
CA ILE C 128 -18.07 -8.48 27.89
C ILE C 128 -18.38 -7.66 29.14
N VAL C 129 -19.67 -7.48 29.44
CA VAL C 129 -20.07 -6.71 30.63
C VAL C 129 -19.56 -7.40 31.90
N SER C 130 -19.73 -8.73 31.97
CA SER C 130 -19.28 -9.45 33.15
C SER C 130 -17.76 -9.36 33.32
N ASP C 131 -17.03 -9.47 32.22
CA ASP C 131 -15.58 -9.35 32.30
C ASP C 131 -15.16 -7.96 32.76
N ILE C 132 -15.80 -6.91 32.22
CA ILE C 132 -15.48 -5.55 32.62
C ILE C 132 -15.75 -5.36 34.11
N LEU C 133 -16.88 -5.89 34.60
CA LEU C 133 -17.22 -5.71 35.99
C LEU C 133 -16.34 -6.54 36.92
N ASP C 134 -15.80 -7.65 36.43
CA ASP C 134 -14.92 -8.48 37.25
C ASP C 134 -13.49 -7.96 37.30
N LYS C 135 -13.13 -7.03 36.42
CA LYS C 135 -11.79 -6.45 36.42
C LYS C 135 -11.68 -5.22 37.30
N SER C 136 -12.77 -4.80 37.94
CA SER C 136 -12.77 -3.61 38.78
C SER C 136 -13.07 -4.01 40.23
N GLY C 137 -12.42 -3.33 41.17
CA GLY C 137 -12.64 -3.60 42.58
C GLY C 137 -13.88 -2.96 43.15
N VAL C 138 -14.49 -2.03 42.44
CA VAL C 138 -15.75 -1.43 42.89
C VAL C 138 -16.85 -2.45 42.71
N LYS C 139 -17.56 -2.77 43.78
CA LYS C 139 -18.58 -3.80 43.78
C LYS C 139 -19.95 -3.18 43.98
N MET C 140 -20.92 -3.65 43.19
CA MET C 140 -22.30 -3.24 43.32
C MET C 140 -23.18 -4.29 42.68
N ASN C 141 -24.46 -4.31 43.05
CA ASN C 141 -25.39 -5.24 42.46
C ASN C 141 -25.56 -4.94 40.98
N VAL C 142 -25.62 -5.99 40.16
CA VAL C 142 -25.77 -5.85 38.72
C VAL C 142 -26.92 -6.73 38.25
N THR C 143 -27.58 -6.29 37.20
CA THR C 143 -28.60 -7.07 36.50
C THR C 143 -28.15 -7.07 35.04
N ASN C 144 -27.39 -8.11 34.67
CA ASN C 144 -26.75 -8.20 33.37
C ASN C 144 -27.64 -9.01 32.44
N ASN C 145 -28.62 -8.33 31.85
CA ASN C 145 -29.61 -8.96 30.98
C ASN C 145 -29.73 -8.15 29.69
N PRO C 146 -28.71 -8.19 28.84
CA PRO C 146 -28.81 -7.48 27.56
C PRO C 146 -29.71 -8.24 26.59
N LYS C 147 -30.41 -7.48 25.76
CA LYS C 147 -31.34 -8.06 24.79
C LYS C 147 -30.62 -8.69 23.60
N HIS C 148 -29.41 -8.22 23.29
CA HIS C 148 -28.65 -8.72 22.16
C HIS C 148 -27.72 -9.83 22.66
N THR C 149 -28.15 -11.08 22.50
CA THR C 149 -27.41 -12.22 22.99
C THR C 149 -26.48 -12.85 21.95
N ASP C 150 -26.40 -12.28 20.75
CA ASP C 150 -25.50 -12.79 19.74
C ASP C 150 -24.07 -12.41 20.07
N ILE C 151 -23.13 -13.25 19.62
CA ILE C 151 -21.72 -12.92 19.79
C ILE C 151 -21.33 -11.82 18.80
N ILE C 152 -20.41 -10.97 19.23
CA ILE C 152 -19.90 -9.88 18.41
C ILE C 152 -18.48 -10.25 17.98
N PRO C 153 -18.18 -10.31 16.69
CA PRO C 153 -16.85 -10.78 16.26
C PRO C 153 -15.69 -10.01 16.88
N TYR C 154 -15.79 -8.70 17.03
CA TYR C 154 -14.68 -7.92 17.56
C TYR C 154 -15.19 -6.64 18.18
N VAL C 155 -14.89 -6.44 19.45
CA VAL C 155 -15.13 -5.19 20.16
C VAL C 155 -13.81 -4.72 20.73
N ALA C 156 -13.47 -3.45 20.52
CA ALA C 156 -12.20 -2.90 20.95
C ALA C 156 -12.44 -1.77 21.95
N ARG C 157 -11.73 -1.83 23.07
CA ARG C 157 -11.67 -0.75 24.04
C ARG C 157 -10.44 0.10 23.71
N TYR C 158 -10.66 1.33 23.27
CA TYR C 158 -9.61 2.15 22.70
C TYR C 158 -9.48 3.43 23.53
N LYS C 159 -8.43 3.47 24.37
CA LYS C 159 -8.19 4.62 25.26
C LYS C 159 -9.41 4.92 26.12
N GLU C 160 -10.08 3.88 26.60
CA GLU C 160 -11.36 4.07 27.24
C GLU C 160 -11.33 3.54 28.68
N THR C 161 -12.01 4.28 29.55
CA THR C 161 -12.29 3.78 30.89
C THR C 161 -13.34 2.67 30.80
N SER C 162 -13.47 1.92 31.90
CA SER C 162 -14.39 0.80 31.92
C SER C 162 -15.83 1.26 31.69
N TYR C 163 -16.25 2.29 32.42
CA TYR C 163 -17.62 2.78 32.25
C TYR C 163 -17.81 3.45 30.89
N GLY C 164 -16.82 4.20 30.42
CA GLY C 164 -16.96 4.83 29.11
C GLY C 164 -17.13 3.80 28.02
N PHE C 165 -16.29 2.76 28.04
CA PHE C 165 -16.38 1.70 27.05
C PHE C 165 -17.71 0.97 27.16
N LEU C 166 -18.13 0.63 28.38
CA LEU C 166 -19.39 -0.08 28.55
C LEU C 166 -20.57 0.76 28.09
N SER C 167 -20.57 2.05 28.42
CA SER C 167 -21.66 2.94 28.03
C SER C 167 -21.72 3.08 26.52
N ARG C 168 -20.58 3.31 25.88
CA ARG C 168 -20.56 3.43 24.43
C ARG C 168 -21.06 2.15 23.78
N LEU C 169 -20.57 0.99 24.24
CA LEU C 169 -20.93 -0.27 23.62
C LEU C 169 -22.41 -0.59 23.82
N LEU C 170 -22.94 -0.38 25.03
CA LEU C 170 -24.31 -0.78 25.31
C LEU C 170 -25.32 0.20 24.72
N ARG C 171 -25.04 1.50 24.75
CA ARG C 171 -25.92 2.45 24.09
C ARG C 171 -25.84 2.32 22.58
N SER C 172 -24.68 1.92 22.06
CA SER C 172 -24.55 1.67 20.63
C SER C 172 -25.39 0.49 20.18
N TYR C 173 -25.75 -0.41 21.09
CA TYR C 173 -26.59 -1.56 20.78
C TYR C 173 -28.04 -1.35 21.17
N GLY C 174 -28.40 -0.13 21.59
CA GLY C 174 -29.76 0.16 21.97
C GLY C 174 -30.20 -0.45 23.27
N GLU C 175 -29.27 -0.80 24.14
CA GLU C 175 -29.59 -1.41 25.42
C GLU C 175 -29.71 -0.37 26.51
N TRP C 176 -30.62 -0.62 27.44
CA TRP C 176 -30.67 0.17 28.66
C TRP C 176 -29.43 -0.10 29.49
N PHE C 177 -28.81 0.95 30.00
CA PHE C 177 -27.60 0.81 30.80
C PHE C 177 -27.58 1.97 31.79
N TYR C 178 -28.00 1.71 33.03
CA TYR C 178 -28.07 2.80 33.99
C TYR C 178 -28.11 2.26 35.40
N TYR C 179 -27.74 3.11 36.35
CA TYR C 179 -27.91 2.80 37.76
C TYR C 179 -29.34 3.14 38.17
N ASN C 180 -30.03 2.19 38.79
CA ASN C 180 -31.40 2.38 39.19
C ASN C 180 -31.53 2.85 40.64
N GLY C 181 -30.42 3.17 41.29
CA GLY C 181 -30.44 3.58 42.68
C GLY C 181 -29.77 2.57 43.58
N GLU C 182 -29.96 1.29 43.27
CA GLU C 182 -29.34 0.21 44.03
C GLU C 182 -28.68 -0.86 43.18
N THR C 183 -28.90 -0.86 41.86
CA THR C 183 -28.39 -1.91 41.00
C THR C 183 -28.08 -1.33 39.63
N LEU C 184 -26.93 -1.72 39.07
CA LEU C 184 -26.60 -1.40 37.69
C LEU C 184 -27.43 -2.28 36.77
N GLN C 185 -28.46 -1.69 36.17
CA GLN C 185 -29.34 -2.39 35.24
C GLN C 185 -28.76 -2.30 33.84
N ILE C 186 -28.50 -3.45 33.23
CA ILE C 186 -28.14 -3.55 31.82
C ILE C 186 -29.25 -4.32 31.13
N GLY C 187 -29.93 -3.67 30.19
CA GLY C 187 -31.07 -4.26 29.54
C GLY C 187 -32.38 -3.70 30.09
N ASN C 188 -33.42 -3.82 29.27
CA ASN C 188 -34.72 -3.24 29.59
C ASN C 188 -35.32 -3.92 30.82
N PRO C 189 -35.66 -3.18 31.88
CA PRO C 189 -36.28 -3.75 33.08
C PRO C 189 -37.63 -4.39 32.80
N ASP C 202 -48.87 15.11 42.76
CA ASP C 202 -48.99 16.55 42.61
C ASP C 202 -47.77 17.12 41.90
N LEU C 203 -47.94 18.28 41.27
CA LEU C 203 -46.87 18.90 40.50
C LEU C 203 -46.85 20.40 40.79
N THR C 204 -45.66 20.99 40.76
CA THR C 204 -45.50 22.41 41.05
C THR C 204 -45.37 23.23 39.78
N GLY C 205 -44.40 22.90 38.92
CA GLY C 205 -44.27 23.53 37.63
C GLY C 205 -44.11 22.49 36.54
N VAL C 206 -44.64 22.81 35.37
CA VAL C 206 -44.59 21.93 34.22
C VAL C 206 -44.06 22.72 33.03
N SER C 207 -43.23 22.08 32.20
CA SER C 207 -42.75 22.67 30.97
C SER C 207 -42.71 21.57 29.92
N ILE C 208 -43.66 21.60 28.99
CA ILE C 208 -43.71 20.65 27.88
C ILE C 208 -43.17 21.35 26.65
N ASN C 209 -42.13 20.77 26.05
CA ASN C 209 -41.45 21.37 24.92
C ASN C 209 -41.61 20.49 23.69
N ALA C 210 -41.71 21.14 22.53
CA ALA C 210 -41.76 20.47 21.24
C ALA C 210 -40.76 21.15 20.31
N THR C 211 -40.14 20.34 19.45
CA THR C 211 -39.16 20.84 18.50
C THR C 211 -39.40 20.20 17.14
N ILE C 212 -38.75 20.74 16.13
CA ILE C 212 -38.87 20.23 14.77
C ILE C 212 -37.62 19.41 14.47
N ARG C 213 -37.82 18.10 14.28
CA ARG C 213 -36.74 17.17 13.99
C ARG C 213 -37.04 16.42 12.72
N SER C 214 -36.01 15.81 12.14
CA SER C 214 -36.12 15.12 10.86
C SER C 214 -36.31 13.62 11.11
N LEU C 215 -37.40 13.07 10.60
CA LEU C 215 -37.66 11.65 10.64
C LEU C 215 -37.31 10.95 9.33
N ASN C 216 -36.77 11.68 8.36
CA ASN C 216 -36.44 11.13 7.05
C ASN C 216 -34.94 10.81 7.00
N HIS C 217 -34.55 9.82 7.80
CA HIS C 217 -33.17 9.41 7.90
C HIS C 217 -33.04 7.91 7.70
N SER C 218 -31.94 7.49 7.09
CA SER C 218 -31.65 6.10 6.85
C SER C 218 -30.19 5.83 7.19
N THR C 219 -29.90 4.56 7.50
CA THR C 219 -28.55 4.11 7.79
C THR C 219 -28.14 3.04 6.79
N TYR C 220 -26.86 3.04 6.44
CA TYR C 220 -26.31 2.04 5.54
C TYR C 220 -25.10 1.37 6.19
N GLU C 221 -24.81 0.16 5.74
CA GLU C 221 -23.64 -0.57 6.23
C GLU C 221 -23.31 -1.68 5.25
N PHE C 222 -22.09 -1.69 4.73
CA PHE C 222 -21.65 -2.77 3.85
C PHE C 222 -20.82 -3.78 4.65
N ASP C 223 -21.22 -5.04 4.58
CA ASP C 223 -20.52 -6.13 5.23
C ASP C 223 -19.76 -6.91 4.17
N PRO C 224 -18.42 -6.84 4.15
CA PRO C 224 -17.66 -7.55 3.12
C PRO C 224 -17.44 -9.02 3.42
N VAL C 225 -17.58 -9.44 4.68
CA VAL C 225 -17.41 -10.85 5.02
C VAL C 225 -18.51 -11.68 4.37
N ASN C 226 -19.74 -11.18 4.35
CA ASN C 226 -20.85 -11.83 3.69
C ASN C 226 -21.23 -11.18 2.37
N ASP C 227 -20.58 -10.07 2.01
CA ASP C 227 -20.85 -9.35 0.77
C ASP C 227 -22.32 -8.94 0.69
N LYS C 228 -22.73 -8.09 1.62
CA LYS C 228 -24.12 -7.67 1.71
C LYS C 228 -24.20 -6.20 2.06
N PHE C 229 -25.10 -5.48 1.39
CA PHE C 229 -25.34 -4.07 1.67
C PHE C 229 -26.61 -3.96 2.51
N TYR C 230 -26.45 -3.83 3.82
CA TYR C 230 -27.58 -3.62 4.71
C TYR C 230 -28.01 -2.16 4.66
N TYR C 231 -29.31 -1.93 4.52
CA TYR C 231 -29.88 -0.59 4.43
C TYR C 231 -31.14 -0.56 5.27
N ASP C 232 -31.26 0.45 6.13
CA ASP C 232 -32.43 0.57 7.01
C ASP C 232 -33.00 1.97 6.89
N TYR C 233 -34.30 2.05 6.70
CA TYR C 233 -35.01 3.32 6.68
C TYR C 233 -35.64 3.60 8.03
N SER C 234 -36.08 4.83 8.23
CA SER C 234 -36.64 5.24 9.51
C SER C 234 -37.87 4.40 9.84
N GLY C 235 -38.02 4.10 11.13
CA GLY C 235 -39.02 3.16 11.61
C GLY C 235 -40.34 3.80 11.93
N THR C 236 -41.06 3.19 12.88
CA THR C 236 -42.37 3.62 13.32
C THR C 236 -42.35 3.93 14.82
N PRO C 237 -43.04 4.99 15.24
CA PRO C 237 -43.05 5.33 16.67
C PRO C 237 -43.77 4.28 17.50
N LYS C 238 -43.31 4.11 18.73
CA LYS C 238 -44.01 3.31 19.73
C LYS C 238 -44.66 4.19 20.80
N GLY C 239 -43.86 5.01 21.47
CA GLY C 239 -44.39 5.93 22.46
C GLY C 239 -44.54 7.32 21.89
N ALA C 240 -45.77 7.70 21.55
CA ALA C 240 -46.05 8.97 20.89
C ALA C 240 -47.06 9.74 21.73
N THR C 241 -46.57 10.71 22.49
CA THR C 241 -47.43 11.67 23.14
C THR C 241 -48.09 12.56 22.10
N LEU C 242 -49.28 13.07 22.42
CA LEU C 242 -49.99 13.95 21.49
C LEU C 242 -49.11 15.10 21.01
N GLY C 243 -48.31 15.67 21.91
CA GLY C 243 -47.38 16.71 21.50
C GLY C 243 -46.32 16.20 20.55
N SER C 244 -45.83 14.98 20.76
CA SER C 244 -44.86 14.40 19.85
C SER C 244 -45.47 14.16 18.48
N ARG C 245 -46.73 13.73 18.43
CA ARG C 245 -47.42 13.57 17.16
C ARG C 245 -47.60 14.92 16.46
N SER C 246 -47.93 15.96 17.23
CA SER C 246 -48.07 17.29 16.64
C SER C 246 -46.75 17.79 16.07
N ALA C 247 -45.65 17.60 16.81
CA ALA C 247 -44.33 17.99 16.31
C ALA C 247 -43.95 17.19 15.07
N GLU C 248 -44.25 15.89 15.07
CA GLU C 248 -43.96 15.07 13.90
C GLU C 248 -44.74 15.54 12.68
N LYS C 249 -46.03 15.85 12.86
CA LYS C 249 -46.82 16.34 11.74
C LYS C 249 -46.30 17.67 11.23
N CYS C 250 -45.93 18.58 12.13
CA CYS C 250 -45.34 19.84 11.70
C CYS C 250 -43.99 19.65 11.04
N SER C 251 -43.30 18.55 11.33
CA SER C 251 -41.96 18.32 10.80
C SER C 251 -41.92 17.55 9.49
N GLU C 252 -42.98 16.81 9.16
CA GLU C 252 -42.95 16.01 7.92
C GLU C 252 -42.65 16.83 6.67
N PRO C 253 -43.33 17.96 6.40
CA PRO C 253 -43.07 18.67 5.13
C PRO C 253 -41.70 19.32 5.07
N ILE C 254 -41.00 19.45 6.19
CA ILE C 254 -39.77 20.23 6.21
C ILE C 254 -38.59 19.45 5.64
N PHE C 255 -38.62 18.12 5.70
CA PHE C 255 -37.49 17.29 5.32
C PHE C 255 -37.94 16.27 4.28
N PRO C 256 -38.13 16.71 3.02
CA PRO C 256 -38.54 15.76 1.97
C PRO C 256 -37.42 14.87 1.45
N THR C 257 -36.17 15.19 1.72
CA THR C 257 -35.03 14.44 1.20
C THR C 257 -34.46 13.54 2.28
N GLU C 258 -34.34 12.25 1.95
CA GLU C 258 -33.84 11.28 2.91
C GLU C 258 -32.34 11.48 3.14
N ALA C 259 -31.94 11.53 4.41
CA ALA C 259 -30.56 11.75 4.79
C ALA C 259 -29.93 10.41 5.16
N LYS C 260 -28.85 10.05 4.47
CA LYS C 260 -28.20 8.76 4.67
C LYS C 260 -26.96 8.92 5.53
N LEU C 261 -26.82 8.04 6.52
CA LEU C 261 -25.63 8.05 7.35
C LEU C 261 -25.08 6.63 7.49
N PRO C 262 -23.78 6.49 7.71
CA PRO C 262 -23.22 5.18 8.04
C PRO C 262 -23.48 4.82 9.49
N SER C 263 -23.22 3.57 9.81
CA SER C 263 -23.41 3.05 11.16
C SER C 263 -22.12 3.24 11.95
N MET C 264 -22.19 3.95 13.07
CA MET C 264 -21.02 4.10 13.92
C MET C 264 -20.66 2.81 14.63
N ARG C 265 -21.51 1.80 14.54
CA ARG C 265 -21.31 0.48 15.11
C ARG C 265 -21.32 -0.55 13.99
N PRO C 266 -20.33 -1.44 13.91
CA PRO C 266 -20.37 -2.47 12.87
C PRO C 266 -21.63 -3.32 12.99
N ALA C 267 -22.22 -3.62 11.83
CA ALA C 267 -23.39 -4.48 11.73
C ALA C 267 -23.02 -5.71 10.92
N TYR C 268 -23.35 -6.89 11.45
CA TYR C 268 -22.94 -8.15 10.83
C TYR C 268 -24.11 -8.92 10.26
N SER C 269 -25.32 -8.36 10.29
CA SER C 269 -26.49 -9.00 9.70
C SER C 269 -27.52 -7.91 9.39
N ALA C 270 -28.48 -8.26 8.55
CA ALA C 270 -29.53 -7.31 8.21
C ALA C 270 -30.36 -6.96 9.44
N MET C 271 -30.67 -7.95 10.28
CA MET C 271 -31.41 -7.69 11.50
C MET C 271 -30.61 -6.82 12.48
N ASP C 272 -29.28 -6.96 12.46
CA ASP C 272 -28.44 -6.11 13.30
C ASP C 272 -28.60 -4.64 12.92
N LEU C 273 -28.54 -4.34 11.62
CA LEU C 273 -28.74 -2.96 11.20
C LEU C 273 -30.18 -2.52 11.38
N GLU C 274 -31.14 -3.44 11.31
CA GLU C 274 -32.52 -3.09 11.62
C GLU C 274 -32.64 -2.62 13.07
N HIS C 275 -32.03 -3.36 13.99
CA HIS C 275 -32.06 -2.96 15.40
C HIS C 275 -31.34 -1.64 15.61
N TYR C 276 -30.18 -1.46 14.98
CA TYR C 276 -29.44 -0.21 15.12
C TYR C 276 -30.25 0.98 14.61
N GLY C 277 -30.86 0.84 13.44
CA GLY C 277 -31.67 1.91 12.89
C GLY C 277 -32.89 2.21 13.73
N ASP C 278 -33.52 1.16 14.27
CA ASP C 278 -34.68 1.38 15.14
C ASP C 278 -34.29 2.12 16.41
N ALA C 279 -33.15 1.75 17.00
CA ALA C 279 -32.68 2.46 18.19
C ALA C 279 -32.40 3.93 17.88
N GLY C 280 -31.74 4.19 16.75
CA GLY C 280 -31.49 5.57 16.36
C GLY C 280 -32.77 6.35 16.10
N PHE C 281 -33.73 5.72 15.43
CA PHE C 281 -35.00 6.38 15.16
C PHE C 281 -35.74 6.69 16.44
N HIS C 282 -35.75 5.76 17.39
CA HIS C 282 -36.48 6.00 18.63
C HIS C 282 -35.80 7.08 19.47
N ARG C 283 -34.45 7.11 19.46
CA ARG C 283 -33.75 8.18 20.14
C ARG C 283 -34.08 9.53 19.52
N ASN C 284 -34.17 9.58 18.18
CA ASN C 284 -34.55 10.83 17.51
C ASN C 284 -35.99 11.22 17.81
N TYR C 285 -36.91 10.26 17.75
CA TYR C 285 -38.33 10.55 17.91
C TYR C 285 -38.68 10.92 19.33
N SER C 286 -38.01 10.35 20.32
CA SER C 286 -38.28 10.68 21.71
C SER C 286 -37.97 12.14 22.03
N GLN C 287 -37.15 12.79 21.22
CA GLN C 287 -36.76 14.18 21.42
C GLN C 287 -37.72 15.16 20.76
N LEU C 288 -38.72 14.68 20.02
CA LEU C 288 -39.66 15.58 19.35
C LEU C 288 -40.46 16.39 20.38
N SER C 289 -40.89 15.75 21.45
CA SER C 289 -41.60 16.43 22.52
C SER C 289 -41.20 15.80 23.84
N GLN C 290 -40.87 16.62 24.83
CA GLN C 290 -40.43 16.14 26.12
C GLN C 290 -41.04 17.01 27.22
N ILE C 291 -40.86 16.57 28.47
CA ILE C 291 -41.42 17.28 29.61
C ILE C 291 -40.32 17.53 30.62
N LYS C 292 -40.53 18.55 31.44
CA LYS C 292 -39.70 18.78 32.63
C LYS C 292 -40.58 19.41 33.70
N ALA C 293 -40.60 18.78 34.87
CA ALA C 293 -41.51 19.18 35.93
C ALA C 293 -40.79 19.21 37.26
N SER C 294 -41.51 19.69 38.27
CA SER C 294 -41.00 19.77 39.64
C SER C 294 -42.10 19.36 40.61
N SER C 295 -41.70 18.91 41.77
CA SER C 295 -42.64 18.42 42.79
C SER C 295 -41.91 18.33 44.13
N ARG C 296 -42.58 17.71 45.10
CA ARG C 296 -42.01 17.38 46.40
C ARG C 296 -42.39 15.96 46.78
N TYR C 297 -42.41 15.06 45.80
CA TYR C 297 -42.93 13.71 45.94
C TYR C 297 -41.79 12.71 45.79
N CYS C 298 -41.78 11.71 46.66
CA CYS C 298 -40.75 10.68 46.64
C CYS C 298 -41.12 9.47 45.79
N GLY C 299 -42.41 9.27 45.50
CA GLY C 299 -42.81 8.16 44.65
C GLY C 299 -42.26 8.29 43.24
N ILE C 300 -42.09 9.51 42.76
CA ILE C 300 -41.51 9.77 41.44
C ILE C 300 -40.03 9.38 41.50
N ARG C 301 -39.68 8.26 40.88
CA ARG C 301 -38.30 7.79 40.84
C ARG C 301 -37.85 7.61 39.39
N LEU C 302 -36.61 7.17 39.22
CA LEU C 302 -35.97 7.13 37.92
C LEU C 302 -36.40 5.91 37.12
N GLY C 303 -36.59 6.12 35.82
CA GLY C 303 -36.91 5.03 34.91
C GLY C 303 -38.35 4.57 34.93
N GLU C 304 -39.24 5.28 35.61
CA GLU C 304 -40.63 4.89 35.74
C GLU C 304 -41.55 5.89 35.06
N LEU C 305 -42.79 5.46 34.86
CA LEU C 305 -43.79 6.27 34.17
C LEU C 305 -44.60 7.07 35.18
N VAL C 306 -44.84 8.35 34.88
CA VAL C 306 -45.63 9.22 35.74
C VAL C 306 -46.67 9.93 34.88
N VAL C 307 -47.95 9.70 35.17
CA VAL C 307 -49.00 10.40 34.45
C VAL C 307 -49.02 11.84 34.92
N THR C 308 -48.81 12.77 33.98
CA THR C 308 -48.64 14.18 34.30
C THR C 308 -49.96 14.90 34.11
N ARG C 309 -50.53 15.38 35.20
CA ARG C 309 -51.78 16.13 35.19
C ARG C 309 -51.51 17.57 35.59
N VAL C 310 -52.12 18.50 34.87
CA VAL C 310 -51.94 19.93 35.18
C VAL C 310 -52.64 20.24 36.49
N PRO C 311 -51.95 20.86 37.47
CA PRO C 311 -52.49 21.19 38.78
C PRO C 311 -53.78 22.02 38.72
N THR C 320 -56.78 17.23 29.85
CA THR C 320 -56.44 17.41 31.25
C THR C 320 -55.08 16.81 31.57
N ASP C 321 -54.77 15.68 30.96
CA ASP C 321 -53.47 15.03 31.13
C ASP C 321 -52.49 15.56 30.10
N LEU C 322 -51.22 15.18 30.27
CA LEU C 322 -50.17 15.58 29.34
C LEU C 322 -49.44 14.41 28.68
N GLY C 323 -49.43 13.24 29.28
CA GLY C 323 -48.77 12.09 28.70
C GLY C 323 -48.27 11.15 29.77
N ARG C 324 -47.54 10.13 29.32
CA ARG C 324 -47.03 9.10 30.21
C ARG C 324 -45.63 9.44 30.73
N TYR C 325 -44.71 9.79 29.84
CA TYR C 325 -43.48 10.51 30.21
C TYR C 325 -42.65 9.73 31.24
N ARG C 326 -42.08 8.63 30.78
CA ARG C 326 -41.07 7.92 31.57
C ARG C 326 -39.95 8.85 31.98
N ILE C 327 -39.58 8.80 33.25
CA ILE C 327 -38.60 9.72 33.83
C ILE C 327 -37.21 9.35 33.36
N THR C 328 -36.49 10.33 32.80
CA THR C 328 -35.13 10.15 32.31
C THR C 328 -34.08 10.72 33.25
N GLU C 329 -34.30 11.91 33.80
CA GLU C 329 -33.45 12.51 34.80
C GLU C 329 -34.29 13.04 35.93
N ILE C 330 -33.71 13.04 37.14
CA ILE C 330 -34.45 13.51 38.34
C ILE C 330 -33.43 14.08 39.34
N THR C 331 -33.72 15.26 39.89
CA THR C 331 -32.79 15.91 40.85
C THR C 331 -33.47 16.00 42.21
N HIS C 332 -32.80 15.51 43.27
CA HIS C 332 -33.35 15.61 44.64
C HIS C 332 -32.58 16.73 45.35
N THR C 333 -33.29 17.71 45.92
CA THR C 333 -32.61 18.87 46.54
C THR C 333 -33.12 19.10 47.97
N VAL C 334 -32.20 19.22 48.93
CA VAL C 334 -32.60 19.51 50.34
C VAL C 334 -31.77 20.70 50.83
N ASP C 335 -32.41 21.82 51.16
CA ASP C 335 -31.70 23.00 51.62
C ASP C 335 -31.56 22.94 53.15
N GLY C 336 -30.93 23.97 53.71
CA GLY C 336 -30.68 23.99 55.14
C GLY C 336 -31.93 23.98 55.98
N GLN C 337 -32.99 24.63 55.51
CA GLN C 337 -34.24 24.69 56.26
C GLN C 337 -34.98 23.36 56.28
N GLY C 338 -34.54 22.37 55.49
CA GLY C 338 -35.13 21.06 55.50
C GLY C 338 -36.12 20.79 54.39
N ARG C 339 -36.44 21.79 53.57
CA ARG C 339 -37.41 21.61 52.50
C ARG C 339 -36.84 20.70 51.42
N TYR C 340 -37.62 19.70 51.02
CA TYR C 340 -37.25 18.79 49.95
C TYR C 340 -37.90 19.25 48.65
N SER C 341 -37.06 19.51 47.65
CA SER C 341 -37.53 19.87 46.31
C SER C 341 -37.14 18.76 45.34
N ASN C 342 -37.87 18.69 44.23
CA ASN C 342 -37.65 17.65 43.24
C ASN C 342 -37.84 18.25 41.86
N THR C 343 -36.89 17.99 40.97
CA THR C 343 -37.01 18.39 39.57
C THR C 343 -36.64 17.20 38.71
N PHE C 344 -37.44 16.94 37.68
CA PHE C 344 -37.20 15.78 36.83
C PHE C 344 -37.53 16.12 35.38
N CYS C 345 -36.97 15.31 34.48
CA CYS C 345 -37.24 15.41 33.06
C CYS C 345 -37.84 14.09 32.57
N GLY C 346 -38.68 14.19 31.56
CA GLY C 346 -39.43 13.03 31.09
C GLY C 346 -39.43 12.92 29.58
N VAL C 347 -39.24 11.69 29.12
CA VAL C 347 -39.27 11.35 27.70
C VAL C 347 -40.60 10.63 27.50
N PRO C 348 -41.22 10.69 26.30
CA PRO C 348 -42.53 10.04 26.13
C PRO C 348 -42.55 8.58 26.54
N GLY C 349 -43.42 8.24 27.48
CA GLY C 349 -43.53 6.85 27.91
C GLY C 349 -43.90 5.96 26.75
N GLY C 350 -43.23 4.81 26.67
CA GLY C 350 -43.36 3.93 25.54
C GLY C 350 -42.20 3.99 24.56
N THR C 351 -41.28 4.93 24.75
CA THR C 351 -40.07 4.96 23.94
C THR C 351 -39.22 3.73 24.26
N PRO C 352 -38.85 2.92 23.27
CA PRO C 352 -38.11 1.70 23.57
C PRO C 352 -36.72 1.95 24.11
N VAL C 353 -35.96 2.81 23.44
CA VAL C 353 -34.53 3.02 23.83
C VAL C 353 -34.41 4.27 24.70
N MET C 354 -33.32 4.37 25.47
CA MET C 354 -33.11 5.54 26.37
C MET C 354 -32.13 6.53 25.71
N PRO C 355 -31.99 7.78 26.22
CA PRO C 355 -31.15 8.78 25.56
C PRO C 355 -29.67 8.38 25.46
N TRP C 356 -29.00 8.79 24.38
CA TRP C 356 -27.57 8.51 24.21
C TRP C 356 -26.70 9.14 25.30
N GLY C 357 -26.67 10.47 25.37
CA GLY C 357 -25.95 11.16 26.45
C GLY C 357 -24.50 10.78 26.67
N ASP C 358 -24.18 10.21 27.84
CA ASP C 358 -22.76 9.90 28.21
C ASP C 358 -22.03 9.14 27.08
N ALA C 359 -22.69 8.18 26.43
CA ALA C 359 -22.00 7.36 25.41
C ALA C 359 -21.23 8.27 24.44
N VAL C 360 -19.95 7.96 24.21
CA VAL C 360 -19.11 8.75 23.26
C VAL C 360 -18.37 7.77 22.36
N MET C 361 -18.24 8.08 21.05
CA MET C 361 -17.63 7.11 20.16
C MET C 361 -16.16 7.45 19.96
N PRO C 362 -15.24 6.53 20.24
CA PRO C 362 -13.82 6.83 20.08
C PRO C 362 -13.40 6.85 18.63
N VAL C 363 -12.29 7.52 18.38
CA VAL C 363 -11.70 7.63 17.04
C VAL C 363 -10.34 6.98 17.07
N ALA C 364 -10.10 6.05 16.15
CA ALA C 364 -8.88 5.28 16.10
C ALA C 364 -7.99 5.75 14.96
N TYR C 365 -6.68 5.62 15.17
CA TYR C 365 -5.65 6.04 14.25
C TYR C 365 -4.70 4.87 14.03
N PRO C 366 -3.95 4.87 12.91
CA PRO C 366 -3.17 3.68 12.56
C PRO C 366 -2.22 3.24 13.68
N GLU C 367 -2.19 1.94 13.90
CA GLU C 367 -1.39 1.29 14.93
C GLU C 367 -0.38 0.36 14.29
N MET C 368 0.53 -0.16 15.10
CA MET C 368 1.46 -1.18 14.67
C MET C 368 1.13 -2.47 15.42
N ALA C 369 1.26 -3.60 14.73
CA ALA C 369 0.93 -4.89 15.30
C ALA C 369 1.78 -5.96 14.65
N ARG C 370 1.60 -7.20 15.11
CA ARG C 370 2.32 -8.34 14.58
C ARG C 370 1.33 -9.40 14.12
N VAL C 371 1.52 -9.91 12.91
CA VAL C 371 0.67 -10.97 12.40
C VAL C 371 0.92 -12.23 13.22
N VAL C 372 -0.15 -12.84 13.72
CA VAL C 372 -0.04 -14.09 14.45
C VAL C 372 -0.62 -15.27 13.67
N SER C 373 -1.54 -15.05 12.75
CA SER C 373 -2.03 -16.15 11.95
C SER C 373 -2.62 -15.64 10.65
N ASN C 374 -2.64 -16.51 9.64
CA ASN C 374 -3.29 -16.23 8.37
C ASN C 374 -4.10 -17.45 7.93
N GLU C 375 -4.87 -18.01 8.86
CA GLU C 375 -5.61 -19.24 8.61
C GLU C 375 -7.11 -19.00 8.69
N ASP C 376 -7.58 -17.96 8.00
CA ASP C 376 -8.96 -17.56 7.96
C ASP C 376 -9.87 -18.77 7.70
N PRO C 377 -10.73 -19.15 8.65
CA PRO C 377 -11.66 -20.25 8.39
C PRO C 377 -12.65 -19.96 7.29
N LYS C 378 -12.90 -18.70 6.97
CA LYS C 378 -13.77 -18.32 5.88
C LYS C 378 -13.07 -18.26 4.53
N ASN C 379 -11.74 -18.44 4.52
CA ASN C 379 -10.94 -18.44 3.30
C ASN C 379 -11.15 -17.16 2.48
N GLN C 380 -10.81 -16.04 3.12
CA GLN C 380 -10.88 -14.74 2.47
C GLN C 380 -9.57 -13.97 2.53
N GLY C 381 -8.46 -14.62 2.87
CA GLY C 381 -7.20 -13.92 2.96
C GLY C 381 -7.05 -12.99 4.13
N ARG C 382 -7.88 -13.15 5.16
CA ARG C 382 -7.78 -12.32 6.34
C ARG C 382 -6.70 -12.86 7.27
N VAL C 383 -6.18 -11.97 8.12
CA VAL C 383 -5.14 -12.32 9.08
C VAL C 383 -5.60 -11.93 10.47
N LYS C 384 -5.00 -12.59 11.45
CA LYS C 384 -5.16 -12.26 12.86
C LYS C 384 -3.83 -11.73 13.36
N VAL C 385 -3.87 -10.54 13.98
CA VAL C 385 -2.68 -9.85 14.44
C VAL C 385 -2.74 -9.71 15.96
N GLN C 386 -1.59 -9.33 16.53
CA GLN C 386 -1.49 -9.00 17.95
C GLN C 386 -0.96 -7.58 18.07
N PHE C 387 -1.75 -6.69 18.66
CA PHE C 387 -1.34 -5.31 18.80
C PHE C 387 -0.26 -5.17 19.88
N MET C 388 0.32 -3.98 19.95
CA MET C 388 1.41 -3.75 20.89
C MET C 388 0.93 -3.77 22.33
N TRP C 389 -0.33 -3.40 22.58
CA TRP C 389 -0.82 -3.44 23.95
C TRP C 389 -1.02 -4.86 24.44
N GLN C 390 -1.41 -5.78 23.57
CA GLN C 390 -1.54 -7.18 23.95
C GLN C 390 -0.27 -7.98 23.66
N GLU C 391 0.87 -7.46 24.09
CA GLU C 391 2.16 -8.09 23.82
C GLU C 391 2.76 -8.71 25.08
N VAL C 392 2.86 -7.95 26.16
CA VAL C 392 3.42 -8.48 27.40
C VAL C 392 2.50 -9.54 27.99
N ASP C 393 1.21 -9.26 28.03
CA ASP C 393 0.23 -10.15 28.63
C ASP C 393 -0.40 -11.12 27.63
N GLY C 394 -0.06 -11.01 26.35
CA GLY C 394 -0.59 -11.90 25.34
C GLY C 394 -1.98 -11.51 24.87
N GLY C 395 -2.42 -12.20 23.81
CA GLY C 395 -3.70 -11.93 23.19
C GLY C 395 -3.56 -11.75 21.69
N GLU C 396 -4.71 -11.72 21.04
CA GLU C 396 -4.75 -11.55 19.59
C GLU C 396 -6.08 -10.95 19.19
N SER C 397 -6.12 -10.44 17.97
CA SER C 397 -7.30 -9.77 17.43
C SER C 397 -8.25 -10.79 16.83
N TYR C 398 -9.22 -10.31 16.05
CA TYR C 398 -10.06 -11.13 15.21
C TYR C 398 -9.46 -11.13 13.80
N TRP C 399 -10.20 -11.68 12.83
CA TRP C 399 -9.73 -11.67 11.45
C TRP C 399 -10.02 -10.33 10.80
N MET C 400 -8.99 -9.72 10.22
CA MET C 400 -9.13 -8.48 9.48
C MET C 400 -8.52 -8.66 8.10
N ARG C 401 -9.09 -7.98 7.12
CA ARG C 401 -8.61 -8.13 5.75
C ARG C 401 -7.35 -7.31 5.53
N VAL C 402 -6.50 -7.80 4.64
CA VAL C 402 -5.24 -7.16 4.31
C VAL C 402 -5.40 -6.40 3.01
N GLN C 403 -5.12 -5.10 3.07
CA GLN C 403 -5.25 -4.23 1.87
C GLN C 403 -4.18 -4.63 0.86
N SER C 404 -4.56 -4.68 -0.42
CA SER C 404 -3.64 -5.07 -1.47
C SER C 404 -3.48 -3.94 -2.49
N PRO C 405 -2.31 -3.82 -3.12
CA PRO C 405 -2.17 -2.87 -4.22
C PRO C 405 -3.08 -3.18 -5.39
N ASP C 406 -3.37 -4.45 -5.64
CA ASP C 406 -4.30 -4.87 -6.69
C ASP C 406 -5.12 -6.02 -6.16
N ALA C 407 -6.44 -5.91 -6.24
CA ALA C 407 -7.33 -6.94 -5.76
C ALA C 407 -8.65 -6.85 -6.52
N GLY C 408 -9.18 -8.00 -6.93
CA GLY C 408 -10.42 -8.01 -7.67
C GLY C 408 -10.68 -9.38 -8.26
N LYS C 409 -11.49 -9.39 -9.31
CA LYS C 409 -11.84 -10.61 -10.03
C LYS C 409 -12.25 -10.23 -11.45
N SER C 410 -12.29 -11.23 -12.31
CA SER C 410 -12.60 -11.00 -13.71
C SER C 410 -13.32 -12.23 -14.26
N ASP C 411 -13.69 -12.17 -15.54
CA ASP C 411 -14.38 -13.29 -16.17
C ASP C 411 -13.49 -14.53 -16.22
N GLN C 412 -12.22 -14.36 -16.56
CA GLN C 412 -11.31 -15.48 -16.73
C GLN C 412 -10.56 -15.87 -15.46
N VAL C 413 -10.71 -15.11 -14.38
CA VAL C 413 -10.04 -15.43 -13.13
C VAL C 413 -11.09 -15.73 -12.06
N ALA C 414 -11.92 -14.74 -11.75
CA ALA C 414 -13.09 -14.88 -10.90
C ALA C 414 -12.75 -15.04 -9.42
N LYS C 415 -11.47 -15.21 -9.09
CA LYS C 415 -11.03 -15.35 -7.71
C LYS C 415 -9.56 -15.04 -7.62
N ASN C 416 -9.18 -14.17 -6.67
CA ASN C 416 -7.78 -13.88 -6.35
C ASN C 416 -7.05 -13.26 -7.54
N ARG C 417 -7.71 -12.33 -8.21
CA ARG C 417 -7.09 -11.58 -9.29
C ARG C 417 -6.37 -10.37 -8.71
N GLY C 418 -5.08 -10.28 -8.94
CA GLY C 418 -4.31 -9.16 -8.47
C GLY C 418 -3.08 -9.54 -7.66
N PHE C 419 -2.72 -8.68 -6.71
CA PHE C 419 -1.57 -8.90 -5.84
C PHE C 419 -2.03 -9.67 -4.62
N VAL C 420 -1.68 -10.94 -4.54
CA VAL C 420 -2.10 -11.81 -3.43
C VAL C 420 -0.82 -12.23 -2.70
N PHE C 421 -0.43 -11.45 -1.69
CA PHE C 421 0.72 -11.75 -0.83
C PHE C 421 0.24 -11.62 0.61
N ILE C 422 -0.30 -12.70 1.16
CA ILE C 422 -0.80 -12.66 2.54
C ILE C 422 0.38 -12.66 3.50
N PRO C 423 0.37 -11.80 4.52
CA PRO C 423 1.51 -11.76 5.45
C PRO C 423 1.64 -13.03 6.26
N GLU C 424 2.87 -13.37 6.59
CA GLU C 424 3.23 -14.52 7.40
C GLU C 424 3.19 -14.16 8.88
N PRO C 425 2.95 -15.14 9.76
CA PRO C 425 3.05 -14.87 11.19
C PRO C 425 4.43 -14.34 11.56
N GLY C 426 4.45 -13.29 12.37
CA GLY C 426 5.68 -12.63 12.75
C GLY C 426 5.96 -11.32 12.04
N ASP C 427 5.27 -11.05 10.94
CA ASP C 427 5.47 -9.78 10.23
C ASP C 427 4.99 -8.61 11.08
N LEU C 428 5.64 -7.47 10.89
CA LEU C 428 5.23 -6.23 11.52
C LEU C 428 4.35 -5.46 10.55
N VAL C 429 3.11 -5.21 10.95
CA VAL C 429 2.10 -4.63 10.06
C VAL C 429 1.61 -3.31 10.64
N MET C 430 1.42 -2.34 9.75
CA MET C 430 0.63 -1.16 10.04
C MET C 430 -0.84 -1.50 9.83
N VAL C 431 -1.62 -1.34 10.89
CA VAL C 431 -3.05 -1.64 10.91
C VAL C 431 -3.81 -0.33 10.95
N GLY C 432 -4.69 -0.12 9.96
CA GLY C 432 -5.56 1.03 9.95
C GLY C 432 -6.97 0.66 10.36
N PHE C 433 -7.78 1.69 10.56
CA PHE C 433 -9.15 1.51 11.03
C PHE C 433 -10.10 2.17 10.03
N GLU C 434 -11.01 1.38 9.48
CA GLU C 434 -12.01 1.90 8.57
C GLU C 434 -12.93 2.86 9.32
N GLN C 435 -13.21 4.00 8.69
CA GLN C 435 -13.83 5.14 9.38
C GLN C 435 -12.88 5.50 10.53
N GLY C 436 -13.39 5.90 11.69
CA GLY C 436 -12.57 6.02 12.87
C GLY C 436 -12.77 4.90 13.87
N ASN C 437 -13.52 3.87 13.51
CA ASN C 437 -13.97 2.88 14.49
C ASN C 437 -12.82 1.96 14.87
N PRO C 438 -12.50 1.84 16.16
CA PRO C 438 -11.52 0.82 16.59
C PRO C 438 -12.01 -0.60 16.34
N ASP C 439 -13.30 -0.79 16.13
CA ASP C 439 -13.87 -2.11 15.87
C ASP C 439 -13.87 -2.46 14.39
N ARG C 440 -13.24 -1.65 13.55
CA ARG C 440 -13.09 -1.93 12.12
C ARG C 440 -11.62 -1.83 11.73
N PRO C 441 -10.78 -2.73 12.23
CA PRO C 441 -9.37 -2.69 11.84
C PRO C 441 -9.12 -3.42 10.52
N TYR C 442 -8.10 -2.97 9.81
CA TYR C 442 -7.65 -3.65 8.62
C TYR C 442 -6.15 -3.40 8.45
N VAL C 443 -5.44 -4.39 7.92
CA VAL C 443 -4.00 -4.29 7.76
C VAL C 443 -3.72 -3.40 6.56
N THR C 444 -3.18 -2.22 6.81
CA THR C 444 -2.81 -1.33 5.70
C THR C 444 -1.52 -1.79 5.03
N GLY C 445 -0.58 -2.34 5.78
CA GLY C 445 0.64 -2.79 5.12
C GLY C 445 1.59 -3.47 6.08
N SER C 446 2.76 -3.80 5.55
CA SER C 446 3.83 -4.43 6.31
C SER C 446 5.05 -3.50 6.32
N LEU C 447 5.87 -3.64 7.36
CA LEU C 447 6.96 -2.71 7.61
C LEU C 447 8.29 -3.44 7.72
N PHE C 448 9.35 -2.77 7.27
CA PHE C 448 10.72 -3.28 7.30
C PHE C 448 11.46 -2.55 8.42
N TYR C 449 11.53 -3.18 9.59
CA TYR C 449 12.24 -2.62 10.73
C TYR C 449 13.63 -3.23 10.83
N LYS C 450 14.29 -3.01 11.98
CA LYS C 450 15.67 -3.44 12.16
C LYS C 450 15.82 -4.95 11.99
N ALA C 451 14.92 -5.72 12.61
CA ALA C 451 15.05 -7.17 12.55
C ALA C 451 14.68 -7.71 11.18
N ASN C 452 13.72 -7.08 10.50
CA ASN C 452 13.21 -7.63 9.25
C ASN C 452 14.20 -7.49 8.11
N SER C 453 14.84 -6.34 8.00
CA SER C 453 15.44 -5.93 6.73
C SER C 453 16.87 -5.49 6.85
N GLN C 454 17.68 -5.86 5.87
CA GLN C 454 18.82 -5.06 5.49
C GLN C 454 18.33 -3.89 4.64
N GLY C 455 19.17 -2.87 4.51
CA GLY C 455 18.77 -1.65 3.84
C GLY C 455 18.71 -1.81 2.34
N ALA C 456 18.48 -0.69 1.68
CA ALA C 456 18.62 -0.64 0.24
C ALA C 456 20.08 -0.77 -0.15
N ALA C 457 20.33 -1.41 -1.30
CA ALA C 457 21.69 -1.53 -1.79
C ALA C 457 22.26 -0.16 -2.13
N THR C 458 23.55 -0.13 -2.43
CA THR C 458 24.20 1.13 -2.75
C THR C 458 23.52 1.80 -3.93
N ASP C 459 23.12 3.05 -3.74
CA ASP C 459 22.36 3.84 -4.70
C ASP C 459 21.00 3.22 -5.00
N ASN C 460 20.51 2.34 -4.13
CA ASN C 460 19.22 1.67 -4.29
C ASN C 460 19.10 1.01 -5.66
N THR C 461 19.99 0.05 -5.89
CA THR C 461 20.07 -0.61 -7.18
C THR C 461 19.31 -1.93 -7.25
N VAL C 462 18.79 -2.42 -6.13
CA VAL C 462 18.16 -3.74 -6.06
C VAL C 462 16.68 -3.55 -5.74
N LYS C 463 15.82 -4.12 -6.59
CA LYS C 463 14.38 -4.14 -6.36
C LYS C 463 13.93 -5.58 -6.51
N SER C 464 13.45 -6.18 -5.42
CA SER C 464 13.26 -7.62 -5.38
C SER C 464 11.86 -7.98 -4.89
N ILE C 465 11.39 -9.14 -5.34
CA ILE C 465 10.24 -9.81 -4.78
C ILE C 465 10.71 -11.20 -4.36
N ARG C 466 10.64 -11.48 -3.06
CA ARG C 466 11.12 -12.74 -2.50
C ARG C 466 10.03 -13.37 -1.65
N THR C 467 9.97 -14.69 -1.67
CA THR C 467 9.08 -15.45 -0.82
C THR C 467 9.88 -16.21 0.23
N ARG C 468 9.17 -16.86 1.15
CA ARG C 468 9.82 -17.49 2.30
C ARG C 468 10.62 -18.72 1.91
N SER C 469 10.33 -19.33 0.77
CA SER C 469 11.09 -20.49 0.32
C SER C 469 12.42 -20.11 -0.33
N GLY C 470 12.61 -18.83 -0.65
CA GLY C 470 13.82 -18.37 -1.30
C GLY C 470 13.65 -17.98 -2.76
N HIS C 471 12.44 -18.06 -3.30
CA HIS C 471 12.20 -17.62 -4.67
C HIS C 471 12.48 -16.12 -4.78
N THR C 472 13.06 -15.72 -5.90
CA THR C 472 13.54 -14.36 -6.08
C THR C 472 13.26 -13.88 -7.49
N LEU C 473 12.64 -12.71 -7.59
CA LEU C 473 12.57 -11.95 -8.84
C LEU C 473 13.21 -10.60 -8.57
N GLU C 474 14.39 -10.38 -9.14
CA GLU C 474 15.22 -9.25 -8.78
C GLU C 474 15.57 -8.43 -10.01
N PHE C 475 15.47 -7.11 -9.88
CA PHE C 475 15.98 -6.15 -10.86
C PHE C 475 17.16 -5.42 -10.23
N ASN C 476 18.31 -5.48 -10.88
CA ASN C 476 19.52 -4.80 -10.44
C ASN C 476 19.81 -3.69 -11.45
N ASP C 477 19.70 -2.44 -11.00
CA ASP C 477 19.84 -1.28 -11.86
C ASP C 477 21.24 -0.71 -11.86
N ASP C 478 22.19 -1.37 -11.20
CA ASP C 478 23.57 -0.91 -11.16
C ASP C 478 24.23 -1.17 -12.51
N GLU C 479 24.23 -0.15 -13.39
CA GLU C 479 24.76 -0.33 -14.73
C GLU C 479 26.27 -0.54 -14.75
N GLY C 480 26.97 -0.15 -13.69
CA GLY C 480 28.37 -0.45 -13.58
C GLY C 480 28.71 -1.81 -13.03
N GLY C 481 27.70 -2.59 -12.63
CA GLY C 481 27.93 -3.89 -12.03
C GLY C 481 27.03 -4.97 -12.61
N ASP C 482 26.31 -5.67 -11.72
CA ASP C 482 25.46 -6.79 -12.14
C ASP C 482 24.11 -6.30 -12.64
N TRP C 483 24.15 -5.39 -13.61
CA TRP C 483 22.94 -4.84 -14.22
C TRP C 483 22.13 -5.95 -14.89
N GLY C 484 20.85 -6.02 -14.57
CA GLY C 484 19.97 -6.95 -15.26
C GLY C 484 18.90 -7.52 -14.34
N ILE C 485 18.12 -8.43 -14.91
CA ILE C 485 17.02 -9.07 -14.21
C ILE C 485 17.39 -10.52 -13.92
N THR C 486 16.83 -11.07 -12.84
CA THR C 486 17.13 -12.42 -12.41
C THR C 486 15.87 -13.05 -11.82
N ILE C 487 15.48 -14.20 -12.35
CA ILE C 487 14.45 -15.04 -11.75
C ILE C 487 15.14 -16.31 -11.29
N LYS C 488 15.13 -16.56 -9.98
CA LYS C 488 15.90 -17.66 -9.44
C LYS C 488 15.17 -18.25 -8.24
N ASP C 489 15.56 -19.47 -7.89
CA ASP C 489 15.15 -20.08 -6.64
C ASP C 489 16.41 -20.53 -5.89
N ARG C 490 16.21 -20.95 -4.64
CA ARG C 490 17.33 -21.26 -3.77
C ARG C 490 18.05 -22.55 -4.15
N ASN C 491 17.45 -23.40 -4.98
CA ASN C 491 18.08 -24.68 -5.32
C ASN C 491 19.10 -24.55 -6.43
N GLY C 492 18.97 -23.56 -7.31
CA GLY C 492 19.96 -23.35 -8.34
C GLY C 492 19.43 -22.91 -9.69
N CYS C 493 18.12 -23.05 -9.91
CA CYS C 493 17.52 -22.62 -11.16
C CYS C 493 17.60 -21.11 -11.30
N MET C 494 17.91 -20.65 -12.51
CA MET C 494 18.16 -19.24 -12.74
C MET C 494 17.81 -18.88 -14.18
N PHE C 495 17.34 -17.64 -14.37
CA PHE C 495 16.91 -17.09 -15.65
C PHE C 495 17.48 -15.69 -15.83
N HIS C 496 18.80 -15.57 -15.68
CA HIS C 496 19.44 -14.26 -15.62
C HIS C 496 19.39 -13.53 -16.97
N PHE C 497 19.16 -12.22 -16.90
CA PHE C 497 19.17 -11.29 -18.02
C PHE C 497 20.35 -10.35 -17.83
N ASP C 498 21.53 -10.70 -18.36
CA ASP C 498 22.69 -9.84 -18.24
C ASP C 498 22.51 -8.67 -19.19
N THR C 499 22.10 -7.52 -18.65
CA THR C 499 21.81 -6.36 -19.48
C THR C 499 23.09 -5.68 -19.96
N LYS C 500 24.13 -5.66 -19.13
CA LYS C 500 25.39 -5.04 -19.54
C LYS C 500 26.00 -5.76 -20.73
N GLY C 501 26.02 -7.09 -20.70
CA GLY C 501 26.53 -7.88 -21.79
C GLY C 501 25.52 -8.29 -22.83
N LYS C 502 24.25 -7.92 -22.66
CA LYS C 502 23.17 -8.26 -23.59
C LYS C 502 23.02 -9.77 -23.74
N ASN C 503 23.25 -10.51 -22.66
CA ASN C 503 23.19 -11.96 -22.67
C ASN C 503 21.99 -12.45 -21.89
N ILE C 504 21.55 -13.66 -22.20
CA ILE C 504 20.51 -14.36 -21.44
C ILE C 504 21.08 -15.71 -21.03
N GLU C 505 20.95 -16.01 -19.74
CA GLU C 505 21.50 -17.28 -19.19
C GLU C 505 20.39 -18.06 -18.47
N ILE C 506 20.04 -19.23 -18.97
CA ILE C 506 19.09 -20.11 -18.30
C ILE C 506 19.87 -21.30 -17.75
N THR C 507 19.84 -21.48 -16.44
CA THR C 507 20.63 -22.50 -15.77
C THR C 507 19.72 -23.36 -14.89
N ALA C 508 19.88 -24.67 -15.00
CA ALA C 508 19.16 -25.62 -14.18
C ALA C 508 20.16 -26.66 -13.69
N PRO C 509 20.23 -26.93 -12.37
CA PRO C 509 21.12 -27.99 -11.90
C PRO C 509 20.71 -29.38 -12.37
N GLU C 510 19.48 -29.53 -12.86
CA GLU C 510 18.96 -30.80 -13.35
C GLU C 510 18.44 -30.63 -14.77
N THR C 511 17.65 -31.58 -15.25
CA THR C 511 17.13 -31.52 -16.61
C THR C 511 16.43 -30.20 -16.91
N MET C 512 16.57 -29.74 -18.15
CA MET C 512 15.81 -28.61 -18.68
C MET C 512 15.08 -29.08 -19.93
N THR C 513 13.79 -28.75 -20.02
CA THR C 513 12.94 -29.25 -21.09
C THR C 513 12.34 -28.09 -21.87
N LEU C 514 12.33 -28.23 -23.20
CA LEU C 514 11.73 -27.26 -24.10
C LEU C 514 10.68 -27.99 -24.94
N ASN C 515 9.41 -27.71 -24.67
CA ASN C 515 8.30 -28.35 -25.36
C ASN C 515 7.55 -27.33 -26.20
N ALA C 516 7.37 -27.62 -27.48
CA ALA C 516 6.58 -26.80 -28.37
C ALA C 516 6.24 -27.61 -29.61
N GLN C 517 5.22 -27.16 -30.35
CA GLN C 517 4.94 -27.77 -31.63
C GLN C 517 6.09 -27.54 -32.61
N ASN C 518 6.53 -26.30 -32.73
CA ASN C 518 7.69 -25.96 -33.54
C ASN C 518 8.69 -25.22 -32.66
N ILE C 519 9.95 -25.63 -32.72
CA ILE C 519 11.03 -24.98 -31.99
C ILE C 519 12.06 -24.49 -32.99
N ASN C 520 12.39 -23.20 -32.91
CA ASN C 520 13.36 -22.58 -33.80
C ASN C 520 14.51 -22.05 -32.96
N ILE C 521 15.73 -22.47 -33.27
CA ILE C 521 16.94 -21.94 -32.66
C ILE C 521 17.65 -21.17 -33.75
N ASN C 522 17.53 -19.84 -33.72
CA ASN C 522 18.07 -18.97 -34.75
C ASN C 522 19.26 -18.20 -34.18
N ALA C 523 20.45 -18.53 -34.67
CA ALA C 523 21.69 -17.87 -34.26
C ALA C 523 22.25 -17.08 -35.42
N GLY C 524 22.50 -15.79 -35.20
CA GLY C 524 23.09 -14.94 -36.21
C GLY C 524 24.58 -15.14 -36.41
N GLU C 525 25.18 -15.98 -35.59
CA GLU C 525 26.61 -16.30 -35.65
C GLU C 525 26.76 -17.76 -35.23
N GLN C 526 27.95 -18.13 -34.80
CA GLN C 526 28.23 -19.49 -34.37
C GLN C 526 27.22 -19.97 -33.34
N LEU C 527 26.67 -21.17 -33.56
CA LEU C 527 25.80 -21.85 -32.61
C LEU C 527 26.50 -23.10 -32.11
N ASN C 528 26.58 -23.24 -30.78
CA ASN C 528 27.38 -24.28 -30.16
C ASN C 528 26.51 -25.26 -29.40
N THR C 529 26.77 -26.55 -29.60
CA THR C 529 26.10 -27.63 -28.92
C THR C 529 27.14 -28.45 -28.16
N SER C 530 26.84 -28.78 -26.91
CA SER C 530 27.76 -29.52 -26.07
C SER C 530 27.02 -30.56 -25.24
N SER C 531 27.72 -31.62 -24.88
CA SER C 531 27.17 -32.65 -24.00
C SER C 531 28.31 -33.47 -23.45
N GLY C 532 28.32 -33.69 -22.12
CA GLY C 532 29.32 -34.52 -21.49
C GLY C 532 29.14 -35.99 -21.75
N LYS C 533 27.92 -36.41 -22.08
CA LYS C 533 27.64 -37.80 -22.44
C LYS C 533 26.95 -37.82 -23.80
N GLU C 534 26.32 -38.95 -24.13
CA GLU C 534 25.80 -39.14 -25.47
C GLU C 534 24.75 -38.08 -25.83
N THR C 535 24.76 -37.66 -27.08
CA THR C 535 23.74 -36.78 -27.65
C THR C 535 22.82 -37.61 -28.52
N VAL C 536 21.52 -37.54 -28.25
CA VAL C 536 20.52 -38.36 -28.95
C VAL C 536 19.65 -37.43 -29.78
N MET C 537 19.52 -37.75 -31.07
CA MET C 537 18.68 -37.00 -31.98
C MET C 537 17.60 -37.94 -32.52
N GLN C 538 16.34 -37.62 -32.24
CA GLN C 538 15.22 -38.45 -32.64
C GLN C 538 14.35 -37.65 -33.60
N ILE C 539 14.39 -38.00 -34.88
CA ILE C 539 13.65 -37.30 -35.92
C ILE C 539 12.55 -38.23 -36.42
N GLY C 540 11.30 -37.77 -36.35
CA GLY C 540 10.18 -38.63 -36.68
C GLY C 540 9.99 -38.87 -38.16
N THR C 541 10.38 -37.92 -39.00
CA THR C 541 10.28 -38.04 -40.46
C THR C 541 11.59 -37.51 -41.02
N ASP C 542 11.57 -37.14 -42.30
CA ASP C 542 12.81 -36.79 -43.00
C ASP C 542 13.58 -35.68 -42.29
N PHE C 543 14.91 -35.81 -42.31
CA PHE C 543 15.83 -34.91 -41.63
C PHE C 543 16.69 -34.21 -42.67
N GLN C 544 16.78 -32.88 -42.56
CA GLN C 544 17.46 -32.07 -43.56
C GLN C 544 18.60 -31.31 -42.92
N GLN C 545 19.76 -31.32 -43.58
CA GLN C 545 20.94 -30.62 -43.10
C GLN C 545 21.61 -29.93 -44.28
N ASP C 546 21.59 -28.60 -44.28
CA ASP C 546 22.21 -27.81 -45.33
C ASP C 546 23.37 -27.02 -44.73
N VAL C 547 24.57 -27.28 -45.21
CA VAL C 547 25.78 -26.63 -44.75
C VAL C 547 26.32 -25.76 -45.87
N GLY C 548 26.60 -24.49 -45.55
CA GLY C 548 27.06 -23.55 -46.55
C GLY C 548 28.51 -23.75 -46.97
N GLY C 549 29.31 -24.40 -46.14
CA GLY C 549 30.70 -24.63 -46.47
C GLY C 549 31.21 -25.97 -46.01
N ASN C 550 32.36 -25.98 -45.34
CA ASN C 550 33.01 -27.22 -44.93
C ASN C 550 32.20 -27.91 -43.83
N ALA C 551 32.24 -29.24 -43.85
CA ALA C 551 31.63 -30.07 -42.82
C ALA C 551 32.71 -31.00 -42.28
N GLU C 552 33.24 -30.68 -41.09
CA GLU C 552 34.31 -31.45 -40.49
C GLU C 552 33.71 -32.35 -39.41
N ILE C 553 33.95 -33.65 -39.53
CA ILE C 553 33.41 -34.64 -38.61
C ILE C 553 34.58 -35.42 -38.01
N ALA C 554 34.58 -35.55 -36.69
CA ALA C 554 35.61 -36.30 -35.97
C ALA C 554 34.93 -37.25 -35.00
N ILE C 555 35.12 -38.55 -35.21
CA ILE C 555 34.54 -39.58 -34.36
C ILE C 555 35.68 -40.34 -33.69
N GLY C 556 35.66 -40.40 -32.36
CA GLY C 556 36.70 -41.02 -31.58
C GLY C 556 36.57 -42.52 -31.38
N GLU C 557 35.56 -43.14 -31.97
CA GLU C 557 35.34 -44.57 -31.82
C GLU C 557 34.74 -45.08 -33.13
N SER C 558 34.11 -46.26 -33.08
CA SER C 558 33.53 -46.85 -34.27
C SER C 558 32.32 -46.06 -34.74
N LEU C 559 32.12 -46.03 -36.05
CA LEU C 559 30.96 -45.43 -36.67
C LEU C 559 30.09 -46.52 -37.29
N THR C 560 28.82 -46.57 -36.90
CA THR C 560 27.86 -47.51 -37.44
C THR C 560 26.70 -46.74 -38.06
N GLU C 561 26.40 -47.04 -39.32
CA GLU C 561 25.33 -46.37 -40.04
C GLU C 561 24.44 -47.40 -40.71
N SER C 562 23.13 -47.28 -40.50
CA SER C 562 22.14 -48.16 -41.09
C SER C 562 21.16 -47.35 -41.90
N ILE C 563 20.90 -47.80 -43.13
CA ILE C 563 19.95 -47.14 -44.03
C ILE C 563 18.95 -48.18 -44.50
N ALA C 564 17.66 -47.88 -44.37
CA ALA C 564 16.60 -48.81 -44.74
C ALA C 564 16.24 -48.75 -46.22
N LYS C 565 16.63 -47.70 -46.93
CA LYS C 565 16.42 -47.61 -48.36
C LYS C 565 17.74 -47.30 -49.06
N ASP C 566 17.68 -46.91 -50.33
CA ASP C 566 18.91 -46.70 -51.08
C ASP C 566 19.67 -45.48 -50.54
N SER C 567 20.99 -45.52 -50.71
CA SER C 567 21.88 -44.45 -50.29
C SER C 567 22.49 -43.82 -51.53
N THR C 568 22.31 -42.50 -51.68
CA THR C 568 22.78 -41.77 -52.84
C THR C 568 23.77 -40.69 -52.41
N ASN C 569 24.92 -40.63 -53.07
CA ASN C 569 25.96 -39.67 -52.76
C ASN C 569 26.46 -39.04 -54.05
N SER C 570 26.58 -37.72 -54.06
CA SER C 570 27.08 -36.99 -55.21
C SER C 570 28.20 -36.06 -54.75
N ILE C 571 29.42 -36.33 -55.21
CA ILE C 571 30.59 -35.53 -54.88
C ILE C 571 31.01 -34.76 -56.12
N ALA C 572 31.07 -33.43 -56.01
CA ALA C 572 31.47 -32.61 -57.14
C ALA C 572 32.98 -32.45 -57.26
N GLY C 573 33.74 -32.88 -56.25
CA GLY C 573 35.19 -32.87 -56.32
C GLY C 573 35.75 -34.28 -56.32
N ASN C 574 36.82 -34.48 -55.56
CA ASN C 574 37.42 -35.80 -55.44
C ASN C 574 36.85 -36.54 -54.23
N LEU C 575 36.74 -37.85 -54.36
CA LEU C 575 36.39 -38.73 -53.24
C LEU C 575 37.62 -39.54 -52.87
N SER C 576 38.15 -39.30 -51.67
CA SER C 576 39.32 -40.00 -51.17
C SER C 576 38.96 -40.69 -49.86
N VAL C 577 39.21 -42.00 -49.79
CA VAL C 577 38.99 -42.78 -48.59
C VAL C 577 40.26 -43.56 -48.28
N THR C 578 40.81 -43.37 -47.08
CA THR C 578 41.97 -44.10 -46.61
C THR C 578 41.58 -44.93 -45.41
N VAL C 579 41.81 -46.24 -45.49
CA VAL C 579 41.47 -47.17 -44.42
C VAL C 579 42.77 -47.77 -43.91
N ASP C 580 43.02 -47.62 -42.61
CA ASP C 580 44.23 -48.19 -42.02
C ASP C 580 44.19 -49.71 -42.04
N GLU C 581 43.04 -50.30 -41.75
CA GLU C 581 42.86 -51.74 -41.74
C GLU C 581 42.13 -52.18 -43.01
N ASN C 582 41.71 -53.45 -43.03
CA ASN C 582 41.14 -54.04 -44.23
C ASN C 582 39.82 -53.38 -44.61
N LEU C 583 39.59 -53.29 -45.92
CA LEU C 583 38.36 -52.76 -46.49
C LEU C 583 37.49 -53.92 -46.97
N MET C 584 36.21 -53.88 -46.64
CA MET C 584 35.26 -54.89 -47.08
C MET C 584 34.07 -54.21 -47.74
N TYR C 585 33.75 -54.61 -48.96
CA TYR C 585 32.60 -54.11 -49.69
C TYR C 585 31.80 -55.30 -50.21
N ASP C 586 30.62 -55.50 -49.65
CA ASP C 586 29.72 -56.58 -50.06
C ASP C 586 28.46 -55.98 -50.67
N ALA C 587 28.00 -56.56 -51.77
CA ALA C 587 26.80 -56.08 -52.45
C ALA C 587 26.26 -57.21 -53.32
N GLN C 588 25.09 -56.95 -53.91
CA GLN C 588 24.52 -57.89 -54.88
C GLN C 588 25.22 -57.77 -56.22
N ASP C 589 25.09 -56.62 -56.87
CA ASP C 589 25.81 -56.31 -58.10
C ASP C 589 26.70 -55.11 -57.84
N MET C 590 27.98 -55.23 -58.17
CA MET C 590 28.93 -54.14 -58.00
C MET C 590 29.35 -53.67 -59.37
N THR C 591 29.00 -52.43 -59.71
CA THR C 591 29.38 -51.81 -60.97
C THR C 591 30.27 -50.61 -60.67
N LEU C 592 31.51 -50.66 -61.14
CA LEU C 592 32.46 -49.57 -60.97
C LEU C 592 32.71 -48.97 -62.36
N THR C 593 32.22 -47.77 -62.59
CA THR C 593 32.36 -47.07 -63.86
C THR C 593 33.36 -45.94 -63.70
N ALA C 594 34.28 -45.81 -64.67
CA ALA C 594 35.26 -44.75 -64.68
C ALA C 594 35.21 -44.04 -66.01
N GLN C 595 35.14 -42.70 -65.97
CA GLN C 595 35.20 -41.92 -67.20
C GLN C 595 36.63 -41.78 -67.72
N GLY C 596 37.62 -42.16 -66.93
CA GLY C 596 38.99 -42.23 -67.38
C GLY C 596 39.53 -43.64 -67.29
N GLY C 597 40.49 -43.86 -66.41
CA GLY C 597 41.10 -45.17 -66.24
C GLY C 597 40.88 -45.70 -64.84
N MET C 598 40.74 -47.02 -64.75
CA MET C 598 40.57 -47.72 -63.48
C MET C 598 41.85 -48.45 -63.14
N LYS C 599 42.37 -48.24 -61.94
CA LYS C 599 43.65 -48.80 -61.51
C LYS C 599 43.45 -49.56 -60.20
N LEU C 600 43.86 -50.83 -60.19
CA LEU C 600 43.82 -51.66 -59.00
C LEU C 600 45.25 -52.05 -58.66
N LEU C 601 45.80 -51.47 -57.59
CA LEU C 601 47.18 -51.69 -57.19
C LEU C 601 47.21 -52.38 -55.84
N ALA C 602 48.03 -53.43 -55.73
CA ALA C 602 48.19 -54.14 -54.47
C ALA C 602 49.65 -54.51 -54.29
N ASN C 603 50.07 -54.59 -53.03
CA ASN C 603 51.40 -55.07 -52.68
C ASN C 603 51.48 -56.58 -52.59
N ALA C 604 50.37 -57.27 -52.78
CA ALA C 604 50.31 -58.73 -52.68
C ALA C 604 49.45 -59.22 -53.85
N LYS C 605 49.01 -60.47 -53.77
CA LYS C 605 48.24 -61.06 -54.85
C LYS C 605 46.92 -60.33 -55.04
N ILE C 606 46.46 -60.30 -56.29
CA ILE C 606 45.12 -59.81 -56.63
C ILE C 606 44.30 -61.02 -57.01
N GLY C 607 43.42 -61.46 -56.11
CA GLY C 607 42.57 -62.60 -56.41
C GLY C 607 41.44 -62.21 -57.35
N LEU C 608 41.03 -63.18 -58.16
CA LEU C 608 39.94 -62.98 -59.12
C LEU C 608 39.00 -64.19 -59.09
N LYS C 609 38.64 -64.62 -57.88
CA LYS C 609 37.73 -65.75 -57.73
C LYS C 609 36.36 -65.40 -58.30
N SER C 610 35.77 -66.35 -59.03
CA SER C 610 34.46 -66.16 -59.62
C SER C 610 33.85 -67.52 -59.89
N SER C 611 32.58 -67.69 -59.52
CA SER C 611 31.90 -68.96 -59.73
C SER C 611 31.40 -69.15 -61.15
N GLU C 612 31.37 -68.09 -61.96
CA GLU C 612 30.90 -68.17 -63.33
C GLU C 612 31.92 -67.71 -64.35
N GLY C 613 33.11 -67.31 -63.93
CA GLY C 613 34.16 -66.90 -64.85
C GLY C 613 34.41 -65.41 -64.81
N VAL C 614 35.31 -64.98 -65.69
CA VAL C 614 35.70 -63.58 -65.83
C VAL C 614 35.64 -63.21 -67.31
N ASP C 615 35.03 -62.08 -67.61
CA ASP C 615 34.89 -61.61 -68.98
C ASP C 615 35.72 -60.35 -69.19
N ILE C 616 36.47 -60.32 -70.27
CA ILE C 616 37.26 -59.15 -70.67
C ILE C 616 36.76 -58.68 -72.01
N ALA C 617 36.34 -57.41 -72.09
CA ALA C 617 35.79 -56.85 -73.31
C ALA C 617 36.29 -55.44 -73.55
N ALA D 8 -38.57 55.35 21.66
CA ALA D 8 -39.58 55.68 20.66
C ALA D 8 -39.66 54.60 19.59
N VAL D 9 -39.58 53.35 20.02
CA VAL D 9 -39.61 52.20 19.12
C VAL D 9 -40.80 51.32 19.49
N SER D 10 -41.61 50.97 18.50
CA SER D 10 -42.71 50.04 18.69
C SER D 10 -42.46 48.78 17.88
N VAL D 11 -42.68 47.63 18.52
CA VAL D 11 -42.40 46.33 17.92
C VAL D 11 -43.71 45.57 17.79
N GLU D 12 -44.01 45.14 16.56
CA GLU D 12 -45.19 44.34 16.27
C GLU D 12 -44.76 42.93 15.88
N ILE D 13 -45.32 41.93 16.56
CA ILE D 13 -45.01 40.52 16.33
C ILE D 13 -46.26 39.85 15.81
N LYS D 14 -46.15 39.22 14.64
CA LYS D 14 -47.25 38.52 14.00
C LYS D 14 -46.87 37.06 13.81
N VAL D 15 -47.62 36.16 14.42
CA VAL D 15 -47.42 34.73 14.27
C VAL D 15 -48.50 34.21 13.34
N ALA D 16 -48.09 33.74 12.16
CA ALA D 16 -49.02 33.26 11.12
C ALA D 16 -50.04 34.32 10.75
N GLY D 17 -49.61 35.59 10.78
CA GLY D 17 -50.46 36.69 10.39
C GLY D 17 -51.32 37.27 11.51
N LYS D 18 -51.31 36.68 12.69
CA LYS D 18 -52.11 37.15 13.80
C LYS D 18 -51.23 37.91 14.79
N VAL D 19 -51.71 39.06 15.25
CA VAL D 19 -50.93 39.87 16.17
C VAL D 19 -50.70 39.10 17.46
N CYS D 20 -49.44 39.02 17.87
CA CYS D 20 -49.05 38.25 19.05
C CYS D 20 -48.92 39.19 20.24
N ASP D 21 -49.53 38.81 21.35
CA ASP D 21 -49.43 39.57 22.60
C ASP D 21 -48.25 39.03 23.39
N TYR D 22 -47.11 39.70 23.27
CA TYR D 22 -45.86 39.21 23.84
C TYR D 22 -45.49 39.98 25.10
N VAL D 23 -45.08 39.25 26.12
CA VAL D 23 -44.60 39.88 27.34
C VAL D 23 -43.18 40.39 27.14
N THR D 24 -42.30 39.54 26.60
CA THR D 24 -40.91 39.91 26.36
C THR D 24 -40.46 39.35 25.02
N MET D 25 -39.44 39.98 24.46
CA MET D 25 -38.89 39.60 23.18
C MET D 25 -37.38 39.69 23.21
N GLU D 26 -36.72 38.72 22.60
CA GLU D 26 -35.30 38.79 22.30
C GLU D 26 -35.11 38.38 20.85
N LEU D 27 -34.21 39.07 20.15
CA LEU D 27 -33.89 38.76 18.77
C LEU D 27 -32.41 38.95 18.55
N PHE D 28 -31.79 38.02 17.83
CA PHE D 28 -30.36 38.04 17.57
C PHE D 28 -30.13 37.79 16.09
N GLN D 29 -29.50 38.74 15.42
CA GLN D 29 -29.15 38.62 14.02
C GLN D 29 -27.64 38.64 13.87
N SER D 30 -27.14 37.88 12.90
CA SER D 30 -25.71 37.80 12.67
C SER D 30 -25.45 37.49 11.21
N VAL D 31 -24.28 37.93 10.72
CA VAL D 31 -23.87 37.63 9.35
C VAL D 31 -23.06 36.34 9.25
N SER D 32 -22.83 35.66 10.37
CA SER D 32 -22.04 34.45 10.38
C SER D 32 -22.73 33.25 11.02
N THR D 33 -23.80 33.45 11.78
CA THR D 33 -24.52 32.34 12.39
C THR D 33 -26.02 32.58 12.23
N HIS D 34 -26.82 31.77 12.90
CA HIS D 34 -28.26 31.85 12.76
C HIS D 34 -28.82 33.07 13.48
N HIS D 35 -29.89 33.62 12.92
CA HIS D 35 -30.76 34.51 13.69
C HIS D 35 -31.59 33.67 14.63
N ARG D 36 -31.79 34.16 15.85
CA ARG D 36 -32.53 33.43 16.86
C ARG D 36 -33.42 34.40 17.63
N PHE D 37 -34.71 34.08 17.75
CA PHE D 37 -35.59 34.89 18.57
C PHE D 37 -36.18 34.03 19.67
N LYS D 38 -36.56 34.72 20.76
CA LYS D 38 -37.25 34.11 21.89
C LYS D 38 -38.37 35.06 22.29
N ILE D 39 -39.61 34.64 22.05
CA ILE D 39 -40.79 35.46 22.33
C ILE D 39 -41.57 34.81 23.44
N LYS D 40 -41.94 35.60 24.45
CA LYS D 40 -42.76 35.10 25.56
C LYS D 40 -44.18 35.60 25.36
N VAL D 41 -45.05 34.73 24.86
CA VAL D 41 -46.41 35.12 24.50
C VAL D 41 -47.28 35.13 25.74
N ASN D 42 -48.00 36.24 25.95
CA ASN D 42 -48.85 36.39 27.11
C ASN D 42 -50.19 35.72 26.90
N TYR D 43 -50.78 35.23 27.99
CA TYR D 43 -52.11 34.63 27.98
C TYR D 43 -52.94 35.30 29.06
N ARG D 44 -53.88 36.14 28.65
CA ARG D 44 -54.65 36.93 29.60
C ARG D 44 -55.60 36.05 30.41
N PRO D 45 -55.93 36.47 31.64
CA PRO D 45 -56.85 35.66 32.46
C PRO D 45 -58.23 35.47 31.85
N ASP D 46 -58.74 36.45 31.10
CA ASP D 46 -60.07 36.31 30.53
C ASP D 46 -60.12 35.31 29.39
N LYS D 47 -59.02 35.16 28.65
CA LYS D 47 -58.93 34.18 27.59
C LYS D 47 -58.63 32.79 28.15
N PRO D 48 -58.99 31.73 27.42
CA PRO D 48 -58.69 30.38 27.89
C PRO D 48 -57.18 30.17 28.04
N SER D 49 -56.81 29.45 29.09
CA SER D 49 -55.41 29.26 29.43
C SER D 49 -54.74 28.31 28.43
N VAL D 50 -53.44 28.14 28.61
CA VAL D 50 -52.69 27.23 27.75
C VAL D 50 -53.09 25.79 28.01
N TRP D 51 -53.52 25.48 29.24
CA TRP D 51 -53.97 24.12 29.54
C TRP D 51 -55.36 23.84 29.00
N ALA D 52 -56.22 24.85 28.90
CA ALA D 52 -57.51 24.69 28.23
C ALA D 52 -57.30 24.36 26.75
N ILE D 53 -56.38 25.09 26.12
CA ILE D 53 -56.09 24.87 24.67
C ILE D 53 -55.35 23.53 24.54
N GLY D 54 -54.30 23.33 25.33
CA GLY D 54 -53.50 22.09 25.24
C GLY D 54 -52.19 22.32 24.51
N PRO D 55 -51.03 21.98 25.11
CA PRO D 55 -49.73 22.26 24.50
C PRO D 55 -49.65 21.69 23.08
N ASP D 56 -50.14 20.46 22.87
CA ASP D 56 -50.08 19.80 21.54
C ASP D 56 -50.76 20.71 20.51
N VAL D 57 -51.93 21.26 20.85
CA VAL D 57 -52.64 22.18 19.91
C VAL D 57 -51.76 23.41 19.68
N ILE D 58 -51.18 23.96 20.75
CA ILE D 58 -50.26 25.13 20.63
C ILE D 58 -49.04 24.71 19.81
N PHE D 59 -48.63 23.44 19.93
CA PHE D 59 -47.42 22.96 19.23
C PHE D 59 -47.61 23.06 17.71
N LYS D 60 -48.85 23.01 17.23
CA LYS D 60 -49.07 23.08 15.78
C LYS D 60 -48.44 24.31 15.17
N GLN D 61 -47.97 25.25 15.99
CA GLN D 61 -47.32 26.46 15.51
C GLN D 61 -45.86 26.24 15.12
N LEU D 62 -45.36 25.01 15.23
CA LEU D 62 -44.01 24.71 14.79
C LEU D 62 -43.90 24.89 13.27
N GLY D 63 -42.93 25.67 12.84
CA GLY D 63 -42.74 25.95 11.44
C GLY D 63 -43.56 27.08 10.89
N GLU D 64 -44.44 27.68 11.68
CA GLU D 64 -45.24 28.80 11.22
C GLU D 64 -44.41 30.07 11.12
N LYS D 65 -44.74 30.90 10.14
CA LYS D 65 -44.01 32.12 9.90
C LYS D 65 -44.21 33.11 11.04
N VAL D 66 -43.15 33.85 11.37
CA VAL D 66 -43.18 34.90 12.36
C VAL D 66 -42.62 36.17 11.72
N SER D 67 -43.35 37.27 11.84
CA SER D 67 -42.93 38.57 11.34
C SER D 67 -42.71 39.50 12.52
N ILE D 68 -41.55 40.16 12.54
CA ILE D 68 -41.20 41.10 13.60
C ILE D 68 -40.87 42.43 12.95
N ILE D 69 -41.65 43.46 13.26
CA ILE D 69 -41.45 44.79 12.69
C ILE D 69 -41.17 45.75 13.84
N MET D 70 -39.94 46.26 13.91
CA MET D 70 -39.58 47.28 14.88
C MET D 70 -39.45 48.62 14.16
N THR D 71 -40.29 49.58 14.53
CA THR D 71 -40.33 50.87 13.86
C THR D 71 -40.01 51.99 14.84
N HIS D 72 -39.17 52.92 14.39
CA HIS D 72 -38.79 54.11 15.15
C HIS D 72 -39.78 55.22 14.85
N HIS D 73 -40.50 55.68 15.89
CA HIS D 73 -41.60 56.61 15.68
C HIS D 73 -41.11 57.95 15.14
N GLU D 74 -40.03 58.49 15.71
CA GLU D 74 -39.58 59.81 15.30
C GLU D 74 -38.97 59.78 13.91
N SER D 75 -38.10 58.80 13.63
CA SER D 75 -37.41 58.76 12.34
C SER D 75 -38.23 58.08 11.27
N GLY D 76 -39.12 57.17 11.64
CA GLY D 76 -39.93 56.45 10.67
C GLY D 76 -39.24 55.27 10.02
N GLU D 77 -38.02 54.96 10.48
CA GLU D 77 -37.24 53.81 9.94
C GLU D 77 -37.82 52.51 10.50
N LYS D 78 -37.74 51.43 9.73
CA LYS D 78 -38.25 50.15 10.18
C LYS D 78 -37.23 49.05 9.94
N THR D 79 -37.15 48.12 10.89
CA THR D 79 -36.40 46.89 10.73
C THR D 79 -37.38 45.72 10.68
N GLU D 80 -37.24 44.87 9.67
CA GLU D 80 -38.17 43.80 9.39
C GLU D 80 -37.46 42.46 9.50
N PHE D 81 -38.06 41.51 10.20
CA PHE D 81 -37.54 40.16 10.32
C PHE D 81 -38.63 39.15 10.00
N HIS D 82 -38.27 38.12 9.25
CA HIS D 82 -39.20 37.04 8.89
C HIS D 82 -38.53 35.71 9.18
N GLY D 83 -39.06 34.98 10.16
CA GLY D 83 -38.49 33.69 10.53
C GLY D 83 -39.53 32.61 10.68
N LEU D 84 -39.14 31.44 11.18
CA LEU D 84 -40.06 30.33 11.43
C LEU D 84 -39.81 29.77 12.82
N ILE D 85 -40.89 29.33 13.47
CA ILE D 85 -40.81 28.79 14.82
C ILE D 85 -40.21 27.39 14.76
N SER D 86 -39.19 27.15 15.58
CA SER D 86 -38.52 25.85 15.65
C SER D 86 -38.71 25.13 16.96
N ASP D 87 -38.88 25.84 18.08
CA ASP D 87 -39.13 25.23 19.36
C ASP D 87 -40.24 25.98 20.09
N ILE D 88 -41.09 25.25 20.80
CA ILE D 88 -42.18 25.81 21.57
C ILE D 88 -42.13 25.21 22.97
N HIS D 89 -42.20 26.06 24.00
CA HIS D 89 -42.15 25.62 25.39
C HIS D 89 -43.38 26.17 26.10
N VAL D 90 -44.28 25.29 26.51
CA VAL D 90 -45.47 25.68 27.26
C VAL D 90 -45.14 25.48 28.74
N GLU D 91 -44.95 26.58 29.46
CA GLU D 91 -44.49 26.54 30.84
C GLU D 91 -45.59 26.99 31.78
N GLY D 92 -45.69 26.32 32.93
CA GLY D 92 -46.69 26.66 33.92
C GLY D 92 -46.09 26.95 35.29
N GLY D 98 -50.13 30.07 33.13
CA GLY D 98 -49.13 29.53 32.22
C GLY D 98 -48.84 30.45 31.05
N PHE D 99 -47.74 30.17 30.35
CA PHE D 99 -47.37 30.96 29.19
C PHE D 99 -46.70 30.05 28.17
N VAL D 100 -46.41 30.63 27.00
CA VAL D 100 -45.76 29.94 25.90
C VAL D 100 -44.52 30.73 25.52
N ILE D 101 -43.45 30.03 25.18
CA ILE D 101 -42.22 30.65 24.71
C ILE D 101 -41.90 30.06 23.34
N LEU D 102 -41.73 30.93 22.35
CA LEU D 102 -41.42 30.53 20.99
C LEU D 102 -39.96 30.86 20.70
N GLU D 103 -39.18 29.83 20.36
CA GLU D 103 -37.78 29.97 19.97
C GLU D 103 -37.68 29.52 18.52
N GLY D 104 -37.87 30.44 17.59
CA GLY D 104 -37.83 30.05 16.20
C GLY D 104 -36.57 30.38 15.42
N GLY D 105 -36.12 31.62 15.51
CA GLY D 105 -34.97 32.00 14.73
C GLY D 105 -35.26 32.14 13.24
N SER D 106 -34.18 32.22 12.47
CA SER D 106 -34.25 32.35 11.02
C SER D 106 -34.58 31.02 10.37
N PRO D 107 -35.04 31.05 9.11
CA PRO D 107 -35.33 29.78 8.41
C PRO D 107 -34.12 28.87 8.25
N THR D 108 -32.90 29.41 8.30
CA THR D 108 -31.71 28.58 8.19
C THR D 108 -31.53 27.67 9.39
N ILE D 109 -32.25 27.92 10.49
CA ILE D 109 -32.19 27.02 11.63
C ILE D 109 -32.77 25.66 11.28
N LEU D 110 -33.91 25.64 10.57
CA LEU D 110 -34.50 24.38 10.13
C LEU D 110 -33.69 23.73 9.02
N LEU D 111 -32.67 24.41 8.49
CA LEU D 111 -31.80 23.80 7.46
C LEU D 111 -30.58 23.17 8.13
N ASP D 112 -30.54 23.17 9.46
CA ASP D 112 -29.38 22.68 10.20
C ASP D 112 -29.75 21.52 11.11
N ARG D 113 -30.54 20.57 10.59
CA ARG D 113 -31.05 19.48 11.41
C ARG D 113 -31.07 18.15 10.66
N ASP D 114 -30.18 17.96 9.68
CA ASP D 114 -30.22 16.77 8.82
C ASP D 114 -28.82 16.44 8.31
N PRO D 115 -27.98 15.85 9.15
CA PRO D 115 -26.67 15.41 8.67
C PRO D 115 -26.79 14.28 7.66
N ALA D 116 -25.96 14.32 6.64
CA ALA D 116 -26.05 13.34 5.55
C ALA D 116 -24.78 13.34 4.73
N MET D 117 -24.61 12.27 3.95
CA MET D 117 -23.59 12.19 2.93
C MET D 117 -24.11 12.74 1.61
N ASP D 118 -23.23 13.40 0.87
CA ASP D 118 -23.54 13.83 -0.48
C ASP D 118 -22.25 14.21 -1.18
N CYS D 119 -22.33 14.34 -2.50
CA CYS D 119 -21.18 14.78 -3.27
C CYS D 119 -21.67 15.56 -4.49
N TYR D 120 -20.88 16.56 -4.87
CA TYR D 120 -21.15 17.37 -6.04
C TYR D 120 -19.92 17.35 -6.92
N VAL D 121 -20.08 16.88 -8.16
CA VAL D 121 -18.99 16.68 -9.10
C VAL D 121 -19.13 17.70 -10.22
N GLU D 122 -18.09 18.49 -10.44
CA GLU D 122 -18.03 19.47 -11.52
C GLU D 122 -19.23 20.41 -11.49
N GLN D 123 -19.39 21.09 -10.34
CA GLN D 123 -20.45 22.07 -10.16
C GLN D 123 -19.84 23.36 -9.62
N ASN D 124 -20.54 24.46 -9.84
CA ASN D 124 -20.15 25.74 -9.25
C ASN D 124 -20.95 25.98 -7.98
N LEU D 125 -20.62 27.06 -7.28
CA LEU D 125 -21.26 27.35 -6.00
C LEU D 125 -22.76 27.60 -6.17
N ASN D 126 -23.14 28.25 -7.27
CA ASN D 126 -24.55 28.52 -7.51
C ASN D 126 -25.35 27.24 -7.62
N THR D 127 -24.85 26.26 -8.39
CA THR D 127 -25.57 25.00 -8.56
C THR D 127 -25.65 24.21 -7.27
N ILE D 128 -24.56 24.16 -6.51
CA ILE D 128 -24.58 23.43 -5.24
C ILE D 128 -25.57 24.06 -4.27
N VAL D 129 -25.55 25.39 -4.18
CA VAL D 129 -26.48 26.09 -3.29
C VAL D 129 -27.92 25.84 -3.71
N SER D 130 -28.20 25.94 -5.02
CA SER D 130 -29.55 25.71 -5.50
C SER D 130 -30.00 24.28 -5.24
N ASP D 131 -29.11 23.31 -5.44
CA ASP D 131 -29.45 21.91 -5.17
C ASP D 131 -29.77 21.70 -3.70
N ILE D 132 -28.95 22.26 -2.81
CA ILE D 132 -29.17 22.10 -1.37
C ILE D 132 -30.50 22.74 -0.96
N LEU D 133 -30.79 23.92 -1.49
CA LEU D 133 -32.02 24.61 -1.09
C LEU D 133 -33.26 23.97 -1.72
N ASP D 134 -33.11 23.34 -2.89
CA ASP D 134 -34.23 22.68 -3.52
C ASP D 134 -34.56 21.36 -2.83
N LYS D 135 -33.53 20.64 -2.37
CA LYS D 135 -33.79 19.38 -1.69
C LYS D 135 -34.49 19.57 -0.36
N SER D 136 -34.47 20.77 0.20
CA SER D 136 -35.08 21.03 1.50
C SER D 136 -36.51 21.55 1.34
N GLY D 137 -37.29 21.38 2.40
CA GLY D 137 -38.67 21.82 2.43
C GLY D 137 -38.92 23.12 3.15
N VAL D 138 -37.88 23.93 3.38
CA VAL D 138 -38.02 25.23 4.01
C VAL D 138 -38.05 26.28 2.90
N LYS D 139 -39.17 26.99 2.78
CA LYS D 139 -39.35 27.96 1.70
C LYS D 139 -38.89 29.34 2.18
N MET D 140 -37.84 29.86 1.56
CA MET D 140 -37.35 31.18 1.88
C MET D 140 -36.75 31.82 0.63
N ASN D 141 -36.82 33.14 0.57
CA ASN D 141 -36.26 33.87 -0.56
C ASN D 141 -34.74 33.82 -0.51
N VAL D 142 -34.12 33.63 -1.67
CA VAL D 142 -32.68 33.46 -1.77
C VAL D 142 -32.15 34.31 -2.91
N THR D 143 -31.10 35.07 -2.64
CA THR D 143 -30.38 35.84 -3.64
C THR D 143 -29.04 35.12 -3.87
N ASN D 144 -29.05 34.16 -4.78
CA ASN D 144 -27.91 33.29 -5.01
C ASN D 144 -27.02 33.90 -6.07
N ASN D 145 -26.10 34.76 -5.64
CA ASN D 145 -25.11 35.38 -6.53
C ASN D 145 -23.73 35.27 -5.89
N PRO D 146 -23.18 34.06 -5.82
CA PRO D 146 -21.83 33.92 -5.27
C PRO D 146 -20.78 34.43 -6.25
N LYS D 147 -19.75 35.07 -5.69
CA LYS D 147 -18.74 35.71 -6.52
C LYS D 147 -17.92 34.70 -7.32
N HIS D 148 -17.56 33.59 -6.69
CA HIS D 148 -16.77 32.55 -7.35
C HIS D 148 -17.69 31.71 -8.22
N THR D 149 -17.70 31.99 -9.53
CA THR D 149 -18.56 31.29 -10.47
C THR D 149 -17.87 30.12 -11.16
N ASP D 150 -16.57 29.93 -10.95
CA ASP D 150 -15.88 28.79 -11.51
C ASP D 150 -16.42 27.50 -10.92
N ILE D 151 -16.42 26.44 -11.73
CA ILE D 151 -16.91 25.15 -11.26
C ILE D 151 -15.84 24.49 -10.40
N ILE D 152 -16.28 23.65 -9.48
CA ILE D 152 -15.40 22.96 -8.54
C ILE D 152 -15.44 21.48 -8.86
N PRO D 153 -14.30 20.82 -9.06
CA PRO D 153 -14.30 19.39 -9.41
C PRO D 153 -15.07 18.52 -8.43
N TYR D 154 -14.72 18.56 -7.15
CA TYR D 154 -15.34 17.68 -6.16
C TYR D 154 -15.62 18.44 -4.88
N VAL D 155 -16.85 18.34 -4.39
CA VAL D 155 -17.23 18.82 -3.07
C VAL D 155 -17.94 17.69 -2.35
N ALA D 156 -17.50 17.38 -1.14
CA ALA D 156 -18.09 16.30 -0.34
C ALA D 156 -18.81 16.87 0.87
N ARG D 157 -20.06 16.47 1.06
CA ARG D 157 -20.82 16.75 2.27
C ARG D 157 -20.72 15.51 3.16
N TYR D 158 -19.97 15.63 4.24
CA TYR D 158 -19.55 14.51 5.07
C TYR D 158 -20.14 14.70 6.47
N LYS D 159 -21.20 13.95 6.77
CA LYS D 159 -21.85 13.99 8.08
C LYS D 159 -22.28 15.41 8.44
N GLU D 160 -22.78 16.14 7.46
CA GLU D 160 -23.06 17.56 7.60
C GLU D 160 -24.53 17.83 7.28
N THR D 161 -25.13 18.73 8.05
CA THR D 161 -26.47 19.22 7.73
C THR D 161 -26.39 20.09 6.47
N SER D 162 -27.58 20.43 5.95
CA SER D 162 -27.63 21.30 4.78
C SER D 162 -26.99 22.65 5.09
N TYR D 163 -27.41 23.28 6.20
CA TYR D 163 -26.88 24.59 6.55
C TYR D 163 -25.40 24.51 6.88
N GLY D 164 -24.97 23.50 7.63
CA GLY D 164 -23.57 23.41 8.00
C GLY D 164 -22.67 23.22 6.79
N PHE D 165 -23.06 22.35 5.87
CA PHE D 165 -22.30 22.15 4.64
C PHE D 165 -22.26 23.45 3.83
N LEU D 166 -23.41 24.10 3.67
CA LEU D 166 -23.43 25.34 2.90
C LEU D 166 -22.57 26.42 3.55
N SER D 167 -22.63 26.52 4.87
CA SER D 167 -21.89 27.53 5.59
C SER D 167 -20.38 27.32 5.43
N ARG D 168 -19.91 26.10 5.69
CA ARG D 168 -18.47 25.85 5.58
C ARG D 168 -18.00 26.00 4.14
N LEU D 169 -18.82 25.58 3.16
CA LEU D 169 -18.39 25.65 1.77
C LEU D 169 -18.35 27.10 1.28
N LEU D 170 -19.36 27.90 1.62
CA LEU D 170 -19.40 29.27 1.15
C LEU D 170 -18.42 30.16 1.89
N ARG D 171 -18.13 29.88 3.16
CA ARG D 171 -17.12 30.64 3.85
C ARG D 171 -15.71 30.15 3.56
N SER D 172 -15.56 28.95 2.98
CA SER D 172 -14.26 28.53 2.50
C SER D 172 -13.84 29.32 1.26
N TYR D 173 -14.80 29.72 0.43
CA TYR D 173 -14.53 30.50 -0.77
C TYR D 173 -14.71 31.99 -0.56
N GLY D 174 -14.94 32.42 0.68
CA GLY D 174 -15.03 33.83 0.99
C GLY D 174 -16.35 34.48 0.66
N GLU D 175 -17.35 33.71 0.23
CA GLU D 175 -18.64 34.30 -0.10
C GLU D 175 -19.39 34.70 1.16
N TRP D 176 -20.13 35.79 1.06
CA TRP D 176 -21.05 36.15 2.13
C TRP D 176 -22.23 35.18 2.11
N PHE D 177 -22.60 34.69 3.28
CA PHE D 177 -23.69 33.72 3.39
C PHE D 177 -24.44 34.02 4.68
N TYR D 178 -25.55 34.75 4.57
CA TYR D 178 -26.26 35.12 5.79
C TYR D 178 -27.69 35.48 5.46
N TYR D 179 -28.55 35.36 6.47
CA TYR D 179 -29.92 35.83 6.38
C TYR D 179 -29.96 37.32 6.68
N ASN D 180 -30.66 38.09 5.85
CA ASN D 180 -30.74 39.53 6.01
C ASN D 180 -32.02 39.97 6.69
N GLY D 181 -32.78 39.04 7.26
CA GLY D 181 -34.05 39.32 7.88
C GLY D 181 -35.25 39.06 7.00
N GLU D 182 -35.05 39.05 5.68
CA GLU D 182 -36.11 38.70 4.75
C GLU D 182 -35.66 37.76 3.64
N THR D 183 -34.37 37.58 3.43
CA THR D 183 -33.85 36.80 2.31
C THR D 183 -32.51 36.19 2.71
N LEU D 184 -32.25 34.98 2.21
CA LEU D 184 -30.97 34.33 2.41
C LEU D 184 -30.00 34.84 1.35
N GLN D 185 -29.16 35.81 1.73
CA GLN D 185 -28.20 36.41 0.83
C GLN D 185 -26.96 35.55 0.75
N ILE D 186 -26.63 35.08 -0.45
CA ILE D 186 -25.39 34.38 -0.73
C ILE D 186 -24.57 35.27 -1.66
N GLY D 187 -23.38 35.64 -1.23
CA GLY D 187 -22.55 36.60 -1.94
C GLY D 187 -22.71 38.01 -1.43
N ASN D 188 -21.78 38.85 -1.82
CA ASN D 188 -21.77 40.24 -1.36
C ASN D 188 -22.97 40.97 -1.95
N PRO D 189 -23.79 41.64 -1.12
CA PRO D 189 -24.94 42.42 -1.57
C PRO D 189 -24.54 43.55 -2.53
N ASP D 202 -26.64 57.87 17.42
CA ASP D 202 -26.86 58.27 18.81
C ASP D 202 -26.72 57.08 19.74
N LEU D 203 -25.49 56.64 19.97
CA LEU D 203 -25.25 55.46 20.77
C LEU D 203 -25.45 55.75 22.25
N THR D 204 -25.79 54.70 23.00
CA THR D 204 -25.92 54.75 24.45
C THR D 204 -24.63 54.35 25.15
N GLY D 205 -24.03 53.25 24.71
CA GLY D 205 -22.70 52.86 25.15
C GLY D 205 -21.85 52.52 23.95
N VAL D 206 -20.55 52.35 24.20
CA VAL D 206 -19.61 52.00 23.14
C VAL D 206 -18.39 51.37 23.76
N SER D 207 -17.72 50.52 22.99
CA SER D 207 -16.54 49.80 23.47
C SER D 207 -15.71 49.42 22.25
N ILE D 208 -14.60 50.11 22.05
CA ILE D 208 -13.69 49.82 20.95
C ILE D 208 -12.53 49.00 21.48
N ASN D 209 -12.20 47.92 20.79
CA ASN D 209 -11.18 47.00 21.24
C ASN D 209 -10.11 46.80 20.18
N ALA D 210 -8.86 46.68 20.63
CA ALA D 210 -7.73 46.42 19.76
C ALA D 210 -6.97 45.20 20.26
N THR D 211 -6.46 44.40 19.32
CA THR D 211 -5.74 43.18 19.63
C THR D 211 -4.45 43.13 18.85
N ILE D 212 -3.49 42.36 19.36
CA ILE D 212 -2.26 42.07 18.64
C ILE D 212 -2.46 40.77 17.88
N ARG D 213 -2.39 40.83 16.55
CA ARG D 213 -2.57 39.67 15.69
C ARG D 213 -1.46 39.63 14.67
N SER D 214 -1.17 38.43 14.17
CA SER D 214 -0.08 38.22 13.24
C SER D 214 -0.60 38.35 11.81
N LEU D 215 -0.01 39.26 11.05
CA LEU D 215 -0.25 39.36 9.61
C LEU D 215 0.87 38.74 8.80
N ASN D 216 1.82 38.07 9.46
CA ASN D 216 2.92 37.41 8.78
C ASN D 216 2.62 35.92 8.64
N HIS D 217 1.71 35.63 7.72
CA HIS D 217 1.25 34.27 7.47
C HIS D 217 1.17 34.03 5.97
N SER D 218 1.27 32.76 5.60
CA SER D 218 1.23 32.37 4.19
C SER D 218 0.52 31.04 4.07
N THR D 219 -0.01 30.79 2.88
CA THR D 219 -0.75 29.58 2.55
C THR D 219 -0.07 28.86 1.41
N TYR D 220 -0.05 27.53 1.48
CA TYR D 220 0.52 26.72 0.41
C TYR D 220 -0.48 25.64 0.00
N GLU D 221 -0.33 25.19 -1.24
CA GLU D 221 -1.18 24.12 -1.76
C GLU D 221 -0.50 23.49 -2.96
N PHE D 222 -0.39 22.16 -2.96
CA PHE D 222 0.16 21.43 -4.10
C PHE D 222 -0.97 20.89 -4.94
N ASP D 223 -0.92 21.16 -6.25
CA ASP D 223 -1.86 20.57 -7.19
C ASP D 223 -1.16 19.47 -7.97
N PRO D 224 -1.45 18.20 -7.70
CA PRO D 224 -0.81 17.13 -8.46
C PRO D 224 -1.38 16.97 -9.86
N VAL D 225 -2.64 17.35 -10.08
CA VAL D 225 -3.23 17.23 -11.40
C VAL D 225 -2.56 18.19 -12.38
N ASN D 226 -2.20 19.38 -11.91
CA ASN D 226 -1.50 20.35 -12.72
C ASN D 226 0.00 20.40 -12.43
N ASP D 227 0.46 19.64 -11.44
CA ASP D 227 1.87 19.60 -11.05
C ASP D 227 2.39 21.01 -10.76
N LYS D 228 1.72 21.69 -9.83
CA LYS D 228 2.09 23.05 -9.50
C LYS D 228 2.08 23.24 -7.98
N PHE D 229 2.86 24.20 -7.52
CA PHE D 229 2.89 24.61 -6.13
C PHE D 229 2.39 26.03 -6.03
N TYR D 230 1.29 26.23 -5.31
CA TYR D 230 0.68 27.54 -5.13
C TYR D 230 1.07 28.07 -3.76
N TYR D 231 1.62 29.28 -3.74
CA TYR D 231 2.07 29.94 -2.53
C TYR D 231 1.45 31.33 -2.51
N ASP D 232 0.82 31.69 -1.40
CA ASP D 232 0.19 32.99 -1.25
C ASP D 232 0.61 33.61 0.07
N TYR D 233 1.34 34.72 -0.01
CA TYR D 233 1.69 35.49 1.18
C TYR D 233 0.55 36.42 1.56
N SER D 234 0.62 36.94 2.79
CA SER D 234 -0.45 37.78 3.31
C SER D 234 -0.68 38.99 2.42
N GLY D 235 -1.95 39.33 2.21
CA GLY D 235 -2.33 40.41 1.32
C GLY D 235 -2.17 41.78 1.92
N THR D 236 -3.00 42.71 1.46
CA THR D 236 -2.99 44.10 1.90
C THR D 236 -4.39 44.49 2.36
N PRO D 237 -4.51 45.33 3.38
CA PRO D 237 -5.83 45.62 3.96
C PRO D 237 -6.62 46.62 3.13
N LYS D 238 -7.95 46.49 3.21
CA LYS D 238 -8.88 47.43 2.62
C LYS D 238 -9.68 48.17 3.68
N GLY D 239 -10.35 47.44 4.57
CA GLY D 239 -11.14 48.03 5.63
C GLY D 239 -10.36 48.26 6.90
N ALA D 240 -9.53 49.30 6.93
CA ALA D 240 -8.70 49.62 8.08
C ALA D 240 -9.13 50.95 8.67
N THR D 241 -9.37 50.97 9.98
CA THR D 241 -9.62 52.21 10.71
C THR D 241 -8.35 52.64 11.44
N LEU D 242 -8.47 53.69 12.24
CA LEU D 242 -7.31 54.17 13.00
C LEU D 242 -6.83 53.12 14.00
N GLY D 243 -7.77 52.48 14.69
CA GLY D 243 -7.39 51.43 15.62
C GLY D 243 -6.78 50.23 14.93
N SER D 244 -7.29 49.87 13.76
CA SER D 244 -6.71 48.76 13.01
C SER D 244 -5.27 49.05 12.62
N ARG D 245 -5.01 50.27 12.13
CA ARG D 245 -3.65 50.64 11.76
C ARG D 245 -2.74 50.68 12.97
N SER D 246 -3.22 51.22 14.09
CA SER D 246 -2.41 51.26 15.30
C SER D 246 -2.05 49.85 15.78
N ALA D 247 -3.04 48.96 15.80
CA ALA D 247 -2.80 47.58 16.22
C ALA D 247 -1.85 46.87 15.26
N GLU D 248 -2.01 47.10 13.97
CA GLU D 248 -1.11 46.49 12.98
C GLU D 248 0.32 46.97 13.16
N LYS D 249 0.50 48.27 13.38
CA LYS D 249 1.83 48.81 13.58
C LYS D 249 2.45 48.29 14.87
N CYS D 250 1.64 48.15 15.93
CA CYS D 250 2.16 47.63 17.19
C CYS D 250 2.54 46.16 17.08
N SER D 251 1.78 45.37 16.31
CA SER D 251 2.05 43.95 16.19
C SER D 251 3.01 43.60 15.07
N GLU D 252 3.43 44.58 14.27
CA GLU D 252 4.34 44.29 13.17
C GLU D 252 5.68 43.71 13.63
N PRO D 253 6.40 44.27 14.59
CA PRO D 253 7.70 43.71 14.96
C PRO D 253 7.63 42.48 15.85
N ILE D 254 6.43 42.07 16.27
CA ILE D 254 6.29 40.94 17.18
C ILE D 254 6.36 39.62 16.43
N PHE D 255 5.99 39.60 15.15
CA PHE D 255 5.95 38.39 14.34
C PHE D 255 6.87 38.57 13.14
N PRO D 256 8.18 38.36 13.30
CA PRO D 256 9.10 38.49 12.17
C PRO D 256 9.16 37.25 11.29
N THR D 257 8.74 36.10 11.78
CA THR D 257 8.82 34.85 11.03
C THR D 257 7.44 34.50 10.49
N GLU D 258 7.38 34.16 9.20
CA GLU D 258 6.12 33.87 8.56
C GLU D 258 5.65 32.46 8.90
N ALA D 259 4.34 32.31 9.05
CA ALA D 259 3.73 31.05 9.45
C ALA D 259 3.07 30.43 8.23
N LYS D 260 3.58 29.26 7.81
CA LYS D 260 3.07 28.59 6.63
C LYS D 260 1.99 27.60 7.02
N LEU D 261 0.84 27.67 6.36
CA LEU D 261 -0.25 26.76 6.63
C LEU D 261 -0.83 26.24 5.33
N PRO D 262 -1.42 25.04 5.35
CA PRO D 262 -2.11 24.54 4.16
C PRO D 262 -3.53 25.08 4.08
N SER D 263 -4.04 25.12 2.86
CA SER D 263 -5.41 25.55 2.65
C SER D 263 -6.39 24.52 3.21
N MET D 264 -7.42 25.01 3.89
CA MET D 264 -8.44 24.12 4.42
C MET D 264 -9.20 23.41 3.29
N ARG D 265 -9.50 24.13 2.23
CA ARG D 265 -10.15 23.61 1.04
C ARG D 265 -9.15 23.48 -0.10
N PRO D 266 -9.34 22.52 -0.98
CA PRO D 266 -8.43 22.39 -2.13
C PRO D 266 -8.50 23.60 -3.05
N ALA D 267 -7.37 23.93 -3.65
CA ALA D 267 -7.25 25.01 -4.63
C ALA D 267 -6.73 24.43 -5.93
N TYR D 268 -7.39 24.75 -7.03
CA TYR D 268 -7.08 24.17 -8.33
C TYR D 268 -6.37 25.15 -9.26
N SER D 269 -6.01 26.33 -8.76
CA SER D 269 -5.27 27.32 -9.55
C SER D 269 -4.57 28.27 -8.60
N ALA D 270 -3.60 29.00 -9.15
CA ALA D 270 -2.91 30.03 -8.36
C ALA D 270 -3.86 31.13 -7.94
N MET D 271 -4.77 31.52 -8.84
CA MET D 271 -5.75 32.55 -8.50
C MET D 271 -6.70 32.06 -7.41
N ASP D 272 -7.02 30.77 -7.40
CA ASP D 272 -7.86 30.20 -6.35
C ASP D 272 -7.20 30.35 -4.99
N LEU D 273 -5.92 30.02 -4.89
CA LEU D 273 -5.22 30.18 -3.63
C LEU D 273 -5.02 31.64 -3.28
N GLU D 274 -4.88 32.51 -4.28
CA GLU D 274 -4.84 33.94 -4.01
C GLU D 274 -6.13 34.40 -3.35
N HIS D 275 -7.28 33.93 -3.85
CA HIS D 275 -8.55 34.26 -3.23
C HIS D 275 -8.64 33.70 -1.81
N TYR D 276 -8.21 32.46 -1.61
CA TYR D 276 -8.28 31.84 -0.29
C TYR D 276 -7.42 32.61 0.71
N GLY D 277 -6.18 32.92 0.34
CA GLY D 277 -5.30 33.66 1.22
C GLY D 277 -5.77 35.07 1.47
N ASP D 278 -6.38 35.70 0.46
CA ASP D 278 -6.94 37.03 0.65
C ASP D 278 -8.09 37.02 1.66
N ALA D 279 -8.98 36.04 1.54
CA ALA D 279 -10.07 35.93 2.51
C ALA D 279 -9.53 35.68 3.90
N GLY D 280 -8.55 34.79 4.03
CA GLY D 280 -7.95 34.55 5.34
C GLY D 280 -7.30 35.79 5.92
N PHE D 281 -6.54 36.53 5.09
CA PHE D 281 -5.87 37.72 5.57
C PHE D 281 -6.87 38.78 6.01
N HIS D 282 -7.94 38.98 5.23
CA HIS D 282 -8.92 39.99 5.60
C HIS D 282 -9.66 39.60 6.87
N ARG D 283 -9.98 38.32 7.03
CA ARG D 283 -10.60 37.86 8.27
C ARG D 283 -9.68 38.09 9.46
N ASN D 284 -8.39 37.80 9.30
CA ASN D 284 -7.43 38.03 10.37
C ASN D 284 -7.31 39.52 10.69
N TYR D 285 -7.25 40.36 9.66
CA TYR D 285 -7.02 41.79 9.85
C TYR D 285 -8.23 42.46 10.48
N SER D 286 -9.44 42.01 10.13
CA SER D 286 -10.65 42.65 10.62
C SER D 286 -10.83 42.53 12.12
N GLN D 287 -10.10 41.63 12.77
CA GLN D 287 -10.17 41.47 14.21
C GLN D 287 -9.12 42.26 14.97
N LEU D 288 -8.28 43.03 14.27
CA LEU D 288 -7.29 43.86 14.96
C LEU D 288 -7.97 44.91 15.81
N SER D 289 -9.02 45.53 15.29
CA SER D 289 -9.81 46.48 16.06
C SER D 289 -11.28 46.30 15.69
N GLN D 290 -12.13 46.17 16.69
CA GLN D 290 -13.57 45.98 16.48
C GLN D 290 -14.34 46.88 17.44
N ILE D 291 -15.66 46.94 17.24
CA ILE D 291 -16.51 47.82 18.03
C ILE D 291 -17.68 47.02 18.59
N LYS D 292 -18.10 47.37 19.81
CA LYS D 292 -19.37 46.97 20.38
C LYS D 292 -20.12 48.22 20.78
N ALA D 293 -21.45 48.22 20.64
CA ALA D 293 -22.19 49.44 20.92
C ALA D 293 -23.60 49.11 21.36
N SER D 294 -24.22 50.08 22.02
CA SER D 294 -25.60 49.99 22.48
C SER D 294 -26.37 51.18 21.95
N SER D 295 -27.68 51.02 21.83
CA SER D 295 -28.53 52.05 21.25
C SER D 295 -29.98 51.71 21.56
N ARG D 296 -30.88 52.56 21.07
CA ARG D 296 -32.32 52.34 21.12
C ARG D 296 -32.96 52.73 19.79
N TYR D 297 -32.23 52.56 18.70
CA TYR D 297 -32.62 53.06 17.39
C TYR D 297 -32.72 51.91 16.40
N CYS D 298 -33.87 51.83 15.72
CA CYS D 298 -34.11 50.78 14.72
C CYS D 298 -33.72 51.23 13.32
N GLY D 299 -32.51 51.75 13.18
CA GLY D 299 -31.99 52.11 11.89
C GLY D 299 -30.70 51.38 11.64
N ILE D 300 -30.08 50.92 12.73
CA ILE D 300 -28.91 50.06 12.67
C ILE D 300 -29.40 48.65 12.34
N ARG D 301 -29.11 48.19 11.14
CA ARG D 301 -29.55 46.88 10.68
C ARG D 301 -28.33 46.02 10.37
N LEU D 302 -28.58 44.70 10.33
CA LEU D 302 -27.50 43.75 10.08
C LEU D 302 -26.88 43.97 8.70
N GLY D 303 -25.55 43.97 8.65
CA GLY D 303 -24.83 44.12 7.40
C GLY D 303 -24.77 45.53 6.86
N GLU D 304 -25.14 46.53 7.65
CA GLU D 304 -25.10 47.93 7.21
C GLU D 304 -23.87 48.62 7.77
N LEU D 305 -23.62 49.82 7.25
CA LEU D 305 -22.47 50.63 7.65
C LEU D 305 -22.95 51.78 8.52
N VAL D 306 -22.33 51.93 9.69
CA VAL D 306 -22.65 53.02 10.60
C VAL D 306 -21.37 53.78 10.91
N VAL D 307 -21.54 55.05 11.27
CA VAL D 307 -20.42 55.91 11.66
C VAL D 307 -20.52 56.10 13.17
N THR D 308 -19.55 55.57 13.89
CA THR D 308 -19.59 55.62 15.35
C THR D 308 -19.04 56.96 15.82
N ARG D 309 -19.85 57.72 16.55
CA ARG D 309 -19.48 59.04 17.02
C ARG D 309 -19.67 59.10 18.53
N VAL D 310 -18.72 59.74 19.21
CA VAL D 310 -18.81 59.93 20.66
C VAL D 310 -19.90 60.95 20.96
N PRO D 311 -20.91 60.59 21.75
CA PRO D 311 -21.99 61.51 22.13
C PRO D 311 -21.52 62.61 23.06
N THR D 320 -13.55 62.87 17.68
CA THR D 320 -14.93 62.61 18.10
C THR D 320 -15.55 61.49 17.26
N ASP D 321 -14.85 61.09 16.21
CA ASP D 321 -15.30 60.04 15.31
C ASP D 321 -14.49 58.78 15.56
N LEU D 322 -15.17 57.67 15.85
CA LEU D 322 -14.50 56.41 16.13
C LEU D 322 -14.29 55.55 14.89
N GLY D 323 -14.99 55.83 13.80
CA GLY D 323 -14.78 55.14 12.54
C GLY D 323 -16.07 54.60 11.96
N ARG D 324 -15.94 54.09 10.74
CA ARG D 324 -17.04 53.47 10.01
C ARG D 324 -16.97 51.96 10.20
N TYR D 325 -18.07 51.35 10.59
CA TYR D 325 -18.11 49.94 10.92
C TYR D 325 -19.29 49.27 10.26
N ARG D 326 -19.07 48.04 9.78
CA ARG D 326 -20.13 47.20 9.28
C ARG D 326 -20.68 46.34 10.41
N ILE D 327 -22.00 46.36 10.59
CA ILE D 327 -22.63 45.64 11.69
C ILE D 327 -22.60 44.16 11.38
N THR D 328 -21.87 43.39 12.20
CA THR D 328 -21.78 41.95 11.98
C THR D 328 -22.78 41.16 12.80
N GLU D 329 -23.17 41.65 13.98
CA GLU D 329 -24.23 41.01 14.74
C GLU D 329 -24.94 42.07 15.57
N ILE D 330 -26.24 41.88 15.77
CA ILE D 330 -27.06 42.89 16.48
C ILE D 330 -28.15 42.18 17.28
N THR D 331 -28.45 42.68 18.48
CA THR D 331 -29.50 42.07 19.33
C THR D 331 -30.66 43.05 19.52
N HIS D 332 -31.89 42.56 19.42
CA HIS D 332 -33.09 43.43 19.62
C HIS D 332 -33.86 42.92 20.83
N THR D 333 -33.90 43.71 21.90
CA THR D 333 -34.55 43.23 23.15
C THR D 333 -35.72 44.15 23.54
N VAL D 334 -36.88 43.55 23.82
CA VAL D 334 -38.02 44.27 24.47
C VAL D 334 -38.30 43.58 25.82
N ASP D 335 -38.21 44.34 26.93
CA ASP D 335 -38.45 43.78 28.25
C ASP D 335 -39.94 43.79 28.55
N GLY D 336 -40.30 43.44 29.78
CA GLY D 336 -41.71 43.40 30.16
C GLY D 336 -42.35 44.77 30.13
N GLN D 337 -41.60 45.80 30.52
CA GLN D 337 -42.11 47.17 30.52
C GLN D 337 -42.32 47.70 29.11
N GLY D 338 -41.81 47.02 28.08
CA GLY D 338 -41.97 47.46 26.73
C GLY D 338 -40.87 48.33 26.18
N ARG D 339 -39.76 48.47 26.91
CA ARG D 339 -38.69 49.36 26.49
C ARG D 339 -37.73 48.60 25.57
N TYR D 340 -37.47 49.17 24.40
CA TYR D 340 -36.65 48.53 23.39
C TYR D 340 -35.20 48.97 23.53
N SER D 341 -34.30 48.01 23.67
CA SER D 341 -32.87 48.27 23.72
C SER D 341 -32.20 47.59 22.53
N ASN D 342 -30.92 47.90 22.34
CA ASN D 342 -30.20 47.44 21.17
C ASN D 342 -28.73 47.27 21.53
N THR D 343 -28.17 46.11 21.21
CA THR D 343 -26.75 45.85 21.38
C THR D 343 -26.23 45.21 20.11
N PHE D 344 -25.14 45.76 19.56
CA PHE D 344 -24.60 45.23 18.32
C PHE D 344 -23.08 45.31 18.35
N CYS D 345 -22.46 44.62 17.39
CA CYS D 345 -21.02 44.65 17.22
C CYS D 345 -20.69 44.88 15.75
N GLY D 346 -19.54 45.47 15.52
CA GLY D 346 -19.17 45.90 14.19
C GLY D 346 -17.71 45.64 13.89
N VAL D 347 -17.45 45.31 12.63
CA VAL D 347 -16.12 45.05 12.09
C VAL D 347 -15.72 46.30 11.33
N PRO D 348 -14.44 46.58 11.13
CA PRO D 348 -14.06 47.76 10.34
C PRO D 348 -14.72 47.77 8.98
N GLY D 349 -15.40 48.88 8.67
CA GLY D 349 -16.05 49.00 7.38
C GLY D 349 -15.06 48.96 6.24
N GLY D 350 -15.49 48.40 5.12
CA GLY D 350 -14.59 48.12 4.03
C GLY D 350 -13.95 46.75 4.07
N THR D 351 -14.17 45.99 5.13
CA THR D 351 -13.67 44.62 5.19
C THR D 351 -14.41 43.77 4.17
N PRO D 352 -13.70 43.06 3.30
CA PRO D 352 -14.38 42.32 2.23
C PRO D 352 -15.08 41.05 2.70
N VAL D 353 -14.57 40.38 3.74
CA VAL D 353 -15.08 39.09 4.16
C VAL D 353 -15.59 39.16 5.59
N MET D 354 -16.76 38.59 5.82
CA MET D 354 -17.41 38.51 7.11
C MET D 354 -16.77 37.42 7.98
N PRO D 355 -17.02 37.37 9.32
CA PRO D 355 -16.35 36.39 10.18
C PRO D 355 -16.60 34.92 9.81
N TRP D 356 -15.71 34.02 10.23
CA TRP D 356 -15.86 32.56 9.95
C TRP D 356 -17.18 32.06 10.55
N GLY D 357 -17.47 32.44 11.80
CA GLY D 357 -18.77 32.08 12.42
C GLY D 357 -19.06 30.59 12.46
N ASP D 358 -20.27 30.19 12.05
CA ASP D 358 -20.70 28.77 12.15
C ASP D 358 -19.80 27.84 11.33
N ALA D 359 -19.23 28.33 10.23
CA ALA D 359 -18.43 27.44 9.35
C ALA D 359 -17.44 26.61 10.17
N VAL D 360 -17.36 25.30 9.89
CA VAL D 360 -16.41 24.40 10.59
C VAL D 360 -15.96 23.32 9.59
N MET D 361 -14.66 23.06 9.49
CA MET D 361 -14.14 22.06 8.53
C MET D 361 -14.36 20.65 9.10
N PRO D 362 -14.91 19.70 8.30
CA PRO D 362 -15.12 18.32 8.76
C PRO D 362 -13.85 17.46 8.68
N VAL D 363 -13.83 16.32 9.37
CA VAL D 363 -12.67 15.44 9.36
C VAL D 363 -13.11 14.10 8.78
N ALA D 364 -12.46 13.67 7.71
CA ALA D 364 -12.82 12.45 7.03
C ALA D 364 -11.87 11.32 7.41
N TYR D 365 -12.37 10.11 7.33
CA TYR D 365 -11.65 8.90 7.70
C TYR D 365 -11.81 7.86 6.60
N PRO D 366 -10.94 6.87 6.53
CA PRO D 366 -10.97 5.94 5.40
C PRO D 366 -12.32 5.24 5.26
N GLU D 367 -12.80 5.19 4.02
CA GLU D 367 -14.08 4.60 3.65
C GLU D 367 -13.82 3.41 2.72
N MET D 368 -14.89 2.70 2.37
CA MET D 368 -14.82 1.69 1.32
C MET D 368 -15.68 2.13 0.15
N ALA D 369 -15.20 1.87 -1.06
CA ALA D 369 -15.88 2.31 -2.27
C ALA D 369 -15.70 1.25 -3.34
N ARG D 370 -16.47 1.41 -4.42
CA ARG D 370 -16.37 0.53 -5.59
C ARG D 370 -15.91 1.35 -6.77
N VAL D 371 -14.85 0.89 -7.44
CA VAL D 371 -14.38 1.57 -8.64
C VAL D 371 -15.43 1.43 -9.73
N VAL D 372 -15.83 2.56 -10.32
CA VAL D 372 -16.81 2.54 -11.39
C VAL D 372 -16.20 2.83 -12.75
N SER D 373 -15.04 3.49 -12.82
CA SER D 373 -14.35 3.63 -14.09
C SER D 373 -12.89 3.96 -13.83
N ASN D 374 -12.07 3.82 -14.87
CA ASN D 374 -10.68 4.25 -14.81
C ASN D 374 -10.24 4.96 -16.10
N GLU D 375 -11.20 5.41 -16.91
CA GLU D 375 -10.89 6.11 -18.16
C GLU D 375 -10.66 7.59 -17.89
N ASP D 376 -9.54 7.86 -17.24
CA ASP D 376 -9.19 9.21 -16.84
C ASP D 376 -8.95 10.08 -18.07
N PRO D 377 -9.70 11.17 -18.26
CA PRO D 377 -9.49 12.00 -19.46
C PRO D 377 -8.16 12.74 -19.47
N LYS D 378 -7.56 12.97 -18.31
CA LYS D 378 -6.25 13.61 -18.24
C LYS D 378 -5.11 12.61 -18.36
N ASN D 379 -5.41 11.31 -18.41
CA ASN D 379 -4.42 10.27 -18.59
C ASN D 379 -3.36 10.31 -17.48
N GLN D 380 -3.83 10.30 -16.24
CA GLN D 380 -2.95 10.35 -15.08
C GLN D 380 -3.09 9.11 -14.20
N GLY D 381 -3.71 8.04 -14.70
CA GLY D 381 -3.88 6.84 -13.92
C GLY D 381 -4.89 6.95 -12.80
N ARG D 382 -5.78 7.94 -12.86
CA ARG D 382 -6.77 8.14 -11.82
C ARG D 382 -8.00 7.27 -12.07
N VAL D 383 -8.74 7.01 -11.00
CA VAL D 383 -9.95 6.19 -11.08
C VAL D 383 -11.13 6.99 -10.55
N LYS D 384 -12.32 6.55 -10.93
CA LYS D 384 -13.59 7.10 -10.48
C LYS D 384 -14.31 6.01 -9.72
N VAL D 385 -14.69 6.31 -8.48
CA VAL D 385 -15.28 5.33 -7.57
C VAL D 385 -16.68 5.79 -7.18
N GLN D 386 -17.39 4.88 -6.50
CA GLN D 386 -18.74 5.20 -5.97
C GLN D 386 -18.74 4.77 -4.51
N PHE D 387 -19.09 5.66 -3.59
CA PHE D 387 -19.05 5.35 -2.17
C PHE D 387 -20.26 4.53 -1.77
N MET D 388 -20.23 4.01 -0.54
CA MET D 388 -21.30 3.13 -0.09
C MET D 388 -22.59 3.89 0.16
N TRP D 389 -22.52 5.19 0.46
CA TRP D 389 -23.75 5.94 0.64
C TRP D 389 -24.43 6.24 -0.68
N GLN D 390 -23.66 6.37 -1.76
CA GLN D 390 -24.24 6.49 -3.10
C GLN D 390 -24.30 5.15 -3.80
N GLU D 391 -24.89 4.15 -3.16
CA GLU D 391 -25.00 2.81 -3.72
C GLU D 391 -26.43 2.45 -4.07
N VAL D 392 -27.37 2.68 -3.15
CA VAL D 392 -28.78 2.37 -3.43
C VAL D 392 -29.30 3.26 -4.55
N ASP D 393 -29.04 4.56 -4.47
CA ASP D 393 -29.54 5.51 -5.45
C ASP D 393 -28.54 5.80 -6.57
N GLY D 394 -27.38 5.19 -6.53
CA GLY D 394 -26.38 5.41 -7.57
C GLY D 394 -25.62 6.70 -7.39
N GLY D 395 -24.71 6.94 -8.32
CA GLY D 395 -23.87 8.12 -8.26
C GLY D 395 -22.40 7.80 -8.24
N GLU D 396 -21.57 8.76 -8.63
CA GLU D 396 -20.13 8.57 -8.68
C GLU D 396 -19.43 9.74 -8.00
N SER D 397 -18.12 9.64 -7.89
CA SER D 397 -17.25 10.68 -7.38
C SER D 397 -16.49 11.30 -8.55
N TYR D 398 -15.55 12.17 -8.24
CA TYR D 398 -14.63 12.68 -9.24
C TYR D 398 -13.44 11.72 -9.35
N TRP D 399 -12.53 12.01 -10.27
CA TRP D 399 -11.33 11.21 -10.41
C TRP D 399 -10.41 11.41 -9.22
N MET D 400 -9.85 10.30 -8.73
CA MET D 400 -8.95 10.34 -7.58
C MET D 400 -7.70 9.55 -7.90
N ARG D 401 -6.58 9.98 -7.32
CA ARG D 401 -5.31 9.30 -7.51
C ARG D 401 -5.32 7.94 -6.81
N VAL D 402 -4.56 7.01 -7.35
CA VAL D 402 -4.44 5.66 -6.80
C VAL D 402 -3.05 5.49 -6.22
N GLN D 403 -2.99 5.08 -4.95
CA GLN D 403 -1.71 4.90 -4.29
C GLN D 403 -1.02 3.65 -4.78
N SER D 404 0.30 3.73 -4.93
CA SER D 404 1.09 2.63 -5.48
C SER D 404 2.25 2.30 -4.54
N PRO D 405 2.59 1.02 -4.40
CA PRO D 405 3.80 0.68 -3.63
C PRO D 405 5.07 1.25 -4.22
N ASP D 406 5.12 1.41 -5.54
CA ASP D 406 6.24 2.07 -6.21
C ASP D 406 5.67 2.93 -7.32
N ALA D 407 6.18 4.16 -7.44
CA ALA D 407 5.69 5.09 -8.45
C ALA D 407 6.69 6.22 -8.60
N GLY D 408 6.86 6.67 -9.82
CA GLY D 408 7.76 7.76 -10.10
C GLY D 408 8.22 7.72 -11.54
N LYS D 409 9.40 8.28 -11.77
CA LYS D 409 9.97 8.36 -13.10
C LYS D 409 11.49 8.44 -12.98
N SER D 410 12.17 8.20 -14.09
CA SER D 410 13.62 8.23 -14.12
C SER D 410 14.05 8.83 -15.44
N ASP D 411 15.37 8.94 -15.62
CA ASP D 411 15.89 9.46 -16.89
C ASP D 411 15.53 8.55 -18.06
N GLN D 412 15.62 7.23 -17.86
CA GLN D 412 15.38 6.30 -18.94
C GLN D 412 13.89 6.03 -19.15
N VAL D 413 13.11 6.00 -18.08
CA VAL D 413 11.69 5.65 -18.17
C VAL D 413 10.84 6.89 -18.37
N ALA D 414 10.93 7.82 -17.42
CA ALA D 414 10.35 9.16 -17.49
C ALA D 414 8.83 9.19 -17.34
N LYS D 415 8.18 8.03 -17.39
CA LYS D 415 6.74 7.94 -17.19
C LYS D 415 6.38 6.52 -16.77
N ASN D 416 5.48 6.41 -15.80
CA ASN D 416 4.96 5.12 -15.32
C ASN D 416 6.06 4.19 -14.86
N ARG D 417 7.03 4.73 -14.12
CA ARG D 417 8.07 3.92 -13.51
C ARG D 417 7.59 3.49 -12.13
N GLY D 418 7.52 2.18 -11.91
CA GLY D 418 7.12 1.65 -10.63
C GLY D 418 6.17 0.47 -10.70
N PHE D 419 5.07 0.56 -9.97
CA PHE D 419 4.06 -0.48 -9.91
C PHE D 419 2.76 0.11 -10.43
N VAL D 420 2.42 -0.18 -11.68
CA VAL D 420 1.23 0.39 -12.30
C VAL D 420 0.19 -0.70 -12.51
N PHE D 421 -0.69 -0.87 -11.52
CA PHE D 421 -1.82 -1.79 -11.59
C PHE D 421 -3.06 -0.97 -11.27
N ILE D 422 -3.61 -0.32 -12.28
CA ILE D 422 -4.77 0.57 -12.07
C ILE D 422 -5.98 -0.28 -11.70
N PRO D 423 -6.79 0.14 -10.73
CA PRO D 423 -7.97 -0.66 -10.36
C PRO D 423 -8.95 -0.78 -11.51
N GLU D 424 -9.63 -1.88 -11.54
CA GLU D 424 -10.65 -2.17 -12.53
C GLU D 424 -12.04 -1.89 -11.96
N PRO D 425 -13.01 -1.56 -12.81
CA PRO D 425 -14.37 -1.32 -12.30
C PRO D 425 -14.92 -2.55 -11.58
N GLY D 426 -15.61 -2.29 -10.47
CA GLY D 426 -16.11 -3.34 -9.62
C GLY D 426 -15.22 -3.71 -8.46
N ASP D 427 -13.98 -3.22 -8.43
CA ASP D 427 -13.09 -3.50 -7.31
C ASP D 427 -13.60 -2.81 -6.05
N LEU D 428 -13.44 -3.49 -4.92
CA LEU D 428 -13.69 -2.88 -3.61
C LEU D 428 -12.39 -2.28 -3.11
N VAL D 429 -12.35 -0.96 -3.01
CA VAL D 429 -11.15 -0.23 -2.62
C VAL D 429 -11.39 0.45 -1.29
N MET D 430 -10.30 0.73 -0.59
CA MET D 430 -10.32 1.61 0.56
C MET D 430 -9.93 3.01 0.09
N VAL D 431 -10.75 3.99 0.42
CA VAL D 431 -10.55 5.37 0.01
C VAL D 431 -10.11 6.15 1.23
N GLY D 432 -8.87 6.62 1.21
CA GLY D 432 -8.39 7.54 2.22
C GLY D 432 -8.62 8.97 1.79
N PHE D 433 -8.36 9.88 2.72
CA PHE D 433 -8.57 11.31 2.47
C PHE D 433 -7.29 12.05 2.83
N GLU D 434 -6.74 12.79 1.87
CA GLU D 434 -5.56 13.59 2.11
C GLU D 434 -5.86 14.64 3.16
N GLN D 435 -4.97 14.78 4.14
CA GLN D 435 -5.26 15.51 5.36
C GLN D 435 -6.54 14.95 5.96
N GLY D 436 -7.38 15.79 6.54
CA GLY D 436 -8.68 15.33 6.98
C GLY D 436 -9.79 15.65 6.02
N ASN D 437 -9.48 16.17 4.84
CA ASN D 437 -10.48 16.79 3.99
C ASN D 437 -11.32 15.73 3.29
N PRO D 438 -12.65 15.75 3.42
CA PRO D 438 -13.47 14.85 2.61
C PRO D 438 -13.43 15.17 1.13
N ASP D 439 -12.96 16.36 0.74
CA ASP D 439 -12.85 16.75 -0.66
C ASP D 439 -11.51 16.38 -1.27
N ARG D 440 -10.64 15.69 -0.53
CA ARG D 440 -9.35 15.25 -1.04
C ARG D 440 -9.23 13.73 -0.93
N PRO D 441 -10.09 12.97 -1.61
CA PRO D 441 -10.01 11.52 -1.50
C PRO D 441 -8.97 10.93 -2.43
N TYR D 442 -8.44 9.79 -2.02
CA TYR D 442 -7.53 9.01 -2.86
C TYR D 442 -7.68 7.55 -2.48
N VAL D 443 -7.33 6.67 -3.42
CA VAL D 443 -7.46 5.23 -3.21
C VAL D 443 -6.22 4.73 -2.49
N THR D 444 -6.42 4.14 -1.31
CA THR D 444 -5.31 3.63 -0.52
C THR D 444 -4.89 2.23 -0.97
N GLY D 445 -5.85 1.42 -1.38
CA GLY D 445 -5.55 0.07 -1.83
C GLY D 445 -6.84 -0.65 -2.15
N SER D 446 -6.69 -1.90 -2.56
CA SER D 446 -7.83 -2.73 -2.93
C SER D 446 -8.04 -3.81 -1.88
N LEU D 447 -9.26 -4.32 -1.82
CA LEU D 447 -9.68 -5.24 -0.76
C LEU D 447 -10.14 -6.56 -1.35
N PHE D 448 -9.86 -7.64 -0.63
CA PHE D 448 -10.26 -9.00 -0.99
C PHE D 448 -11.39 -9.42 -0.05
N TYR D 449 -12.63 -9.17 -0.46
CA TYR D 449 -13.79 -9.55 0.32
C TYR D 449 -14.32 -10.90 -0.15
N LYS D 450 -15.54 -11.23 0.28
CA LYS D 450 -16.13 -12.56 -0.06
C LYS D 450 -15.99 -12.84 -1.55
N ALA D 451 -16.36 -11.89 -2.41
CA ALA D 451 -16.34 -12.15 -3.87
C ALA D 451 -14.92 -12.01 -4.44
N ASN D 452 -14.10 -11.14 -3.86
CA ASN D 452 -12.75 -10.88 -4.45
C ASN D 452 -11.79 -12.02 -4.08
N SER D 453 -11.77 -12.44 -2.81
CA SER D 453 -10.75 -13.45 -2.38
C SER D 453 -11.31 -14.87 -2.40
N GLN D 454 -10.43 -15.86 -2.60
CA GLN D 454 -10.83 -17.29 -2.47
C GLN D 454 -10.05 -17.92 -1.33
N GLY D 455 -9.01 -17.25 -0.84
CA GLY D 455 -8.26 -17.77 0.32
C GLY D 455 -6.81 -18.09 0.03
N ALA D 456 -5.94 -18.06 1.04
CA ALA D 456 -4.52 -18.43 0.89
C ALA D 456 -4.41 -19.95 0.71
N ALA D 457 -3.22 -20.44 0.36
CA ALA D 457 -3.06 -21.89 0.10
C ALA D 457 -2.63 -22.60 1.40
N THR D 458 -2.30 -23.89 1.30
CA THR D 458 -1.84 -24.65 2.50
C THR D 458 -0.74 -23.84 3.20
N ASP D 459 -0.92 -23.56 4.48
CA ASP D 459 0.09 -22.76 5.24
C ASP D 459 0.50 -21.54 4.41
N ASN D 460 -0.43 -20.93 3.68
CA ASN D 460 -0.13 -19.71 2.94
C ASN D 460 1.01 -19.94 1.95
N THR D 461 0.75 -20.85 1.01
CA THR D 461 1.79 -21.36 0.13
C THR D 461 1.96 -20.53 -1.14
N VAL D 462 0.87 -20.08 -1.73
CA VAL D 462 0.88 -19.49 -3.06
C VAL D 462 0.89 -17.98 -2.94
N LYS D 463 1.87 -17.33 -3.57
CA LYS D 463 1.94 -15.89 -3.71
C LYS D 463 1.85 -15.57 -5.19
N SER D 464 0.78 -14.92 -5.61
CA SER D 464 0.48 -14.80 -7.03
C SER D 464 0.26 -13.35 -7.42
N ILE D 465 0.59 -13.06 -8.68
CA ILE D 465 0.18 -11.83 -9.36
C ILE D 465 -0.56 -12.26 -10.61
N ARG D 466 -1.85 -11.94 -10.67
CA ARG D 466 -2.69 -12.30 -11.80
C ARG D 466 -3.38 -11.06 -12.34
N THR D 467 -3.54 -11.03 -13.66
CA THR D 467 -4.31 -9.99 -14.33
C THR D 467 -5.64 -10.56 -14.79
N ARG D 468 -6.44 -9.73 -15.45
CA ARG D 468 -7.80 -10.12 -15.79
C ARG D 468 -7.85 -11.13 -16.94
N SER D 469 -6.79 -11.21 -17.74
CA SER D 469 -6.76 -12.22 -18.81
C SER D 469 -6.50 -13.61 -18.26
N GLY D 470 -5.58 -13.72 -17.30
CA GLY D 470 -5.18 -15.02 -16.78
C GLY D 470 -3.67 -15.15 -16.73
N HIS D 471 -2.97 -14.06 -16.99
CA HIS D 471 -1.52 -14.05 -16.85
C HIS D 471 -1.16 -14.16 -15.38
N THR D 472 -0.27 -15.10 -15.04
CA THR D 472 -0.01 -15.45 -13.66
C THR D 472 1.49 -15.56 -13.43
N LEU D 473 2.00 -14.79 -12.48
CA LEU D 473 3.34 -14.97 -11.92
C LEU D 473 3.16 -15.49 -10.51
N GLU D 474 3.51 -16.75 -10.30
CA GLU D 474 3.19 -17.45 -9.06
C GLU D 474 4.45 -18.02 -8.42
N PHE D 475 4.52 -17.87 -7.10
CA PHE D 475 5.55 -18.51 -6.27
C PHE D 475 4.85 -19.49 -5.34
N ASN D 476 5.27 -20.75 -5.39
CA ASN D 476 4.69 -21.82 -4.58
C ASN D 476 5.76 -22.27 -3.61
N ASP D 477 5.53 -22.03 -2.32
CA ASP D 477 6.51 -22.30 -1.27
C ASP D 477 6.30 -23.63 -0.57
N ASP D 478 5.32 -24.44 -0.99
CA ASP D 478 5.11 -25.74 -0.37
C ASP D 478 6.24 -26.66 -0.80
N GLU D 479 7.29 -26.75 0.01
CA GLU D 479 8.47 -27.52 -0.36
C GLU D 479 8.16 -29.00 -0.51
N GLY D 480 7.10 -29.49 0.11
CA GLY D 480 6.69 -30.87 -0.08
C GLY D 480 5.79 -31.12 -1.27
N GLY D 481 5.33 -30.07 -1.94
CA GLY D 481 4.44 -30.23 -3.08
C GLY D 481 4.96 -29.60 -4.36
N ASP D 482 4.15 -28.76 -4.99
CA ASP D 482 4.53 -28.12 -6.24
C ASP D 482 5.42 -26.91 -5.98
N TRP D 483 6.49 -27.13 -5.22
CA TRP D 483 7.42 -26.05 -4.89
C TRP D 483 8.08 -25.49 -6.14
N GLY D 484 8.01 -24.19 -6.32
CA GLY D 484 8.74 -23.55 -7.40
C GLY D 484 8.02 -22.31 -7.92
N ILE D 485 8.52 -21.83 -9.05
CA ILE D 485 8.05 -20.57 -9.64
C ILE D 485 7.36 -20.89 -10.96
N THR D 486 6.39 -20.05 -11.33
CA THR D 486 5.65 -20.26 -12.57
C THR D 486 5.31 -18.91 -13.19
N ILE D 487 5.52 -18.80 -14.50
CA ILE D 487 4.99 -17.69 -15.30
C ILE D 487 4.16 -18.30 -16.41
N LYS D 488 2.88 -17.95 -16.47
CA LYS D 488 1.99 -18.62 -17.40
C LYS D 488 0.91 -17.67 -17.86
N ASP D 489 0.23 -18.06 -18.93
CA ASP D 489 -0.99 -17.42 -19.38
C ASP D 489 -2.07 -18.48 -19.52
N ARG D 490 -3.29 -18.04 -19.86
CA ARG D 490 -4.42 -18.95 -19.89
C ARG D 490 -4.49 -19.78 -21.17
N ASN D 491 -3.65 -19.50 -22.16
CA ASN D 491 -3.67 -20.24 -23.41
C ASN D 491 -2.68 -21.39 -23.47
N GLY D 492 -1.80 -21.53 -22.48
CA GLY D 492 -0.95 -22.70 -22.43
C GLY D 492 0.54 -22.45 -22.26
N CYS D 493 1.04 -21.30 -22.70
CA CYS D 493 2.47 -21.02 -22.58
C CYS D 493 2.86 -20.99 -21.11
N MET D 494 3.98 -21.62 -20.78
CA MET D 494 4.36 -21.82 -19.39
C MET D 494 5.88 -21.80 -19.24
N PHE D 495 6.34 -21.24 -18.12
CA PHE D 495 7.74 -21.22 -17.74
C PHE D 495 7.79 -21.60 -16.27
N HIS D 496 8.25 -22.81 -15.97
CA HIS D 496 8.14 -23.39 -14.63
C HIS D 496 9.51 -23.73 -14.09
N PHE D 497 9.87 -23.14 -12.95
CA PHE D 497 11.02 -23.55 -12.16
C PHE D 497 10.54 -24.58 -11.15
N ASP D 498 10.89 -25.84 -11.36
CA ASP D 498 10.58 -26.92 -10.44
C ASP D 498 11.72 -27.00 -9.43
N THR D 499 11.53 -26.36 -8.27
CA THR D 499 12.60 -26.26 -7.29
C THR D 499 12.85 -27.58 -6.58
N LYS D 500 11.81 -28.38 -6.35
CA LYS D 500 12.00 -29.68 -5.73
C LYS D 500 12.83 -30.60 -6.63
N GLY D 501 12.50 -30.63 -7.91
CA GLY D 501 13.25 -31.45 -8.85
C GLY D 501 14.44 -30.78 -9.49
N LYS D 502 14.63 -29.47 -9.24
CA LYS D 502 15.73 -28.68 -9.81
C LYS D 502 15.63 -28.57 -11.33
N ASN D 503 14.41 -28.62 -11.87
CA ASN D 503 14.20 -28.63 -13.31
C ASN D 503 13.66 -27.30 -13.81
N ILE D 504 13.78 -27.08 -15.11
CA ILE D 504 13.20 -25.92 -15.78
C ILE D 504 12.41 -26.43 -16.97
N GLU D 505 11.15 -26.03 -17.05
CA GLU D 505 10.27 -26.42 -18.15
C GLU D 505 9.77 -25.17 -18.86
N ILE D 506 9.91 -25.15 -20.18
CA ILE D 506 9.36 -24.09 -21.02
C ILE D 506 8.46 -24.75 -22.05
N THR D 507 7.18 -24.39 -22.03
CA THR D 507 6.19 -24.99 -22.91
C THR D 507 5.49 -23.92 -23.72
N ALA D 508 5.44 -24.11 -25.02
CA ALA D 508 4.71 -23.24 -25.93
C ALA D 508 3.70 -24.08 -26.69
N PRO D 509 2.41 -23.74 -26.66
CA PRO D 509 1.44 -24.53 -27.43
C PRO D 509 1.71 -24.55 -28.92
N GLU D 510 2.25 -23.47 -29.50
CA GLU D 510 2.44 -23.41 -30.94
C GLU D 510 3.91 -23.32 -31.35
N THR D 511 4.65 -22.32 -30.90
CA THR D 511 6.00 -22.10 -31.40
C THR D 511 6.86 -21.53 -30.30
N MET D 512 8.11 -21.98 -30.24
CA MET D 512 9.10 -21.41 -29.34
C MET D 512 10.32 -21.04 -30.17
N THR D 513 10.67 -19.75 -30.19
CA THR D 513 11.78 -19.24 -30.96
C THR D 513 12.87 -18.73 -30.03
N LEU D 514 14.12 -19.07 -30.37
CA LEU D 514 15.28 -18.62 -29.61
C LEU D 514 16.18 -17.84 -30.57
N ASN D 515 16.22 -16.53 -30.38
CA ASN D 515 17.02 -15.65 -31.21
C ASN D 515 18.19 -15.11 -30.40
N ALA D 516 19.39 -15.20 -30.97
CA ALA D 516 20.59 -14.62 -30.37
C ALA D 516 21.69 -14.60 -31.41
N GLN D 517 22.73 -13.83 -31.13
CA GLN D 517 23.91 -13.88 -31.99
C GLN D 517 24.67 -15.18 -31.80
N ASN D 518 24.88 -15.58 -30.55
CA ASN D 518 25.53 -16.84 -30.24
C ASN D 518 24.63 -17.61 -29.28
N ILE D 519 24.38 -18.87 -29.58
CA ILE D 519 23.56 -19.73 -28.74
C ILE D 519 24.40 -20.92 -28.31
N ASN D 520 24.51 -21.12 -27.00
CA ASN D 520 25.22 -22.25 -26.43
C ASN D 520 24.24 -23.13 -25.68
N ILE D 521 24.21 -24.40 -26.01
CA ILE D 521 23.34 -25.38 -25.37
C ILE D 521 24.25 -26.40 -24.69
N ASN D 522 24.60 -26.13 -23.43
CA ASN D 522 25.57 -26.92 -22.70
C ASN D 522 24.87 -27.89 -21.77
N ALA D 523 25.05 -29.19 -22.03
CA ALA D 523 24.44 -30.24 -21.23
C ALA D 523 25.54 -30.93 -20.42
N GLY D 524 25.36 -30.97 -19.11
CA GLY D 524 26.30 -31.69 -18.27
C GLY D 524 26.33 -33.18 -18.59
N GLU D 525 25.17 -33.78 -18.79
CA GLU D 525 25.10 -35.20 -19.13
C GLU D 525 24.53 -35.45 -20.51
N GLN D 526 23.28 -35.07 -20.77
CA GLN D 526 22.60 -35.52 -21.98
C GLN D 526 22.01 -34.34 -22.73
N LEU D 527 22.12 -34.38 -24.05
CA LEU D 527 21.40 -33.48 -24.93
C LEU D 527 20.51 -34.34 -25.82
N ASN D 528 19.20 -34.25 -25.62
CA ASN D 528 18.23 -35.00 -26.40
C ASN D 528 17.48 -34.04 -27.31
N THR D 529 17.48 -34.35 -28.60
CA THR D 529 16.71 -33.61 -29.59
C THR D 529 15.64 -34.53 -30.14
N SER D 530 14.38 -34.09 -30.07
CA SER D 530 13.26 -34.84 -30.58
C SER D 530 12.42 -33.94 -31.46
N SER D 531 12.02 -34.44 -32.63
CA SER D 531 11.15 -33.72 -33.54
C SER D 531 10.03 -34.65 -33.98
N GLY D 532 8.80 -34.15 -33.94
CA GLY D 532 7.68 -34.95 -34.38
C GLY D 532 7.72 -35.24 -35.87
N LYS D 533 8.03 -34.24 -36.68
CA LYS D 533 8.12 -34.43 -38.12
C LYS D 533 9.53 -34.20 -38.65
N GLU D 534 10.09 -33.00 -38.52
CA GLU D 534 11.33 -32.68 -39.22
C GLU D 534 12.32 -32.01 -38.30
N THR D 535 13.60 -32.29 -38.52
CA THR D 535 14.69 -31.54 -37.94
C THR D 535 15.50 -30.97 -39.10
N VAL D 536 15.58 -29.64 -39.16
CA VAL D 536 16.19 -28.94 -40.28
C VAL D 536 17.34 -28.10 -39.75
N MET D 537 18.57 -28.54 -40.02
CA MET D 537 19.77 -27.82 -39.64
C MET D 537 20.20 -26.97 -40.82
N GLN D 538 20.05 -25.65 -40.70
CA GLN D 538 20.46 -24.72 -41.76
C GLN D 538 21.73 -24.03 -41.28
N ILE D 539 22.87 -24.66 -41.54
CA ILE D 539 24.15 -24.15 -41.08
C ILE D 539 24.63 -23.05 -42.02
N GLY D 540 25.03 -21.92 -41.46
CA GLY D 540 25.46 -20.78 -42.24
C GLY D 540 26.68 -21.03 -43.09
N THR D 541 27.85 -21.23 -42.47
CA THR D 541 29.07 -21.51 -43.22
C THR D 541 29.62 -22.90 -42.95
N ASP D 542 30.00 -23.23 -41.71
CA ASP D 542 30.76 -24.44 -41.47
C ASP D 542 30.09 -25.31 -40.42
N PHE D 543 30.32 -26.62 -40.53
CA PHE D 543 29.75 -27.60 -39.63
C PHE D 543 30.87 -28.37 -38.97
N GLN D 544 30.93 -28.34 -37.65
CA GLN D 544 31.92 -29.08 -36.88
C GLN D 544 31.18 -30.02 -35.93
N GLN D 545 31.41 -31.32 -36.09
CA GLN D 545 30.78 -32.33 -35.26
C GLN D 545 31.87 -33.24 -34.72
N ASP D 546 32.20 -33.08 -33.44
CA ASP D 546 33.25 -33.85 -32.79
C ASP D 546 32.60 -34.83 -31.82
N VAL D 547 32.71 -36.12 -32.12
CA VAL D 547 32.13 -37.17 -31.29
C VAL D 547 33.25 -37.87 -30.55
N GLY D 548 33.18 -37.86 -29.22
CA GLY D 548 34.19 -38.54 -28.42
C GLY D 548 34.04 -40.04 -28.39
N GLY D 549 32.85 -40.56 -28.64
CA GLY D 549 32.64 -41.99 -28.63
C GLY D 549 32.08 -42.50 -29.95
N ASN D 550 31.15 -43.46 -29.87
CA ASN D 550 30.59 -44.06 -31.07
C ASN D 550 29.62 -43.12 -31.75
N ALA D 551 29.49 -43.27 -33.06
CA ALA D 551 28.48 -42.57 -33.84
C ALA D 551 27.56 -43.62 -34.45
N GLU D 552 26.32 -43.67 -33.98
CA GLU D 552 25.34 -44.66 -34.44
C GLU D 552 24.20 -43.91 -35.12
N ILE D 553 24.06 -44.11 -36.42
CA ILE D 553 23.02 -43.47 -37.22
C ILE D 553 22.12 -44.56 -37.78
N ALA D 554 20.81 -44.43 -37.54
CA ALA D 554 19.81 -45.36 -38.04
C ALA D 554 18.85 -44.57 -38.90
N ILE D 555 18.90 -44.78 -40.21
CA ILE D 555 18.13 -43.97 -41.15
C ILE D 555 16.95 -44.82 -41.62
N GLY D 556 15.73 -44.32 -41.38
CA GLY D 556 14.54 -45.11 -41.65
C GLY D 556 14.08 -45.14 -43.08
N GLU D 557 14.72 -44.39 -43.96
CA GLU D 557 14.37 -44.34 -45.38
C GLU D 557 15.66 -44.05 -46.15
N SER D 558 15.52 -43.54 -47.37
CA SER D 558 16.69 -43.26 -48.19
C SER D 558 17.54 -42.14 -47.61
N LEU D 559 18.84 -42.20 -47.88
CA LEU D 559 19.78 -41.14 -47.55
C LEU D 559 20.31 -40.51 -48.83
N THR D 560 20.34 -39.18 -48.86
CA THR D 560 20.80 -38.45 -50.03
C THR D 560 21.78 -37.37 -49.58
N GLU D 561 23.03 -37.48 -50.01
CA GLU D 561 24.09 -36.58 -49.60
C GLU D 561 24.74 -35.97 -50.82
N SER D 562 24.94 -34.65 -50.80
CA SER D 562 25.56 -33.92 -51.89
C SER D 562 26.71 -33.10 -51.35
N ILE D 563 27.87 -33.19 -52.00
CA ILE D 563 29.05 -32.42 -51.64
C ILE D 563 29.51 -31.66 -52.88
N ALA D 564 29.79 -30.37 -52.71
CA ALA D 564 30.18 -29.50 -53.81
C ALA D 564 31.68 -29.42 -54.00
N LYS D 565 32.45 -30.19 -53.24
CA LYS D 565 33.91 -30.16 -53.31
C LYS D 565 34.43 -31.55 -52.98
N ASP D 566 35.69 -31.63 -52.57
CA ASP D 566 36.30 -32.89 -52.20
C ASP D 566 35.53 -33.56 -51.06
N SER D 567 35.84 -34.85 -50.84
CA SER D 567 35.22 -35.61 -49.76
C SER D 567 36.27 -36.59 -49.23
N THR D 568 36.96 -36.21 -48.16
CA THR D 568 38.01 -37.02 -47.58
C THR D 568 37.48 -37.79 -46.38
N ASN D 569 37.87 -39.06 -46.27
CA ASN D 569 37.44 -39.92 -45.18
C ASN D 569 38.64 -40.72 -44.69
N SER D 570 38.99 -40.55 -43.42
CA SER D 570 40.09 -41.28 -42.80
C SER D 570 39.52 -42.26 -41.78
N ILE D 571 39.84 -43.53 -41.94
CA ILE D 571 39.35 -44.58 -41.04
C ILE D 571 40.56 -45.34 -40.52
N ALA D 572 40.77 -45.28 -39.21
CA ALA D 572 41.88 -46.00 -38.58
C ALA D 572 41.58 -47.46 -38.33
N GLY D 573 40.34 -47.89 -38.53
CA GLY D 573 39.97 -49.28 -38.34
C GLY D 573 39.55 -49.94 -39.64
N ASN D 574 38.51 -50.77 -39.58
CA ASN D 574 38.01 -51.49 -40.74
C ASN D 574 36.83 -50.76 -41.35
N LEU D 575 36.78 -50.73 -42.67
CA LEU D 575 35.67 -50.14 -43.42
C LEU D 575 34.83 -51.26 -44.02
N SER D 576 33.60 -51.40 -43.53
CA SER D 576 32.65 -52.40 -44.03
C SER D 576 31.45 -51.68 -44.62
N VAL D 577 31.07 -52.07 -45.84
CA VAL D 577 29.88 -51.53 -46.49
C VAL D 577 29.13 -52.72 -47.07
N THR D 578 28.04 -53.11 -46.44
CA THR D 578 27.24 -54.26 -46.85
C THR D 578 25.94 -53.74 -47.48
N VAL D 579 25.80 -53.94 -48.78
CA VAL D 579 24.65 -53.47 -49.54
C VAL D 579 23.78 -54.66 -49.90
N ASP D 580 22.49 -54.60 -49.55
CA ASP D 580 21.57 -55.67 -49.89
C ASP D 580 21.18 -55.65 -51.36
N GLU D 581 21.47 -54.56 -52.08
CA GLU D 581 21.11 -54.46 -53.49
C GLU D 581 22.32 -54.01 -54.31
N ASN D 582 22.09 -53.60 -55.56
CA ASN D 582 23.19 -53.26 -56.46
C ASN D 582 24.00 -52.10 -55.92
N LEU D 583 25.31 -52.14 -56.17
CA LEU D 583 26.24 -51.09 -55.80
C LEU D 583 26.79 -50.44 -57.07
N MET D 584 26.71 -49.12 -57.15
CA MET D 584 27.13 -48.38 -58.33
C MET D 584 28.09 -47.28 -57.94
N TYR D 585 29.23 -47.23 -58.62
CA TYR D 585 30.23 -46.18 -58.41
C TYR D 585 30.55 -45.55 -59.76
N ASP D 586 30.54 -44.23 -59.81
CA ASP D 586 30.93 -43.50 -61.00
C ASP D 586 31.98 -42.47 -60.63
N ALA D 587 33.00 -42.34 -61.47
CA ALA D 587 34.07 -41.37 -61.24
C ALA D 587 34.80 -41.13 -62.56
N GLN D 588 35.73 -40.19 -62.52
CA GLN D 588 36.61 -39.98 -63.67
C GLN D 588 37.77 -40.97 -63.64
N ASP D 589 38.61 -40.88 -62.62
CA ASP D 589 39.69 -41.82 -62.40
C ASP D 589 39.45 -42.54 -61.08
N MET D 590 39.51 -43.87 -61.11
CA MET D 590 39.37 -44.66 -59.90
C MET D 590 40.65 -45.43 -59.65
N THR D 591 41.18 -45.33 -58.44
CA THR D 591 42.35 -46.07 -58.03
C THR D 591 42.06 -46.74 -56.69
N LEU D 592 42.28 -48.04 -56.63
CA LEU D 592 42.17 -48.81 -55.39
C LEU D 592 43.55 -49.33 -55.03
N THR D 593 44.15 -48.77 -53.98
CA THR D 593 45.49 -49.14 -53.54
C THR D 593 45.36 -49.98 -52.28
N ALA D 594 45.70 -51.26 -52.37
CA ALA D 594 45.70 -52.15 -51.23
C ALA D 594 47.14 -52.37 -50.78
N GLN D 595 47.43 -52.01 -49.53
CA GLN D 595 48.77 -52.26 -48.99
C GLN D 595 49.05 -53.73 -48.78
N GLY D 596 48.02 -54.57 -48.84
CA GLY D 596 48.19 -56.01 -48.82
C GLY D 596 47.64 -56.63 -50.08
N GLY D 597 46.64 -57.50 -49.94
CA GLY D 597 46.03 -58.17 -51.06
C GLY D 597 44.69 -57.58 -51.44
N MET D 598 44.36 -57.68 -52.72
CA MET D 598 43.07 -57.28 -53.26
C MET D 598 42.34 -58.51 -53.74
N LYS D 599 41.05 -58.60 -53.43
CA LYS D 599 40.25 -59.76 -53.78
C LYS D 599 38.99 -59.31 -54.50
N LEU D 600 38.72 -59.93 -55.65
CA LEU D 600 37.50 -59.68 -56.41
C LEU D 600 36.73 -61.00 -56.47
N LEU D 601 35.73 -61.14 -55.61
CA LEU D 601 34.93 -62.34 -55.53
C LEU D 601 33.53 -62.08 -56.06
N ALA D 602 32.97 -63.05 -56.78
CA ALA D 602 31.63 -62.90 -57.33
C ALA D 602 31.03 -64.28 -57.52
N ASN D 603 29.70 -64.35 -57.46
CA ASN D 603 28.97 -65.54 -57.82
C ASN D 603 28.61 -65.60 -59.30
N ALA D 604 28.89 -64.53 -60.04
CA ALA D 604 28.67 -64.48 -61.47
C ALA D 604 29.92 -63.97 -62.17
N LYS D 605 29.81 -63.62 -63.44
CA LYS D 605 30.97 -63.16 -64.19
C LYS D 605 31.48 -61.84 -63.63
N ILE D 606 32.79 -61.62 -63.79
CA ILE D 606 33.44 -60.35 -63.48
C ILE D 606 33.77 -59.67 -64.79
N GLY D 607 33.18 -58.50 -65.02
CA GLY D 607 33.37 -57.81 -66.28
C GLY D 607 34.47 -56.78 -66.25
N LEU D 608 35.48 -56.97 -67.10
CA LEU D 608 36.57 -56.02 -67.29
C LEU D 608 36.41 -55.45 -68.69
N LYS D 609 35.61 -54.39 -68.82
CA LYS D 609 35.29 -53.79 -70.10
C LYS D 609 35.90 -52.40 -70.15
N SER D 610 36.73 -52.16 -71.16
CA SER D 610 37.37 -50.87 -71.35
C SER D 610 37.41 -50.57 -72.84
N SER D 611 38.07 -49.47 -73.19
CA SER D 611 38.19 -49.04 -74.58
C SER D 611 39.60 -49.15 -75.11
N GLU D 612 40.59 -48.58 -74.42
CA GLU D 612 41.95 -48.54 -74.92
C GLU D 612 42.81 -49.69 -74.42
N GLY D 613 42.30 -50.54 -73.55
CA GLY D 613 43.04 -51.72 -73.15
C GLY D 613 42.75 -52.17 -71.74
N VAL D 614 42.97 -53.47 -71.50
CA VAL D 614 42.88 -54.08 -70.18
C VAL D 614 44.19 -54.81 -69.94
N ASP D 615 44.96 -54.34 -68.95
CA ASP D 615 46.24 -54.94 -68.60
C ASP D 615 46.12 -55.61 -67.24
N ILE D 616 46.13 -56.93 -67.22
CA ILE D 616 46.16 -57.70 -65.98
C ILE D 616 47.62 -58.09 -65.77
N ALA D 617 48.36 -57.22 -65.11
CA ALA D 617 49.78 -57.47 -64.88
C ALA D 617 49.98 -58.58 -63.86
N ALA E 8 -2.54 47.23 53.86
CA ALA E 8 -1.78 46.03 54.18
C ALA E 8 -0.79 45.69 53.07
N VAL E 9 -1.28 45.62 51.84
CA VAL E 9 -0.48 45.36 50.66
C VAL E 9 -0.66 46.52 49.69
N SER E 10 0.45 47.06 49.20
CA SER E 10 0.43 48.15 48.23
C SER E 10 0.83 47.61 46.87
N VAL E 11 -0.01 47.86 45.86
CA VAL E 11 0.21 47.37 44.50
C VAL E 11 0.43 48.57 43.60
N GLU E 12 1.58 48.62 42.94
CA GLU E 12 1.91 49.69 42.00
C GLU E 12 2.10 49.10 40.61
N ILE E 13 1.45 49.72 39.63
CA ILE E 13 1.49 49.27 38.24
C ILE E 13 2.13 50.36 37.41
N LYS E 14 3.11 49.97 36.59
CA LYS E 14 3.83 50.87 35.70
C LYS E 14 3.65 50.38 34.27
N VAL E 15 3.08 51.22 33.42
CA VAL E 15 2.88 50.92 32.01
C VAL E 15 3.88 51.73 31.20
N ALA E 16 4.79 51.04 30.50
CA ALA E 16 5.85 51.67 29.74
C ALA E 16 6.73 52.56 30.63
N GLY E 17 6.89 52.19 31.89
CA GLY E 17 7.72 52.93 32.82
C GLY E 17 7.02 54.03 33.58
N LYS E 18 5.79 54.37 33.21
CA LYS E 18 5.05 55.45 33.87
C LYS E 18 4.02 54.85 34.81
N VAL E 19 3.95 55.39 36.03
CA VAL E 19 3.04 54.86 37.04
C VAL E 19 1.60 55.00 36.57
N CYS E 20 0.86 53.89 36.59
CA CYS E 20 -0.51 53.86 36.14
C CYS E 20 -1.46 54.19 37.29
N ASP E 21 -2.55 54.89 36.96
CA ASP E 21 -3.60 55.21 37.92
C ASP E 21 -4.74 54.24 37.68
N TYR E 22 -4.75 53.15 38.44
CA TYR E 22 -5.70 52.06 38.26
C TYR E 22 -6.73 52.04 39.38
N VAL E 23 -7.92 51.57 39.08
CA VAL E 23 -8.98 51.39 40.06
C VAL E 23 -9.10 49.94 40.50
N THR E 24 -9.05 49.00 39.56
CA THR E 24 -9.07 47.57 39.87
C THR E 24 -8.00 46.85 39.08
N MET E 25 -7.50 45.76 39.65
CA MET E 25 -6.49 44.94 39.00
C MET E 25 -6.70 43.48 39.36
N GLU E 26 -6.54 42.61 38.37
CA GLU E 26 -6.52 41.17 38.57
C GLU E 26 -5.31 40.60 37.85
N LEU E 27 -4.63 39.64 38.49
CA LEU E 27 -3.44 39.01 37.94
C LEU E 27 -3.47 37.53 38.26
N PHE E 28 -3.58 36.70 37.22
CA PHE E 28 -3.58 35.26 37.36
C PHE E 28 -2.24 34.71 36.91
N GLN E 29 -1.60 33.92 37.77
CA GLN E 29 -0.32 33.29 37.45
C GLN E 29 -0.46 31.79 37.60
N SER E 30 0.25 31.05 36.75
CA SER E 30 0.15 29.59 36.78
C SER E 30 1.44 29.01 36.23
N VAL E 31 1.80 27.83 36.76
CA VAL E 31 2.97 27.11 36.27
C VAL E 31 2.68 26.29 35.03
N SER E 32 1.43 26.28 34.55
CA SER E 32 1.06 25.50 33.38
C SER E 32 0.11 26.25 32.45
N THR E 33 0.06 27.57 32.52
CA THR E 33 -0.89 28.37 31.76
C THR E 33 -0.39 29.81 31.77
N HIS E 34 -0.80 30.57 30.76
CA HIS E 34 -0.42 31.98 30.67
C HIS E 34 -0.83 32.75 31.90
N HIS E 35 0.05 33.63 32.36
CA HIS E 35 -0.36 34.68 33.29
C HIS E 35 -1.22 35.67 32.54
N ARG E 36 -2.25 36.18 33.22
CA ARG E 36 -3.20 37.09 32.59
C ARG E 36 -3.55 38.19 33.57
N PHE E 37 -3.30 39.43 33.19
CA PHE E 37 -3.67 40.59 33.99
C PHE E 37 -4.78 41.36 33.28
N LYS E 38 -5.69 41.89 34.08
CA LYS E 38 -6.75 42.79 33.62
C LYS E 38 -6.74 43.99 34.56
N ILE E 39 -6.45 45.16 34.00
CA ILE E 39 -6.28 46.40 34.77
C ILE E 39 -7.29 47.42 34.27
N LYS E 40 -8.01 48.05 35.19
CA LYS E 40 -8.96 49.09 34.84
C LYS E 40 -8.31 50.43 35.14
N VAL E 41 -8.00 51.19 34.09
CA VAL E 41 -7.27 52.46 34.21
C VAL E 41 -8.28 53.57 34.44
N ASN E 42 -7.99 54.43 35.41
CA ASN E 42 -8.81 55.59 35.70
C ASN E 42 -8.35 56.78 34.87
N TYR E 43 -9.31 57.54 34.37
CA TYR E 43 -9.03 58.78 33.64
C TYR E 43 -9.73 59.91 34.38
N ARG E 44 -8.93 60.75 35.05
CA ARG E 44 -9.50 61.81 35.87
C ARG E 44 -10.17 62.87 34.98
N PRO E 45 -11.25 63.49 35.47
CA PRO E 45 -11.96 64.48 34.65
C PRO E 45 -11.12 65.67 34.23
N ASP E 46 -10.17 66.10 35.07
CA ASP E 46 -9.35 67.26 34.72
C ASP E 46 -8.49 66.97 33.50
N LYS E 47 -7.91 65.77 33.43
CA LYS E 47 -7.12 65.38 32.27
C LYS E 47 -8.04 65.09 31.09
N PRO E 48 -7.52 65.14 29.87
CA PRO E 48 -8.34 64.78 28.70
C PRO E 48 -8.84 63.35 28.79
N SER E 49 -10.07 63.15 28.33
CA SER E 49 -10.72 61.85 28.44
C SER E 49 -10.16 60.90 27.38
N VAL E 50 -10.64 59.65 27.42
CA VAL E 50 -10.21 58.65 26.46
C VAL E 50 -10.66 59.03 25.05
N TRP E 51 -11.83 59.64 24.93
CA TRP E 51 -12.31 60.08 23.62
C TRP E 51 -11.49 61.25 23.09
N ALA E 52 -11.05 62.13 23.99
CA ALA E 52 -10.17 63.23 23.57
C ALA E 52 -8.84 62.71 23.06
N ILE E 53 -8.23 61.79 23.81
CA ILE E 53 -6.99 61.16 23.34
C ILE E 53 -7.28 60.29 22.11
N GLY E 54 -8.37 59.53 22.15
CA GLY E 54 -8.78 58.74 21.01
C GLY E 54 -8.58 57.25 21.22
N PRO E 55 -9.32 56.44 20.48
CA PRO E 55 -9.02 54.99 20.46
C PRO E 55 -7.56 54.71 20.08
N ASP E 56 -7.12 55.24 18.93
CA ASP E 56 -5.71 55.27 18.64
C ASP E 56 -5.00 56.17 19.65
N VAL E 57 -3.66 56.18 19.58
CA VAL E 57 -2.80 56.76 20.62
C VAL E 57 -2.89 55.90 21.87
N ILE E 58 -4.11 55.64 22.34
CA ILE E 58 -4.31 54.67 23.41
C ILE E 58 -3.92 53.27 22.94
N PHE E 59 -4.33 52.92 21.72
CA PHE E 59 -4.03 51.60 21.18
C PHE E 59 -2.56 51.39 20.87
N LYS E 60 -1.75 52.45 20.89
CA LYS E 60 -0.32 52.32 20.69
C LYS E 60 0.40 51.79 21.91
N GLN E 61 -0.34 51.43 22.95
CA GLN E 61 0.21 50.77 24.13
C GLN E 61 0.24 49.25 23.99
N LEU E 62 -0.23 48.71 22.87
CA LEU E 62 -0.17 47.27 22.65
C LEU E 62 1.28 46.83 22.53
N GLY E 63 1.64 45.79 23.28
CA GLY E 63 3.02 45.33 23.34
C GLY E 63 3.90 46.10 24.29
N GLU E 64 3.36 47.09 25.00
CA GLU E 64 4.15 47.83 25.97
C GLU E 64 4.26 47.06 27.28
N LYS E 65 5.41 47.21 27.94
CA LYS E 65 5.68 46.46 29.16
C LYS E 65 4.82 46.97 30.31
N VAL E 66 4.41 46.03 31.17
CA VAL E 66 3.64 46.33 32.37
C VAL E 66 4.36 45.70 33.55
N SER E 67 4.68 46.49 34.55
CA SER E 67 5.34 46.03 35.76
C SER E 67 4.37 46.16 36.93
N ILE E 68 4.10 45.05 37.61
CA ILE E 68 3.23 45.03 38.78
C ILE E 68 4.07 44.66 39.99
N ILE E 69 4.13 45.55 40.97
CA ILE E 69 4.90 45.31 42.19
C ILE E 69 3.93 45.33 43.36
N MET E 70 3.88 44.22 44.10
CA MET E 70 3.05 44.09 45.29
C MET E 70 3.97 44.02 46.49
N THR E 71 3.78 44.93 47.45
CA THR E 71 4.65 45.04 48.61
C THR E 71 3.84 44.90 49.89
N HIS E 72 4.32 44.04 50.78
CA HIS E 72 3.79 43.92 52.13
C HIS E 72 4.51 44.90 53.04
N HIS E 73 3.76 45.76 53.71
CA HIS E 73 4.37 46.75 54.58
C HIS E 73 4.84 46.14 55.90
N GLU E 74 4.11 45.15 56.43
CA GLU E 74 4.48 44.57 57.71
C GLU E 74 5.74 43.71 57.60
N SER E 75 5.87 42.95 56.50
CA SER E 75 6.98 42.03 56.34
C SER E 75 8.04 42.49 55.34
N GLY E 76 7.69 43.36 54.39
CA GLY E 76 8.64 43.83 53.41
C GLY E 76 8.82 42.96 52.20
N GLU E 77 8.16 41.80 52.15
CA GLU E 77 8.31 40.89 51.02
C GLU E 77 7.61 41.45 49.79
N LYS E 78 8.26 41.31 48.63
CA LYS E 78 7.79 41.89 47.38
C LYS E 78 7.55 40.80 46.35
N THR E 79 6.46 40.94 45.60
CA THR E 79 6.17 40.10 44.44
C THR E 79 6.18 41.00 43.21
N GLU E 80 7.03 40.70 42.25
CA GLU E 80 7.16 41.52 41.06
C GLU E 80 6.82 40.70 39.82
N PHE E 81 6.06 41.31 38.92
CA PHE E 81 5.59 40.66 37.70
C PHE E 81 5.86 41.59 36.53
N HIS E 82 6.40 41.04 35.44
CA HIS E 82 6.66 41.80 34.22
C HIS E 82 5.93 41.11 33.08
N GLY E 83 5.09 41.86 32.37
CA GLY E 83 4.36 41.31 31.26
C GLY E 83 4.15 42.29 30.12
N LEU E 84 3.33 41.92 29.16
CA LEU E 84 3.00 42.77 28.02
C LEU E 84 1.50 42.90 27.89
N ILE E 85 1.08 43.89 27.11
CA ILE E 85 -0.33 44.15 26.84
C ILE E 85 -0.69 43.51 25.51
N SER E 86 -1.79 42.75 25.49
CA SER E 86 -2.27 42.11 24.28
C SER E 86 -3.65 42.58 23.84
N ASP E 87 -4.41 43.20 24.74
CA ASP E 87 -5.75 43.68 24.45
C ASP E 87 -5.96 45.01 25.15
N ILE E 88 -6.65 45.92 24.48
CA ILE E 88 -7.01 47.21 25.07
C ILE E 88 -8.47 47.48 24.75
N HIS E 89 -9.25 47.74 25.79
CA HIS E 89 -10.66 48.09 25.65
C HIS E 89 -10.85 49.51 26.11
N VAL E 90 -11.40 50.35 25.24
CA VAL E 90 -11.74 51.73 25.57
C VAL E 90 -13.26 51.82 25.51
N GLU E 91 -13.92 51.80 26.66
CA GLU E 91 -15.37 51.83 26.69
C GLU E 91 -15.87 52.80 27.75
N GLY E 92 -17.07 53.33 27.52
CA GLY E 92 -17.69 54.25 28.45
C GLY E 92 -19.10 54.57 28.03
N GLN E 97 -17.59 57.49 32.95
CA GLN E 97 -17.25 58.61 32.08
C GLN E 97 -16.33 58.16 30.94
N GLY E 98 -15.94 56.89 30.97
CA GLY E 98 -15.06 56.35 29.96
C GLY E 98 -13.68 56.00 30.52
N PHE E 99 -13.30 54.74 30.39
CA PHE E 99 -12.03 54.26 30.93
C PHE E 99 -11.41 53.27 29.96
N VAL E 100 -10.28 52.72 30.35
CA VAL E 100 -9.52 51.78 29.52
C VAL E 100 -9.33 50.49 30.29
N ILE E 101 -9.44 49.36 29.60
CA ILE E 101 -9.15 48.06 30.17
C ILE E 101 -7.89 47.53 29.49
N LEU E 102 -6.81 47.41 30.26
CA LEU E 102 -5.56 46.86 29.77
C LEU E 102 -5.54 45.37 30.10
N GLU E 103 -5.60 44.54 29.07
CA GLU E 103 -5.54 43.10 29.23
C GLU E 103 -4.22 42.58 28.65
N GLY E 104 -3.64 41.59 29.31
CA GLY E 104 -2.41 41.04 28.81
C GLY E 104 -1.86 39.98 29.74
N GLY E 105 -0.55 39.84 29.80
CA GLY E 105 0.00 38.90 30.76
C GLY E 105 1.44 38.57 30.42
N SER E 106 1.83 37.35 30.77
CA SER E 106 3.18 36.89 30.49
C SER E 106 3.44 36.99 28.99
N PRO E 107 4.67 37.31 28.57
CA PRO E 107 4.96 37.45 27.14
C PRO E 107 4.67 36.19 26.34
N THR E 108 4.46 35.05 26.99
CA THR E 108 4.08 33.83 26.28
C THR E 108 2.71 33.95 25.63
N ILE E 109 1.90 34.94 26.04
CA ILE E 109 0.60 35.15 25.41
C ILE E 109 0.79 35.51 23.94
N LEU E 110 1.75 36.39 23.64
CA LEU E 110 2.06 36.76 22.27
C LEU E 110 2.85 35.69 21.53
N LEU E 111 3.29 34.64 22.24
CA LEU E 111 3.88 33.47 21.62
C LEU E 111 2.84 32.45 21.20
N ASP E 112 1.56 32.72 21.47
CA ASP E 112 0.46 31.79 21.25
C ASP E 112 -0.49 32.29 20.18
N ARG E 113 0.05 32.90 19.12
CA ARG E 113 -0.80 33.51 18.10
C ARG E 113 -0.30 33.28 16.68
N ASP E 114 0.65 32.36 16.45
CA ASP E 114 1.24 32.14 15.13
C ASP E 114 1.25 30.65 14.81
N PRO E 115 0.08 30.08 14.48
CA PRO E 115 0.05 28.66 14.11
C PRO E 115 0.80 28.43 12.80
N ALA E 116 1.68 27.44 12.80
CA ALA E 116 2.58 27.20 11.67
C ALA E 116 3.00 25.75 11.64
N MET E 117 3.59 25.34 10.53
CA MET E 117 4.11 24.00 10.35
C MET E 117 5.63 24.06 10.27
N ASP E 118 6.30 23.22 11.07
CA ASP E 118 7.75 23.22 11.10
C ASP E 118 8.22 21.87 11.61
N CYS E 119 9.54 21.67 11.59
CA CYS E 119 10.10 20.43 12.08
C CYS E 119 11.52 20.67 12.56
N TYR E 120 11.99 19.76 13.41
CA TYR E 120 13.34 19.78 13.96
C TYR E 120 13.91 18.38 13.88
N VAL E 121 15.10 18.26 13.30
CA VAL E 121 15.72 16.97 13.00
C VAL E 121 17.00 16.86 13.81
N GLU E 122 17.10 15.81 14.62
CA GLU E 122 18.30 15.48 15.40
C GLU E 122 18.75 16.67 16.25
N GLN E 123 17.81 17.22 17.01
CA GLN E 123 18.08 18.33 17.90
C GLN E 123 17.56 18.00 19.29
N ASN E 124 18.13 18.66 20.29
CA ASN E 124 17.70 18.49 21.66
C ASN E 124 16.76 19.61 22.08
N LEU E 125 16.22 19.50 23.29
CA LEU E 125 15.24 20.47 23.76
C LEU E 125 15.82 21.87 23.86
N ASN E 126 17.07 21.98 24.31
CA ASN E 126 17.71 23.29 24.45
C ASN E 126 17.71 24.04 23.13
N THR E 127 18.20 23.39 22.07
CA THR E 127 18.29 24.05 20.76
C THR E 127 16.92 24.35 20.19
N ILE E 128 15.95 23.44 20.39
CA ILE E 128 14.61 23.67 19.87
C ILE E 128 13.98 24.89 20.53
N VAL E 129 14.10 24.99 21.85
CA VAL E 129 13.54 26.14 22.55
C VAL E 129 14.24 27.43 22.14
N SER E 130 15.58 27.39 22.03
CA SER E 130 16.31 28.58 21.60
C SER E 130 15.89 29.02 20.21
N ASP E 131 15.73 28.07 19.29
CA ASP E 131 15.32 28.40 17.93
C ASP E 131 13.91 28.95 17.89
N ILE E 132 13.01 28.39 18.69
CA ILE E 132 11.63 28.88 18.71
C ILE E 132 11.57 30.30 19.24
N LEU E 133 12.28 30.57 20.34
CA LEU E 133 12.26 31.91 20.91
C LEU E 133 13.03 32.91 20.06
N ASP E 134 14.00 32.45 19.27
CA ASP E 134 14.73 33.36 18.39
C ASP E 134 13.89 33.77 17.18
N LYS E 135 12.94 32.93 16.77
CA LYS E 135 12.11 33.23 15.62
C LYS E 135 10.96 34.16 15.95
N SER E 136 10.80 34.54 17.22
CA SER E 136 9.72 35.43 17.64
C SER E 136 10.27 36.80 17.97
N GLY E 137 9.40 37.79 17.90
CA GLY E 137 9.74 39.17 18.21
C GLY E 137 9.45 39.61 19.62
N VAL E 138 8.96 38.73 20.48
CA VAL E 138 8.72 39.07 21.87
C VAL E 138 10.04 38.96 22.63
N LYS E 139 10.26 39.89 23.55
CA LYS E 139 11.50 39.97 24.32
C LYS E 139 11.22 39.46 25.72
N MET E 140 12.00 38.46 26.15
CA MET E 140 11.84 37.88 27.47
C MET E 140 13.17 37.30 27.93
N ASN E 141 13.48 37.47 29.21
CA ASN E 141 14.57 36.74 29.81
C ASN E 141 14.20 35.26 29.87
N VAL E 142 15.14 34.41 29.49
CA VAL E 142 14.86 32.98 29.34
C VAL E 142 15.91 32.19 30.10
N THR E 143 15.44 31.23 30.92
CA THR E 143 16.30 30.30 31.64
C THR E 143 16.08 28.94 30.98
N ASN E 144 16.89 28.65 29.97
CA ASN E 144 16.74 27.44 29.15
C ASN E 144 17.62 26.35 29.74
N ASN E 145 17.08 25.60 30.69
CA ASN E 145 17.79 24.50 31.34
C ASN E 145 16.90 23.27 31.41
N PRO E 146 16.60 22.65 30.27
CA PRO E 146 15.83 21.40 30.30
C PRO E 146 16.65 20.24 30.84
N LYS E 147 15.96 19.33 31.55
CA LYS E 147 16.65 18.19 32.14
C LYS E 147 17.03 17.15 31.09
N HIS E 148 16.11 16.87 30.15
CA HIS E 148 16.37 15.90 29.10
C HIS E 148 17.30 16.53 28.07
N THR E 149 18.59 16.18 28.15
CA THR E 149 19.61 16.78 27.32
C THR E 149 19.91 15.97 26.06
N ASP E 150 19.28 14.82 25.89
CA ASP E 150 19.57 13.98 24.73
C ASP E 150 18.98 14.59 23.46
N ILE E 151 19.54 14.18 22.33
CA ILE E 151 19.05 14.62 21.03
C ILE E 151 17.78 13.85 20.69
N ILE E 152 16.75 14.56 20.26
CA ILE E 152 15.49 13.96 19.83
C ILE E 152 15.56 13.78 18.31
N PRO E 153 15.37 12.56 17.80
CA PRO E 153 15.52 12.35 16.35
C PRO E 153 14.62 13.21 15.49
N TYR E 154 13.38 13.43 15.90
CA TYR E 154 12.44 14.18 15.07
C TYR E 154 11.33 14.76 15.92
N VAL E 155 11.09 16.07 15.76
CA VAL E 155 9.96 16.74 16.37
C VAL E 155 9.23 17.51 15.28
N ALA E 156 7.90 17.51 15.33
CA ALA E 156 7.08 18.18 14.32
C ALA E 156 6.15 19.17 15.00
N ARG E 157 6.13 20.40 14.47
CA ARG E 157 5.18 21.44 14.87
C ARG E 157 4.07 21.45 13.83
N TYR E 158 2.88 21.04 14.25
CA TYR E 158 1.77 20.73 13.33
C TYR E 158 0.61 21.69 13.58
N LYS E 159 0.59 22.78 12.81
CA LYS E 159 -0.46 23.81 12.91
C LYS E 159 -0.54 24.39 14.32
N GLU E 160 0.57 24.41 15.04
CA GLU E 160 0.61 24.89 16.40
C GLU E 160 1.26 26.27 16.46
N THR E 161 0.88 27.04 17.47
CA THR E 161 1.58 28.28 17.75
C THR E 161 2.92 27.97 18.40
N SER E 162 3.76 28.99 18.51
CA SER E 162 5.07 28.81 19.14
C SER E 162 4.92 28.35 20.59
N TYR E 163 4.07 29.05 21.36
CA TYR E 163 3.85 28.65 22.73
C TYR E 163 3.19 27.28 22.80
N GLY E 164 2.20 27.02 21.94
CA GLY E 164 1.53 25.73 22.00
C GLY E 164 2.48 24.57 21.72
N PHE E 165 3.32 24.73 20.70
CA PHE E 165 4.29 23.70 20.36
C PHE E 165 5.29 23.52 21.50
N LEU E 166 5.83 24.62 22.03
CA LEU E 166 6.80 24.51 23.11
C LEU E 166 6.20 23.89 24.36
N SER E 167 4.97 24.29 24.69
CA SER E 167 4.31 23.75 25.87
C SER E 167 4.06 22.25 25.73
N ARG E 168 3.49 21.83 24.59
CA ARG E 168 3.25 20.41 24.38
C ARG E 168 4.55 19.62 24.43
N LEU E 169 5.59 20.13 23.75
CA LEU E 169 6.85 19.40 23.67
C LEU E 169 7.52 19.28 25.04
N LEU E 170 7.56 20.38 25.79
CA LEU E 170 8.27 20.37 27.07
C LEU E 170 7.50 19.61 28.13
N ARG E 171 6.18 19.81 28.20
CA ARG E 171 5.39 19.09 29.19
C ARG E 171 5.29 17.61 28.86
N SER E 172 5.34 17.24 27.58
CA SER E 172 5.37 15.84 27.22
C SER E 172 6.69 15.17 27.61
N TYR E 173 7.73 15.96 27.88
CA TYR E 173 9.01 15.45 28.35
C TYR E 173 9.18 15.59 29.85
N GLY E 174 8.18 16.11 30.56
CA GLY E 174 8.26 16.29 31.99
C GLY E 174 8.99 17.52 32.45
N GLU E 175 9.39 18.39 31.53
CA GLU E 175 10.15 19.58 31.89
C GLU E 175 9.23 20.66 32.43
N TRP E 176 9.62 21.27 33.56
CA TRP E 176 8.94 22.47 34.02
C TRP E 176 9.06 23.55 32.95
N PHE E 177 7.94 24.21 32.65
CA PHE E 177 7.92 25.21 31.60
C PHE E 177 6.92 26.28 32.02
N TYR E 178 7.41 27.36 32.62
CA TYR E 178 6.46 28.35 33.13
C TYR E 178 7.13 29.70 33.25
N TYR E 179 6.30 30.74 33.29
CA TYR E 179 6.75 32.10 33.57
C TYR E 179 6.75 32.30 35.07
N ASN E 180 7.89 32.69 35.63
CA ASN E 180 8.03 32.88 37.06
C ASN E 180 7.73 34.31 37.49
N GLY E 181 7.25 35.15 36.58
CA GLY E 181 6.97 36.54 36.85
C GLY E 181 8.01 37.49 36.29
N GLU E 182 9.24 37.03 36.10
CA GLU E 182 10.29 37.83 35.50
C GLU E 182 10.92 37.18 34.28
N THR E 183 11.18 35.87 34.34
CA THR E 183 11.81 35.14 33.24
C THR E 183 11.00 33.89 32.93
N LEU E 184 11.04 33.48 31.67
CA LEU E 184 10.45 32.22 31.24
C LEU E 184 11.43 31.10 31.56
N GLN E 185 11.04 30.21 32.45
CA GLN E 185 11.92 29.15 32.95
C GLN E 185 11.54 27.82 32.33
N ILE E 186 12.54 27.13 31.77
CA ILE E 186 12.40 25.76 31.28
C ILE E 186 13.30 24.90 32.14
N GLY E 187 12.73 23.86 32.75
CA GLY E 187 13.46 23.00 33.65
C GLY E 187 13.18 23.32 35.11
N ASN E 188 13.61 22.41 35.97
CA ASN E 188 13.35 22.53 37.40
C ASN E 188 14.14 23.69 37.98
N PRO E 189 13.48 24.70 38.57
CA PRO E 189 14.22 25.84 39.13
C PRO E 189 15.04 25.50 40.37
N GLU E 190 14.81 24.35 40.99
CA GLU E 190 15.48 23.96 42.23
C GLU E 190 15.25 24.98 43.33
N ILE E 191 14.02 25.44 43.49
CA ILE E 191 13.67 26.39 44.55
C ILE E 191 12.77 25.72 45.58
N ASP E 202 -2.80 34.31 58.94
CA ASP E 202 -2.21 34.03 57.63
C ASP E 202 -3.29 33.63 56.63
N LEU E 203 -3.53 32.33 56.52
CA LEU E 203 -4.52 31.82 55.59
C LEU E 203 -5.92 32.24 56.02
N THR E 204 -6.81 32.34 55.05
CA THR E 204 -8.20 32.77 55.29
C THR E 204 -9.22 31.76 54.81
N GLY E 205 -8.98 31.10 53.69
CA GLY E 205 -9.98 30.22 53.09
C GLY E 205 -9.46 28.87 52.69
N VAL E 206 -8.62 28.25 53.54
CA VAL E 206 -8.01 26.96 53.23
C VAL E 206 -9.08 25.92 52.89
N SER E 207 -8.73 24.99 52.01
CA SER E 207 -9.64 23.93 51.57
C SER E 207 -8.82 22.78 51.02
N ILE E 208 -8.83 21.65 51.71
CA ILE E 208 -8.10 20.46 51.31
C ILE E 208 -9.07 19.51 50.62
N ASN E 209 -8.65 18.94 49.48
CA ASN E 209 -9.49 17.99 48.77
C ASN E 209 -8.68 16.74 48.43
N ALA E 210 -9.39 15.60 48.40
CA ALA E 210 -8.79 14.32 48.05
C ALA E 210 -9.75 13.56 47.14
N THR E 211 -9.20 12.85 46.17
CA THR E 211 -9.99 12.14 45.16
C THR E 211 -9.48 10.72 44.99
N ILE E 212 -10.34 9.86 44.47
CA ILE E 212 -9.99 8.48 44.14
C ILE E 212 -9.38 8.46 42.75
N ARG E 213 -8.10 8.12 42.66
CA ARG E 213 -7.40 8.06 41.39
C ARG E 213 -6.72 6.70 41.26
N SER E 214 -6.60 6.22 40.03
CA SER E 214 -6.01 4.92 39.76
C SER E 214 -4.51 5.08 39.57
N LEU E 215 -3.73 4.37 40.38
CA LEU E 215 -2.29 4.32 40.24
C LEU E 215 -1.81 3.03 39.59
N ASN E 216 -2.74 2.18 39.13
CA ASN E 216 -2.40 0.91 38.51
C ASN E 216 -2.46 1.09 36.99
N HIS E 217 -1.44 1.73 36.44
CA HIS E 217 -1.37 2.00 35.02
C HIS E 217 0.04 1.77 34.51
N SER E 218 0.15 1.48 33.23
CA SER E 218 1.43 1.21 32.59
C SER E 218 1.40 1.76 31.17
N THR E 219 2.57 2.10 30.66
CA THR E 219 2.74 2.61 29.31
C THR E 219 3.65 1.69 28.51
N TYR E 220 3.41 1.63 27.21
CA TYR E 220 4.20 0.79 26.32
C TYR E 220 4.66 1.61 25.12
N GLU E 221 5.72 1.12 24.47
CA GLU E 221 6.20 1.74 23.24
C GLU E 221 7.10 0.76 22.51
N PHE E 222 6.80 0.51 21.23
CA PHE E 222 7.64 -0.34 20.40
C PHE E 222 8.54 0.52 19.54
N ASP E 223 9.85 0.28 19.62
CA ASP E 223 10.83 0.98 18.80
C ASP E 223 11.28 0.03 17.70
N PRO E 224 10.89 0.28 16.44
CA PRO E 224 11.36 -0.59 15.35
C PRO E 224 12.78 -0.31 14.91
N VAL E 225 13.30 0.89 15.14
CA VAL E 225 14.68 1.19 14.76
C VAL E 225 15.65 0.37 15.60
N ASN E 226 15.31 0.13 16.86
CA ASN E 226 16.10 -0.74 17.72
C ASN E 226 15.45 -2.07 18.01
N ASP E 227 14.22 -2.29 17.53
CA ASP E 227 13.50 -3.55 17.71
C ASP E 227 13.36 -3.91 19.19
N LYS E 228 12.83 -2.96 19.97
CA LYS E 228 12.70 -3.17 21.41
C LYS E 228 11.33 -2.72 21.88
N PHE E 229 10.73 -3.51 22.78
CA PHE E 229 9.43 -3.17 23.36
C PHE E 229 9.66 -2.63 24.76
N TYR E 230 9.64 -1.30 24.90
CA TYR E 230 9.76 -0.67 26.20
C TYR E 230 8.43 -0.72 26.93
N TYR E 231 8.48 -1.10 28.19
CA TYR E 231 7.32 -1.19 29.06
C TYR E 231 7.64 -0.50 30.37
N ASP E 232 6.70 0.28 30.89
CA ASP E 232 6.90 0.97 32.16
C ASP E 232 5.66 0.87 33.02
N TYR E 233 5.84 0.39 34.24
CA TYR E 233 4.75 0.31 35.21
C TYR E 233 4.81 1.53 36.15
N SER E 234 3.75 1.69 36.94
CA SER E 234 3.60 2.89 37.76
C SER E 234 4.75 3.01 38.75
N GLY E 235 5.29 4.23 38.87
CA GLY E 235 6.44 4.49 39.70
C GLY E 235 6.10 4.61 41.18
N THR E 236 6.99 5.30 41.90
CA THR E 236 6.88 5.48 43.33
C THR E 236 6.65 6.94 43.67
N PRO E 237 5.77 7.25 44.62
CA PRO E 237 5.50 8.65 44.96
C PRO E 237 6.72 9.34 45.54
N LYS E 238 6.86 10.61 45.22
CA LYS E 238 7.93 11.45 45.76
C LYS E 238 7.41 12.53 46.70
N GLY E 239 6.37 13.24 46.28
CA GLY E 239 5.74 14.21 47.16
C GLY E 239 4.35 13.78 47.56
N ALA E 240 4.19 13.41 48.84
CA ALA E 240 2.92 12.89 49.33
C ALA E 240 2.63 13.47 50.70
N THR E 241 1.46 14.05 50.86
CA THR E 241 1.00 14.55 52.16
C THR E 241 0.23 13.43 52.86
N LEU E 242 -0.40 13.76 53.99
CA LEU E 242 -1.19 12.75 54.69
C LEU E 242 -2.49 12.45 53.94
N GLY E 243 -3.14 13.49 53.42
CA GLY E 243 -4.32 13.26 52.61
C GLY E 243 -4.03 12.50 51.35
N SER E 244 -2.86 12.74 50.75
CA SER E 244 -2.45 11.98 49.58
C SER E 244 -2.32 10.50 49.91
N ARG E 245 -1.73 10.18 51.07
CA ARG E 245 -1.56 8.79 51.44
C ARG E 245 -2.90 8.13 51.77
N SER E 246 -3.80 8.87 52.43
CA SER E 246 -5.14 8.32 52.68
C SER E 246 -5.88 8.06 51.39
N ALA E 247 -5.79 8.98 50.42
CA ALA E 247 -6.43 8.79 49.14
C ALA E 247 -5.84 7.60 48.38
N GLU E 248 -4.50 7.46 48.43
CA GLU E 248 -3.86 6.32 47.77
C GLU E 248 -4.31 5.01 48.40
N LYS E 249 -4.38 4.95 49.73
CA LYS E 249 -4.84 3.75 50.41
C LYS E 249 -6.27 3.42 50.05
N CYS E 250 -7.13 4.44 49.98
CA CYS E 250 -8.53 4.19 49.61
C CYS E 250 -8.65 3.73 48.16
N SER E 251 -7.82 4.28 47.27
CA SER E 251 -7.89 3.96 45.86
C SER E 251 -7.25 2.63 45.50
N GLU E 252 -6.37 2.10 46.35
CA GLU E 252 -5.69 0.85 46.02
C GLU E 252 -6.65 -0.31 45.74
N PRO E 253 -7.67 -0.59 46.57
CA PRO E 253 -8.57 -1.71 46.24
C PRO E 253 -9.48 -1.45 45.06
N ILE E 254 -9.74 -0.18 44.72
CA ILE E 254 -10.74 0.13 43.68
C ILE E 254 -10.26 -0.34 42.32
N PHE E 255 -8.96 -0.23 42.05
CA PHE E 255 -8.39 -0.52 40.74
C PHE E 255 -7.40 -1.67 40.85
N PRO E 256 -7.85 -2.92 40.67
CA PRO E 256 -6.94 -4.06 40.73
C PRO E 256 -6.38 -4.52 39.39
N THR E 257 -6.81 -3.91 38.29
CA THR E 257 -6.36 -4.28 36.95
C THR E 257 -5.44 -3.20 36.40
N GLU E 258 -4.44 -3.62 35.63
CA GLU E 258 -3.45 -2.70 35.09
C GLU E 258 -3.94 -2.12 33.79
N ALA E 259 -4.01 -0.79 33.71
CA ALA E 259 -4.47 -0.08 32.53
C ALA E 259 -3.29 0.22 31.63
N LYS E 260 -3.25 -0.40 30.46
CA LYS E 260 -2.14 -0.25 29.53
C LYS E 260 -2.45 0.84 28.52
N LEU E 261 -1.51 1.75 28.30
CA LEU E 261 -1.70 2.83 27.36
C LEU E 261 -0.44 3.02 26.53
N PRO E 262 -0.59 3.49 25.29
CA PRO E 262 0.58 3.85 24.49
C PRO E 262 1.16 5.18 24.94
N SER E 263 2.35 5.47 24.43
CA SER E 263 3.03 6.71 24.74
C SER E 263 2.56 7.81 23.79
N MET E 264 2.07 8.92 24.35
CA MET E 264 1.65 10.04 23.52
C MET E 264 2.82 10.64 22.77
N ARG E 265 4.01 10.56 23.35
CA ARG E 265 5.27 11.03 22.83
C ARG E 265 6.14 9.84 22.44
N PRO E 266 6.83 9.90 21.30
CA PRO E 266 7.71 8.78 20.92
C PRO E 266 8.82 8.58 21.94
N ALA E 267 9.13 7.31 22.19
CA ALA E 267 10.21 6.93 23.10
C ALA E 267 11.27 6.18 22.31
N TYR E 268 12.53 6.60 22.47
CA TYR E 268 13.63 6.03 21.70
C TYR E 268 14.58 5.21 22.55
N SER E 269 14.26 4.99 23.84
CA SER E 269 15.09 4.17 24.71
C SER E 269 14.25 3.75 25.90
N ALA E 270 14.75 2.75 26.63
CA ALA E 270 14.07 2.30 27.83
C ALA E 270 14.01 3.40 28.88
N MET E 271 15.12 4.13 29.05
CA MET E 271 15.15 5.23 30.01
C MET E 271 14.16 6.33 29.63
N ASP E 272 14.01 6.59 28.32
CA ASP E 272 13.05 7.59 27.87
C ASP E 272 11.63 7.23 28.30
N LEU E 273 11.23 5.98 28.09
CA LEU E 273 9.90 5.55 28.51
C LEU E 273 9.78 5.54 30.03
N GLU E 274 10.86 5.21 30.74
CA GLU E 274 10.83 5.27 32.20
C GLU E 274 10.56 6.69 32.68
N HIS E 275 11.21 7.67 32.07
CA HIS E 275 10.97 9.07 32.42
C HIS E 275 9.54 9.48 32.07
N TYR E 276 9.06 9.09 30.90
CA TYR E 276 7.70 9.44 30.50
C TYR E 276 6.68 8.87 31.49
N GLY E 277 6.84 7.59 31.83
CA GLY E 277 5.92 6.94 32.74
C GLY E 277 5.95 7.53 34.14
N ASP E 278 7.15 7.87 34.64
CA ASP E 278 7.19 8.43 35.99
C ASP E 278 6.64 9.84 36.01
N ALA E 279 6.82 10.60 34.93
CA ALA E 279 6.18 11.91 34.84
C ALA E 279 4.67 11.79 34.88
N GLY E 280 4.11 10.85 34.11
CA GLY E 280 2.68 10.64 34.15
C GLY E 280 2.17 10.19 35.52
N PHE E 281 2.89 9.25 36.14
CA PHE E 281 2.50 8.77 37.45
C PHE E 281 2.52 9.90 38.47
N HIS E 282 3.54 10.76 38.43
CA HIS E 282 3.62 11.83 39.41
C HIS E 282 2.58 12.91 39.15
N ARG E 283 2.20 13.14 37.91
CA ARG E 283 1.05 14.02 37.65
C ARG E 283 -0.22 13.45 38.28
N ASN E 284 -0.45 12.16 38.09
CA ASN E 284 -1.62 11.52 38.71
C ASN E 284 -1.57 11.65 40.24
N TYR E 285 -0.41 11.36 40.82
CA TYR E 285 -0.28 11.40 42.27
C TYR E 285 -0.42 12.82 42.82
N SER E 286 0.02 13.82 42.07
CA SER E 286 -0.20 15.20 42.50
C SER E 286 -1.69 15.53 42.47
N GLN E 287 -2.42 15.00 41.49
CA GLN E 287 -3.85 15.20 41.49
C GLN E 287 -4.59 14.33 42.52
N LEU E 288 -3.89 13.41 43.18
CA LEU E 288 -4.54 12.59 44.21
C LEU E 288 -5.19 13.46 45.31
N SER E 289 -4.48 14.47 45.78
CA SER E 289 -5.02 15.38 46.79
C SER E 289 -4.31 16.72 46.68
N GLN E 290 -5.06 17.81 46.91
CA GLN E 290 -4.54 19.15 46.66
C GLN E 290 -5.13 20.13 47.66
N ILE E 291 -4.65 21.37 47.60
CA ILE E 291 -5.11 22.43 48.50
C ILE E 291 -5.58 23.62 47.68
N LYS E 292 -6.56 24.34 48.24
CA LYS E 292 -7.24 25.46 47.59
C LYS E 292 -7.37 26.55 48.64
N ALA E 293 -6.40 27.47 48.70
CA ALA E 293 -6.33 28.39 49.83
C ALA E 293 -6.40 29.84 49.36
N SER E 294 -6.55 30.74 50.33
CA SER E 294 -6.62 32.17 50.06
C SER E 294 -6.05 32.91 51.26
N SER E 295 -5.64 34.16 51.01
CA SER E 295 -4.99 34.97 52.04
C SER E 295 -4.96 36.42 51.57
N ARG E 296 -4.22 37.25 52.31
CA ARG E 296 -3.96 38.64 51.95
C ARG E 296 -2.47 38.95 52.06
N TYR E 297 -1.64 37.95 51.77
CA TYR E 297 -0.20 38.05 51.89
C TYR E 297 0.42 37.97 50.51
N CYS E 298 1.20 38.98 50.15
CA CYS E 298 1.80 39.06 48.82
C CYS E 298 3.12 38.28 48.72
N GLY E 299 3.59 37.71 49.83
CA GLY E 299 4.82 36.92 49.80
C GLY E 299 4.66 35.51 49.31
N ILE E 300 3.42 35.06 49.10
CA ILE E 300 3.15 33.74 48.55
C ILE E 300 3.36 33.81 47.04
N ARG E 301 4.44 33.20 46.56
CA ARG E 301 4.85 33.32 45.17
C ARG E 301 4.58 32.03 44.42
N LEU E 302 4.74 32.12 43.10
CA LEU E 302 4.43 30.99 42.22
C LEU E 302 5.60 30.02 42.16
N GLY E 303 5.29 28.73 42.29
CA GLY E 303 6.32 27.71 42.29
C GLY E 303 7.08 27.56 43.59
N GLU E 304 6.61 28.16 44.67
CA GLU E 304 7.27 28.11 45.97
C GLU E 304 6.51 27.17 46.90
N LEU E 305 7.11 26.92 48.06
CA LEU E 305 6.53 26.04 49.07
C LEU E 305 5.86 26.86 50.16
N VAL E 306 4.69 26.42 50.59
CA VAL E 306 3.97 27.04 51.70
C VAL E 306 3.54 25.93 52.65
N VAL E 307 3.78 26.14 53.94
CA VAL E 307 3.33 25.23 54.98
C VAL E 307 2.04 25.80 55.54
N THR E 308 0.92 25.14 55.24
CA THR E 308 -0.40 25.70 55.50
C THR E 308 -0.88 25.31 56.88
N ARG E 309 -1.35 26.30 57.63
CA ARG E 309 -1.91 26.10 58.96
C ARG E 309 -3.31 26.68 59.01
N VAL E 310 -4.24 25.94 59.62
CA VAL E 310 -5.63 26.39 59.68
C VAL E 310 -5.79 27.69 60.48
N PRO E 311 -5.19 27.87 61.67
CA PRO E 311 -5.56 29.12 62.33
C PRO E 311 -4.75 30.32 61.83
N THR E 320 -2.31 21.50 63.60
CA THR E 320 -2.35 22.77 62.91
C THR E 320 -1.79 22.66 61.50
N ASP E 321 -0.76 21.83 61.34
CA ASP E 321 -0.13 21.65 60.04
C ASP E 321 -1.05 20.88 59.10
N LEU E 322 -1.27 21.43 57.91
CA LEU E 322 -2.08 20.78 56.90
C LEU E 322 -1.26 20.17 55.77
N GLY E 323 0.06 20.27 55.84
CA GLY E 323 0.92 19.75 54.81
C GLY E 323 1.63 20.86 54.05
N ARG E 324 2.82 20.54 53.54
CA ARG E 324 3.60 21.45 52.73
C ARG E 324 3.15 21.32 51.28
N TYR E 325 2.78 22.45 50.67
CA TYR E 325 2.24 22.45 49.32
C TYR E 325 3.02 23.40 48.44
N ARG E 326 3.28 22.98 47.21
CA ARG E 326 3.89 23.82 46.19
C ARG E 326 2.79 24.54 45.43
N ILE E 327 2.94 25.86 45.30
CA ILE E 327 1.92 26.68 44.66
C ILE E 327 2.02 26.51 43.15
N THR E 328 0.92 26.09 42.52
CA THR E 328 0.89 25.90 41.08
C THR E 328 0.18 27.02 40.34
N GLU E 329 -0.82 27.64 40.96
CA GLU E 329 -1.47 28.80 40.38
C GLU E 329 -1.90 29.73 41.51
N ILE E 330 -1.96 31.02 41.19
CA ILE E 330 -2.26 32.03 42.24
C ILE E 330 -2.88 33.25 41.56
N THR E 331 -3.92 33.83 42.16
CA THR E 331 -4.59 35.02 41.57
C THR E 331 -4.48 36.20 42.53
N HIS E 332 -3.51 37.08 42.32
CA HIS E 332 -3.40 38.31 43.14
C HIS E 332 -4.39 39.34 42.57
N THR E 333 -5.14 40.03 43.44
CA THR E 333 -6.17 40.95 42.91
C THR E 333 -6.39 42.13 43.87
N VAL E 334 -6.78 43.29 43.32
CA VAL E 334 -7.11 44.47 44.18
C VAL E 334 -8.35 45.13 43.58
N ASP E 335 -9.39 45.33 44.39
CA ASP E 335 -10.65 45.87 43.89
C ASP E 335 -10.62 47.39 43.96
N GLY E 336 -11.79 48.02 43.78
CA GLY E 336 -11.84 49.47 43.71
C GLY E 336 -11.38 50.15 44.98
N GLN E 337 -11.80 49.60 46.14
CA GLN E 337 -11.43 50.19 47.42
C GLN E 337 -9.95 50.03 47.74
N GLY E 338 -9.22 49.23 46.97
CA GLY E 338 -7.82 48.98 47.23
C GLY E 338 -7.52 47.80 48.13
N ARG E 339 -8.52 47.00 48.46
CA ARG E 339 -8.33 45.85 49.34
C ARG E 339 -7.69 44.72 48.55
N TYR E 340 -6.40 44.48 48.78
CA TYR E 340 -5.71 43.39 48.13
C TYR E 340 -6.23 42.05 48.64
N SER E 341 -6.34 41.08 47.73
CA SER E 341 -6.74 39.73 48.07
C SER E 341 -5.83 38.77 47.32
N ASN E 342 -5.82 37.52 47.77
CA ASN E 342 -4.91 36.54 47.19
C ASN E 342 -5.55 35.16 47.29
N THR E 343 -5.37 34.35 46.26
CA THR E 343 -5.99 33.04 46.18
C THR E 343 -5.09 32.13 45.34
N PHE E 344 -4.87 30.90 45.81
CA PHE E 344 -3.90 30.04 45.16
C PHE E 344 -4.27 28.57 45.29
N CYS E 345 -3.66 27.77 44.40
CA CYS E 345 -3.79 26.32 44.35
C CYS E 345 -2.44 25.69 44.67
N GLY E 346 -2.48 24.54 45.34
CA GLY E 346 -1.26 23.87 45.72
C GLY E 346 -1.34 22.38 45.53
N VAL E 347 -0.23 21.81 45.08
CA VAL E 347 -0.07 20.37 44.95
C VAL E 347 0.86 19.91 46.07
N PRO E 348 0.84 18.62 46.42
CA PRO E 348 1.76 18.13 47.47
C PRO E 348 3.20 18.49 47.21
N GLY E 349 3.80 19.30 48.10
CA GLY E 349 5.16 19.73 47.96
C GLY E 349 6.13 18.58 47.84
N GLY E 350 7.04 18.66 46.87
CA GLY E 350 7.89 17.54 46.55
C GLY E 350 7.48 16.77 45.32
N THR E 351 6.46 17.21 44.60
CA THR E 351 6.07 16.58 43.35
C THR E 351 7.08 16.93 42.27
N PRO E 352 7.73 15.96 41.64
CA PRO E 352 8.79 16.29 40.68
C PRO E 352 8.29 16.89 39.37
N VAL E 353 7.03 16.72 39.02
CA VAL E 353 6.51 17.24 37.75
C VAL E 353 5.33 18.16 38.03
N MET E 354 5.25 19.21 37.23
CA MET E 354 4.22 20.22 37.33
C MET E 354 2.98 19.79 36.55
N PRO E 355 1.82 20.38 36.85
CA PRO E 355 0.57 19.93 36.22
C PRO E 355 0.59 20.08 34.70
N TRP E 356 -0.10 19.16 34.03
CA TRP E 356 -0.27 19.19 32.59
C TRP E 356 -1.46 20.09 32.28
N GLY E 357 -1.18 21.30 31.79
CA GLY E 357 -2.22 22.23 31.44
C GLY E 357 -1.76 23.09 30.27
N ASP E 358 -2.74 23.62 29.54
CA ASP E 358 -2.55 24.45 28.36
C ASP E 358 -1.93 23.66 27.20
N ALA E 359 -1.62 22.39 27.39
CA ALA E 359 -0.95 21.58 26.38
C ALA E 359 -1.95 20.60 25.78
N VAL E 360 -2.00 20.55 24.45
CA VAL E 360 -2.83 19.62 23.72
C VAL E 360 -1.99 19.00 22.62
N MET E 361 -1.99 17.67 22.56
CA MET E 361 -1.20 16.98 21.55
C MET E 361 -1.93 17.00 20.21
N PRO E 362 -1.26 17.37 19.13
CA PRO E 362 -1.95 17.49 17.84
C PRO E 362 -2.29 16.14 17.24
N VAL E 363 -3.19 16.19 16.26
CA VAL E 363 -3.61 15.01 15.50
C VAL E 363 -3.23 15.26 14.05
N ALA E 364 -2.45 14.36 13.48
CA ALA E 364 -1.91 14.53 12.13
C ALA E 364 -2.57 13.57 11.17
N TYR E 365 -2.75 14.01 9.94
CA TYR E 365 -3.43 13.29 8.88
C TYR E 365 -2.51 13.22 7.67
N PRO E 366 -2.72 12.27 6.76
CA PRO E 366 -1.76 12.06 5.67
C PRO E 366 -1.50 13.31 4.85
N GLU E 367 -0.23 13.52 4.53
CA GLU E 367 0.21 14.68 3.75
C GLU E 367 1.03 14.18 2.57
N MET E 368 0.98 14.92 1.47
CA MET E 368 1.84 14.60 0.34
C MET E 368 3.22 15.21 0.53
N ALA E 369 4.25 14.46 0.14
CA ALA E 369 5.63 14.91 0.30
C ALA E 369 6.46 14.35 -0.85
N ARG E 370 7.74 14.70 -0.86
CA ARG E 370 8.67 14.28 -1.90
C ARG E 370 9.90 13.65 -1.28
N VAL E 371 10.28 12.48 -1.77
CA VAL E 371 11.47 11.81 -1.26
C VAL E 371 12.71 12.59 -1.68
N VAL E 372 13.59 12.87 -0.71
CA VAL E 372 14.84 13.52 -1.01
C VAL E 372 16.05 12.61 -0.89
N SER E 373 15.96 11.52 -0.12
CA SER E 373 17.08 10.59 -0.07
C SER E 373 16.61 9.23 0.42
N ASN E 374 17.45 8.22 0.15
CA ASN E 374 17.22 6.88 0.69
C ASN E 374 18.51 6.23 1.18
N GLU E 375 19.59 6.98 1.32
CA GLU E 375 20.87 6.44 1.80
C GLU E 375 20.81 6.34 3.32
N ASP E 376 20.11 5.32 3.79
CA ASP E 376 19.84 5.17 5.21
C ASP E 376 21.08 4.72 5.96
N PRO E 377 21.55 5.45 6.97
CA PRO E 377 22.75 5.01 7.69
C PRO E 377 22.54 3.74 8.50
N LYS E 378 21.35 3.56 9.09
CA LYS E 378 21.05 2.35 9.83
C LYS E 378 20.79 1.15 8.93
N ASN E 379 20.64 1.37 7.63
CA ASN E 379 20.39 0.32 6.65
C ASN E 379 19.12 -0.46 7.00
N GLN E 380 18.00 0.26 7.04
CA GLN E 380 16.71 -0.32 7.36
C GLN E 380 15.64 -0.03 6.32
N GLY E 381 16.00 0.53 5.17
CA GLY E 381 15.04 0.84 4.14
C GLY E 381 14.31 2.14 4.32
N ARG E 382 14.67 2.94 5.32
CA ARG E 382 14.01 4.21 5.57
C ARG E 382 14.37 5.23 4.50
N VAL E 383 13.51 6.24 4.34
CA VAL E 383 13.73 7.31 3.38
C VAL E 383 13.58 8.65 4.09
N LYS E 384 14.18 9.67 3.51
CA LYS E 384 14.07 11.05 3.95
C LYS E 384 13.28 11.82 2.91
N VAL E 385 12.21 12.48 3.35
CA VAL E 385 11.29 13.17 2.47
C VAL E 385 11.24 14.64 2.85
N GLN E 386 10.66 15.44 1.95
CA GLN E 386 10.45 16.87 2.17
C GLN E 386 8.98 17.17 2.00
N PHE E 387 8.35 17.64 3.07
CA PHE E 387 6.91 17.92 3.05
C PHE E 387 6.62 19.14 2.18
N MET E 388 5.33 19.39 1.96
CA MET E 388 4.93 20.49 1.08
C MET E 388 5.17 21.85 1.71
N TRP E 389 5.22 21.92 3.04
CA TRP E 389 5.54 23.18 3.69
C TRP E 389 7.04 23.48 3.72
N GLN E 390 7.86 22.54 3.28
CA GLN E 390 9.29 22.76 3.12
C GLN E 390 9.68 23.00 1.67
N GLU E 391 8.70 23.11 0.77
CA GLU E 391 9.00 23.22 -0.66
C GLU E 391 9.70 24.52 -0.99
N VAL E 392 9.26 25.63 -0.41
CA VAL E 392 9.79 26.93 -0.81
C VAL E 392 11.14 27.19 -0.15
N ASP E 393 11.18 27.19 1.18
CA ASP E 393 12.39 27.53 1.90
C ASP E 393 13.34 26.35 2.11
N GLY E 394 12.98 25.15 1.68
CA GLY E 394 13.91 24.04 1.76
C GLY E 394 13.87 23.34 3.11
N GLY E 395 14.30 22.10 3.10
CA GLY E 395 14.30 21.30 4.31
C GLY E 395 13.94 19.86 4.01
N GLU E 396 14.11 19.02 5.03
CA GLU E 396 13.81 17.61 4.92
C GLU E 396 13.47 17.07 6.29
N SER E 397 12.87 15.90 6.31
CA SER E 397 12.47 15.26 7.55
C SER E 397 13.60 14.34 8.05
N TYR E 398 13.30 13.50 9.02
CA TYR E 398 14.20 12.45 9.45
C TYR E 398 13.93 11.20 8.60
N TRP E 399 14.49 10.07 8.99
CA TRP E 399 14.26 8.83 8.27
C TRP E 399 12.97 8.18 8.72
N MET E 400 12.09 7.87 7.76
CA MET E 400 10.81 7.26 8.05
C MET E 400 10.65 5.97 7.25
N ARG E 401 9.94 5.02 7.84
CA ARG E 401 9.73 3.73 7.20
C ARG E 401 8.82 3.86 5.98
N VAL E 402 9.05 3.00 4.99
CA VAL E 402 8.22 2.92 3.80
C VAL E 402 7.35 1.69 3.92
N GLN E 403 6.04 1.88 3.87
CA GLN E 403 5.10 0.77 3.98
C GLN E 403 5.14 -0.08 2.71
N SER E 404 5.12 -1.39 2.90
CA SER E 404 5.25 -2.34 1.80
C SER E 404 4.07 -3.31 1.80
N PRO E 405 3.60 -3.72 0.62
CA PRO E 405 2.54 -4.74 0.57
C PRO E 405 2.96 -6.07 1.15
N ASP E 406 4.22 -6.46 1.00
CA ASP E 406 4.76 -7.66 1.63
C ASP E 406 6.12 -7.33 2.20
N ALA E 407 6.34 -7.71 3.46
CA ALA E 407 7.60 -7.41 4.13
C ALA E 407 7.77 -8.37 5.29
N GLY E 408 9.00 -8.80 5.54
CA GLY E 408 9.25 -9.70 6.64
C GLY E 408 10.54 -10.47 6.45
N LYS E 409 10.58 -11.67 7.02
CA LYS E 409 11.74 -12.52 6.97
C LYS E 409 11.29 -13.97 7.04
N SER E 410 12.25 -14.88 6.91
CA SER E 410 11.97 -16.31 7.01
C SER E 410 13.28 -17.02 7.37
N ASP E 411 13.17 -18.34 7.57
CA ASP E 411 14.35 -19.14 7.86
C ASP E 411 15.33 -19.14 6.69
N GLN E 412 14.81 -19.25 5.47
CA GLN E 412 15.67 -19.26 4.29
C GLN E 412 16.02 -17.86 3.80
N VAL E 413 15.12 -16.89 3.99
CA VAL E 413 15.41 -15.50 3.65
C VAL E 413 15.50 -14.70 4.94
N ALA E 414 16.73 -14.51 5.43
CA ALA E 414 16.93 -13.86 6.71
C ALA E 414 16.44 -12.41 6.68
N LYS E 415 16.70 -11.70 5.58
CA LYS E 415 16.35 -10.30 5.48
C LYS E 415 15.70 -10.03 4.13
N ASN E 416 14.88 -8.98 4.08
CA ASN E 416 14.30 -8.47 2.85
C ASN E 416 13.44 -9.52 2.14
N ARG E 417 12.43 -10.00 2.86
CA ARG E 417 11.46 -10.92 2.30
C ARG E 417 10.22 -10.15 1.86
N GLY E 418 9.78 -10.40 0.63
CA GLY E 418 8.60 -9.72 0.12
C GLY E 418 8.93 -8.62 -0.87
N PHE E 419 8.09 -7.59 -0.89
CA PHE E 419 8.19 -6.50 -1.85
C PHE E 419 9.18 -5.46 -1.33
N VAL E 420 10.33 -5.37 -1.97
CA VAL E 420 11.37 -4.41 -1.59
C VAL E 420 11.57 -3.48 -2.77
N PHE E 421 10.86 -2.35 -2.77
CA PHE E 421 10.99 -1.30 -3.78
C PHE E 421 11.12 0.03 -3.04
N ILE E 422 12.33 0.38 -2.64
CA ILE E 422 12.54 1.64 -1.91
C ILE E 422 12.36 2.81 -2.88
N PRO E 423 11.63 3.86 -2.49
CA PRO E 423 11.42 4.99 -3.40
C PRO E 423 12.71 5.72 -3.72
N GLU E 424 12.76 6.29 -4.92
CA GLU E 424 13.84 7.11 -5.41
C GLU E 424 13.63 8.57 -5.04
N PRO E 425 14.70 9.35 -4.94
CA PRO E 425 14.54 10.79 -4.70
C PRO E 425 13.71 11.44 -5.81
N GLY E 426 12.85 12.37 -5.40
CA GLY E 426 11.92 13.00 -6.31
C GLY E 426 10.58 12.32 -6.45
N ASP E 427 10.38 11.18 -5.79
CA ASP E 427 9.10 10.47 -5.86
C ASP E 427 8.07 11.18 -4.98
N LEU E 428 6.89 11.41 -5.53
CA LEU E 428 5.79 11.96 -4.75
C LEU E 428 5.15 10.85 -3.93
N VAL E 429 5.07 11.05 -2.61
CA VAL E 429 4.62 10.01 -1.70
C VAL E 429 3.51 10.56 -0.80
N MET E 430 2.72 9.63 -0.30
CA MET E 430 1.72 9.88 0.73
C MET E 430 2.32 9.49 2.07
N VAL E 431 2.36 10.43 3.00
CA VAL E 431 2.97 10.23 4.31
C VAL E 431 1.83 10.18 5.33
N GLY E 432 1.58 9.01 5.87
CA GLY E 432 0.70 8.88 7.01
C GLY E 432 1.46 9.03 8.31
N PHE E 433 0.71 9.09 9.40
CA PHE E 433 1.29 9.28 10.73
C PHE E 433 0.80 8.18 11.64
N GLU E 434 1.74 7.44 12.24
CA GLU E 434 1.37 6.37 13.14
C GLU E 434 0.66 6.94 14.36
N GLN E 435 -0.46 6.33 14.72
CA GLN E 435 -1.40 6.90 15.70
C GLN E 435 -1.77 8.28 15.16
N GLY E 436 -1.94 9.30 16.00
CA GLY E 436 -2.18 10.63 15.51
C GLY E 436 -0.97 11.52 15.55
N ASN E 437 0.21 10.98 15.84
CA ASN E 437 1.36 11.79 16.22
C ASN E 437 2.06 12.34 14.99
N PRO E 438 2.22 13.66 14.86
CA PRO E 438 3.05 14.20 13.78
C PRO E 438 4.51 13.79 13.88
N ASP E 439 4.98 13.39 15.07
CA ASP E 439 6.35 12.94 15.25
C ASP E 439 6.55 11.48 14.87
N ARG E 440 5.53 10.84 14.30
CA ARG E 440 5.61 9.44 13.88
C ARG E 440 5.15 9.31 12.43
N PRO E 441 5.90 9.86 11.49
CA PRO E 441 5.51 9.76 10.08
C PRO E 441 6.10 8.54 9.39
N TYR E 442 5.39 8.09 8.37
CA TYR E 442 5.86 6.99 7.53
C TYR E 442 5.25 7.14 6.15
N VAL E 443 5.90 6.54 5.17
CA VAL E 443 5.43 6.60 3.79
C VAL E 443 4.41 5.49 3.60
N THR E 444 3.15 5.87 3.35
CA THR E 444 2.11 4.88 3.07
C THR E 444 2.21 4.34 1.65
N GLY E 445 2.64 5.16 0.71
CA GLY E 445 2.72 4.74 -0.67
C GLY E 445 3.18 5.89 -1.54
N SER E 446 3.20 5.64 -2.85
CA SER E 446 3.64 6.62 -3.83
C SER E 446 2.48 6.97 -4.75
N LEU E 447 2.64 8.08 -5.48
CA LEU E 447 1.56 8.67 -6.26
C LEU E 447 2.00 8.95 -7.69
N PHE E 448 1.11 8.70 -8.64
CA PHE E 448 1.30 9.03 -10.05
C PHE E 448 0.48 10.29 -10.34
N TYR E 449 1.12 11.46 -10.34
CA TYR E 449 0.32 12.67 -10.46
C TYR E 449 0.22 13.26 -11.86
N LYS E 450 1.28 13.92 -12.33
CA LYS E 450 1.25 14.51 -13.66
C LYS E 450 2.59 14.30 -14.39
N ALA E 451 3.68 14.40 -13.63
CA ALA E 451 5.01 14.44 -14.19
C ALA E 451 5.61 13.06 -14.39
N ASN E 452 4.94 12.00 -13.92
CA ASN E 452 5.51 10.67 -13.98
C ASN E 452 4.51 9.62 -14.47
N SER E 453 3.33 10.02 -14.91
CA SER E 453 2.29 9.07 -15.32
C SER E 453 1.82 9.38 -16.72
N GLN E 454 1.87 8.36 -17.59
CA GLN E 454 1.19 8.42 -18.87
C GLN E 454 -0.20 7.82 -18.80
N GLY E 455 -0.64 7.41 -17.62
CA GLY E 455 -1.97 6.89 -17.42
C GLY E 455 -2.08 5.42 -17.78
N ALA E 456 -3.32 4.94 -17.76
CA ALA E 456 -3.61 3.60 -18.22
C ALA E 456 -3.76 3.59 -19.74
N ALA E 457 -3.39 2.47 -20.34
CA ALA E 457 -3.62 2.30 -21.77
C ALA E 457 -5.11 2.16 -22.03
N THR E 458 -5.48 2.01 -23.31
CA THR E 458 -6.88 1.92 -23.66
C THR E 458 -7.52 0.72 -22.98
N ASP E 459 -8.59 0.97 -22.22
CA ASP E 459 -9.26 -0.06 -21.42
C ASP E 459 -8.29 -0.75 -20.47
N ASN E 460 -7.42 0.04 -19.85
CA ASN E 460 -6.32 -0.47 -19.01
C ASN E 460 -5.52 -1.34 -19.96
N THR E 461 -5.41 -2.63 -19.66
CA THR E 461 -4.82 -3.68 -20.50
C THR E 461 -3.31 -3.75 -20.28
N VAL E 462 -2.71 -2.84 -19.51
CA VAL E 462 -1.27 -2.87 -19.29
C VAL E 462 -1.02 -2.81 -17.79
N LYS E 463 -0.37 -3.83 -17.26
CA LYS E 463 0.04 -3.88 -15.85
C LYS E 463 1.53 -4.18 -15.83
N SER E 464 2.34 -3.20 -15.45
CA SER E 464 3.78 -3.31 -15.61
C SER E 464 4.51 -2.96 -14.32
N ILE E 465 5.59 -3.70 -14.06
CA ILE E 465 6.57 -3.34 -13.05
C ILE E 465 7.81 -2.87 -13.77
N ARG E 466 8.19 -1.61 -13.57
CA ARG E 466 9.33 -1.02 -14.25
C ARG E 466 10.27 -0.41 -13.22
N THR E 467 11.57 -0.70 -13.38
CA THR E 467 12.59 -0.07 -12.55
C THR E 467 13.19 1.11 -13.32
N ARG E 468 14.17 1.76 -12.70
CA ARG E 468 14.69 3.01 -13.25
C ARG E 468 15.64 2.80 -14.43
N SER E 469 16.12 1.58 -14.67
CA SER E 469 16.94 1.30 -15.83
C SER E 469 16.14 0.87 -17.04
N GLY E 470 14.84 0.64 -16.89
CA GLY E 470 14.01 0.16 -17.98
C GLY E 470 13.69 -1.31 -17.93
N HIS E 471 14.04 -2.02 -16.87
CA HIS E 471 13.66 -3.42 -16.73
C HIS E 471 12.14 -3.51 -16.57
N THR E 472 11.49 -4.14 -17.53
CA THR E 472 10.04 -4.18 -17.61
C THR E 472 9.54 -5.61 -17.41
N LEU E 473 8.60 -5.77 -16.48
CA LEU E 473 7.84 -7.01 -16.32
C LEU E 473 6.38 -6.63 -16.55
N GLU E 474 5.89 -6.89 -17.75
CA GLU E 474 4.64 -6.32 -18.24
C GLU E 474 3.66 -7.42 -18.59
N PHE E 475 2.38 -7.17 -18.28
CA PHE E 475 1.27 -7.99 -18.72
C PHE E 475 0.36 -7.14 -19.58
N ASN E 476 0.07 -7.60 -20.79
CA ASN E 476 -0.82 -6.93 -21.71
C ASN E 476 -2.07 -7.78 -21.88
N ASP E 477 -3.20 -7.27 -21.42
CA ASP E 477 -4.47 -7.99 -21.41
C ASP E 477 -5.32 -7.72 -22.63
N ASP E 478 -4.81 -6.96 -23.60
CA ASP E 478 -5.57 -6.67 -24.81
C ASP E 478 -5.63 -7.92 -25.69
N GLU E 479 -6.71 -8.69 -25.55
CA GLU E 479 -6.81 -9.96 -26.27
C GLU E 479 -6.94 -9.77 -27.77
N GLY E 480 -7.24 -8.56 -28.24
CA GLY E 480 -7.23 -8.24 -29.65
C GLY E 480 -5.99 -7.55 -30.13
N GLY E 481 -5.01 -7.31 -29.26
CA GLY E 481 -3.79 -6.64 -29.65
C GLY E 481 -2.54 -7.41 -29.24
N ASP E 482 -1.66 -6.76 -28.50
CA ASP E 482 -0.40 -7.38 -28.07
C ASP E 482 -0.59 -8.20 -26.79
N TRP E 483 -1.57 -9.09 -26.82
CA TRP E 483 -1.89 -9.92 -25.66
C TRP E 483 -0.70 -10.79 -25.27
N GLY E 484 -0.37 -10.80 -23.99
CA GLY E 484 0.67 -11.68 -23.51
C GLY E 484 1.43 -11.10 -22.33
N ILE E 485 2.65 -11.59 -22.17
CA ILE E 485 3.54 -11.19 -21.08
C ILE E 485 4.91 -10.86 -21.67
N THR E 486 5.63 -9.96 -21.02
CA THR E 486 6.93 -9.51 -21.54
C THR E 486 7.87 -9.21 -20.39
N ILE E 487 9.01 -9.88 -20.34
CA ILE E 487 10.10 -9.53 -19.45
C ILE E 487 11.24 -9.02 -20.32
N LYS E 488 11.54 -7.74 -20.24
CA LYS E 488 12.53 -7.16 -21.14
C LYS E 488 13.41 -6.18 -20.38
N ASP E 489 14.52 -5.81 -21.01
CA ASP E 489 15.43 -4.81 -20.50
C ASP E 489 15.62 -3.73 -21.56
N ARG E 490 16.35 -2.67 -21.19
CA ARG E 490 16.55 -1.57 -22.11
C ARG E 490 17.45 -1.95 -23.28
N ASN E 491 18.42 -2.84 -23.07
CA ASN E 491 19.39 -3.14 -24.11
C ASN E 491 18.80 -3.98 -25.23
N GLY E 492 17.86 -4.88 -24.93
CA GLY E 492 17.24 -5.67 -25.97
C GLY E 492 16.92 -7.10 -25.61
N CYS E 493 17.36 -7.55 -24.44
CA CYS E 493 16.98 -8.87 -23.95
C CYS E 493 15.47 -8.90 -23.74
N MET E 494 14.82 -9.92 -24.28
CA MET E 494 13.37 -9.98 -24.30
C MET E 494 12.91 -11.42 -24.08
N PHE E 495 11.83 -11.57 -23.32
CA PHE E 495 11.25 -12.88 -23.06
C PHE E 495 9.73 -12.70 -23.12
N HIS E 496 9.12 -13.17 -24.20
CA HIS E 496 7.76 -12.79 -24.57
C HIS E 496 6.86 -14.02 -24.63
N PHE E 497 5.74 -13.95 -23.92
CA PHE E 497 4.61 -14.86 -24.06
C PHE E 497 3.60 -14.21 -24.98
N ASP E 498 3.34 -14.83 -26.13
CA ASP E 498 2.36 -14.35 -27.09
C ASP E 498 1.11 -15.20 -26.90
N THR E 499 0.19 -14.72 -26.06
CA THR E 499 -0.97 -15.50 -25.69
C THR E 499 -1.94 -15.65 -26.86
N LYS E 500 -2.08 -14.60 -27.68
CA LYS E 500 -2.98 -14.70 -28.83
C LYS E 500 -2.50 -15.75 -29.82
N GLY E 501 -1.20 -15.77 -30.10
CA GLY E 501 -0.61 -16.77 -30.95
C GLY E 501 -0.12 -18.01 -30.26
N LYS E 502 -0.17 -18.05 -28.93
CA LYS E 502 0.32 -19.17 -28.14
C LYS E 502 1.79 -19.48 -28.45
N ASN E 503 2.59 -18.43 -28.58
CA ASN E 503 4.00 -18.55 -28.90
C ASN E 503 4.85 -18.10 -27.72
N ILE E 504 6.11 -18.53 -27.72
CA ILE E 504 7.09 -18.09 -26.75
C ILE E 504 8.34 -17.65 -27.51
N GLU E 505 8.87 -16.49 -27.16
CA GLU E 505 10.08 -15.99 -27.79
C GLU E 505 11.09 -15.60 -26.72
N ILE E 506 12.34 -15.99 -26.94
CA ILE E 506 13.46 -15.56 -26.10
C ILE E 506 14.50 -14.96 -27.02
N THR E 507 14.82 -13.68 -26.79
CA THR E 507 15.73 -12.94 -27.65
C THR E 507 16.84 -12.33 -26.81
N ALA E 508 18.08 -12.61 -27.18
CA ALA E 508 19.25 -11.97 -26.59
C ALA E 508 20.05 -11.37 -27.75
N PRO E 509 20.25 -10.05 -27.78
CA PRO E 509 21.06 -9.49 -28.87
C PRO E 509 22.45 -10.07 -28.96
N GLU E 510 23.09 -10.34 -27.83
CA GLU E 510 24.35 -11.05 -27.74
C GLU E 510 24.08 -12.53 -27.43
N THR E 511 25.11 -13.23 -26.96
CA THR E 511 25.01 -14.64 -26.59
C THR E 511 23.78 -14.96 -25.75
N MET E 512 23.20 -16.14 -25.99
CA MET E 512 22.21 -16.74 -25.11
C MET E 512 22.67 -18.16 -24.77
N THR E 513 22.66 -18.50 -23.48
CA THR E 513 23.25 -19.75 -23.01
C THR E 513 22.24 -20.57 -22.22
N LEU E 514 22.13 -21.85 -22.54
CA LEU E 514 21.33 -22.80 -21.78
C LEU E 514 22.27 -23.79 -21.09
N ASN E 515 22.14 -23.91 -19.78
CA ASN E 515 22.97 -24.80 -18.98
C ASN E 515 22.09 -25.73 -18.18
N ALA E 516 22.38 -27.03 -18.24
CA ALA E 516 21.63 -28.01 -17.47
C ALA E 516 22.40 -29.32 -17.49
N GLN E 517 22.07 -30.20 -16.55
CA GLN E 517 22.61 -31.55 -16.57
C GLN E 517 22.08 -32.33 -17.77
N ASN E 518 20.79 -32.18 -18.07
CA ASN E 518 20.17 -32.78 -19.24
C ASN E 518 19.36 -31.73 -19.96
N ILE E 519 19.51 -31.66 -21.27
CA ILE E 519 18.72 -30.75 -22.11
C ILE E 519 17.76 -31.60 -22.94
N ASN E 520 16.49 -31.21 -22.94
CA ASN E 520 15.44 -31.93 -23.67
C ASN E 520 14.74 -30.93 -24.56
N ILE E 521 15.05 -30.96 -25.85
CA ILE E 521 14.40 -30.10 -26.83
C ILE E 521 13.38 -30.91 -27.61
N ASN E 522 12.13 -30.91 -27.14
CA ASN E 522 11.08 -31.74 -27.71
C ASN E 522 10.18 -30.89 -28.59
N ALA E 523 10.10 -31.25 -29.86
CA ALA E 523 9.26 -30.56 -30.83
C ALA E 523 8.20 -31.53 -31.34
N GLY E 524 6.93 -31.15 -31.20
CA GLY E 524 5.85 -31.97 -31.71
C GLY E 524 5.67 -31.91 -33.21
N GLU E 525 6.36 -30.99 -33.86
CA GLU E 525 6.35 -30.84 -35.31
C GLU E 525 7.78 -30.52 -35.73
N GLN E 526 7.94 -29.94 -36.91
CA GLN E 526 9.26 -29.68 -37.46
C GLN E 526 10.11 -28.84 -36.50
N LEU E 527 11.34 -29.27 -36.29
CA LEU E 527 12.32 -28.56 -35.48
C LEU E 527 13.32 -27.88 -36.39
N ASN E 528 13.54 -26.58 -36.17
CA ASN E 528 14.40 -25.78 -37.02
C ASN E 528 15.62 -25.30 -36.25
N THR E 529 16.80 -25.52 -36.83
CA THR E 529 18.05 -25.02 -36.30
C THR E 529 18.75 -24.25 -37.41
N SER E 530 19.16 -23.02 -37.12
CA SER E 530 19.82 -22.19 -38.12
C SER E 530 20.87 -21.33 -37.46
N SER E 531 22.12 -21.50 -37.87
CA SER E 531 23.22 -20.67 -37.42
C SER E 531 23.66 -19.77 -38.55
N GLY E 532 23.92 -18.51 -38.23
CA GLY E 532 24.44 -17.59 -39.24
C GLY E 532 25.84 -17.95 -39.68
N LYS E 533 26.72 -18.26 -38.74
CA LYS E 533 28.10 -18.59 -39.04
C LYS E 533 28.36 -20.09 -39.10
N GLU E 534 28.19 -20.80 -37.99
CA GLU E 534 28.60 -22.19 -37.96
C GLU E 534 27.94 -22.90 -36.79
N THR E 535 27.56 -24.15 -37.00
CA THR E 535 27.06 -25.02 -35.95
C THR E 535 28.19 -25.95 -35.51
N VAL E 536 28.58 -25.86 -34.25
CA VAL E 536 29.65 -26.66 -33.68
C VAL E 536 29.03 -27.57 -32.63
N MET E 537 29.11 -28.88 -32.86
CA MET E 537 28.47 -29.88 -32.01
C MET E 537 29.55 -30.73 -31.37
N GLN E 538 29.73 -30.59 -30.06
CA GLN E 538 30.75 -31.31 -29.31
C GLN E 538 30.07 -32.36 -28.44
N ILE E 539 30.36 -33.63 -28.71
CA ILE E 539 29.77 -34.75 -27.98
C ILE E 539 30.91 -35.51 -27.31
N GLY E 540 30.85 -35.62 -25.99
CA GLY E 540 31.88 -36.31 -25.24
C GLY E 540 31.76 -37.81 -25.21
N THR E 541 30.69 -38.36 -25.76
CA THR E 541 30.42 -39.79 -25.75
C THR E 541 29.66 -40.11 -27.05
N ASP E 542 28.93 -41.22 -27.05
CA ASP E 542 28.20 -41.70 -28.22
C ASP E 542 27.35 -40.61 -28.88
N PHE E 543 27.11 -40.74 -30.18
CA PHE E 543 26.20 -39.86 -30.91
C PHE E 543 25.15 -40.71 -31.59
N GLN E 544 23.93 -40.69 -31.06
CA GLN E 544 22.82 -41.45 -31.61
C GLN E 544 21.95 -40.53 -32.45
N GLN E 545 21.78 -40.85 -33.72
CA GLN E 545 20.88 -40.15 -34.61
C GLN E 545 19.92 -41.16 -35.21
N ASP E 546 18.63 -40.96 -34.98
CA ASP E 546 17.60 -41.88 -35.47
C ASP E 546 16.62 -41.09 -36.34
N VAL E 547 16.67 -41.32 -37.64
CA VAL E 547 15.83 -40.61 -38.59
C VAL E 547 14.73 -41.55 -39.04
N GLY E 548 13.47 -41.16 -38.76
CA GLY E 548 12.34 -41.97 -39.17
C GLY E 548 11.94 -41.83 -40.62
N GLY E 549 12.59 -40.92 -41.35
CA GLY E 549 12.29 -40.75 -42.75
C GLY E 549 13.54 -40.59 -43.59
N ASN E 550 13.50 -39.69 -44.57
CA ASN E 550 14.65 -39.47 -45.43
C ASN E 550 15.73 -38.67 -44.70
N ALA E 551 16.93 -38.68 -45.27
CA ALA E 551 18.00 -37.79 -44.86
C ALA E 551 18.51 -37.07 -46.08
N GLU E 552 18.63 -35.74 -46.00
CA GLU E 552 19.08 -34.92 -47.11
C GLU E 552 20.17 -34.01 -46.61
N ILE E 553 21.42 -34.34 -46.91
CA ILE E 553 22.58 -33.57 -46.50
C ILE E 553 23.15 -32.87 -47.73
N ALA E 554 23.19 -31.54 -47.70
CA ALA E 554 23.74 -30.73 -48.78
C ALA E 554 24.89 -29.92 -48.21
N ILE E 555 26.12 -30.24 -48.63
CA ILE E 555 27.32 -29.56 -48.16
C ILE E 555 27.86 -28.74 -49.32
N GLY E 556 28.01 -27.44 -49.09
CA GLY E 556 28.45 -26.50 -50.12
C GLY E 556 29.93 -26.46 -50.38
N GLU E 557 30.71 -27.24 -49.63
CA GLU E 557 32.15 -27.30 -49.79
C GLU E 557 32.61 -28.71 -49.45
N SER E 558 33.89 -28.86 -49.13
CA SER E 558 34.44 -30.17 -48.83
C SER E 558 33.84 -30.76 -47.56
N LEU E 559 33.80 -32.08 -47.50
CA LEU E 559 33.41 -32.82 -46.31
C LEU E 559 34.63 -33.62 -45.84
N THR E 560 35.00 -33.43 -44.58
CA THR E 560 36.13 -34.14 -43.99
C THR E 560 35.62 -35.00 -42.85
N GLU E 561 35.92 -36.30 -42.90
CA GLU E 561 35.47 -37.26 -41.92
C GLU E 561 36.64 -38.09 -41.45
N SER E 562 36.74 -38.31 -40.15
CA SER E 562 37.79 -39.14 -39.57
C SER E 562 37.17 -40.08 -38.54
N ILE E 563 37.54 -41.35 -38.61
CA ILE E 563 37.07 -42.37 -37.68
C ILE E 563 38.28 -42.98 -36.99
N ALA E 564 38.23 -43.04 -35.67
CA ALA E 564 39.33 -43.62 -34.89
C ALA E 564 39.24 -45.13 -34.76
N LYS E 565 38.20 -45.75 -35.29
CA LYS E 565 38.00 -47.19 -35.17
C LYS E 565 37.28 -47.67 -36.42
N ASP E 566 36.67 -48.85 -36.34
CA ASP E 566 36.00 -49.45 -37.49
C ASP E 566 34.83 -48.60 -37.94
N SER E 567 34.63 -48.54 -39.26
CA SER E 567 33.49 -47.87 -39.87
C SER E 567 32.61 -48.92 -40.54
N THR E 568 31.36 -49.00 -40.12
CA THR E 568 30.41 -50.01 -40.61
C THR E 568 29.20 -49.31 -41.19
N ASN E 569 28.81 -49.72 -42.40
CA ASN E 569 27.64 -49.17 -43.07
C ASN E 569 26.78 -50.30 -43.62
N SER E 570 25.48 -50.24 -43.35
CA SER E 570 24.53 -51.23 -43.83
C SER E 570 23.44 -50.54 -44.62
N ILE E 571 23.23 -50.96 -45.86
CA ILE E 571 22.27 -50.35 -46.76
C ILE E 571 21.32 -51.43 -47.24
N ALA E 572 20.02 -51.26 -46.93
CA ALA E 572 19.00 -52.21 -47.36
C ALA E 572 18.57 -51.99 -48.80
N GLY E 573 18.88 -50.84 -49.39
CA GLY E 573 18.59 -50.59 -50.78
C GLY E 573 19.84 -50.58 -51.62
N ASN E 574 19.91 -49.68 -52.59
CA ASN E 574 21.08 -49.55 -53.44
C ASN E 574 22.05 -48.53 -52.87
N LEU E 575 23.30 -48.62 -53.33
CA LEU E 575 24.32 -47.61 -53.03
C LEU E 575 24.78 -47.03 -54.34
N SER E 576 24.62 -45.71 -54.48
CA SER E 576 25.02 -45.00 -55.69
C SER E 576 25.95 -43.85 -55.28
N VAL E 577 27.21 -43.92 -55.69
CA VAL E 577 28.18 -42.87 -55.43
C VAL E 577 28.66 -42.33 -56.77
N THR E 578 28.38 -41.07 -57.04
CA THR E 578 28.77 -40.43 -58.29
C THR E 578 29.78 -39.32 -57.97
N VAL E 579 31.01 -39.49 -58.45
CA VAL E 579 32.09 -38.56 -58.21
C VAL E 579 32.44 -37.86 -59.50
N ASP E 580 32.45 -36.52 -59.49
CA ASP E 580 32.75 -35.76 -60.69
C ASP E 580 34.22 -35.84 -61.05
N GLU E 581 35.10 -35.79 -60.06
CA GLU E 581 36.53 -35.87 -60.24
C GLU E 581 37.03 -37.26 -59.89
N ASN E 582 38.35 -37.41 -59.74
CA ASN E 582 38.95 -38.71 -59.50
C ASN E 582 38.47 -39.32 -58.19
N LEU E 583 38.51 -40.64 -58.12
CA LEU E 583 38.19 -41.41 -56.92
C LEU E 583 39.41 -42.19 -56.50
N MET E 584 39.73 -42.15 -55.21
CA MET E 584 40.88 -42.87 -54.67
C MET E 584 40.46 -43.62 -53.42
N TYR E 585 40.85 -44.90 -53.35
CA TYR E 585 40.59 -45.74 -52.18
C TYR E 585 41.90 -46.35 -51.72
N ASP E 586 42.18 -46.22 -50.43
CA ASP E 586 43.39 -46.78 -49.83
C ASP E 586 43.00 -47.66 -48.66
N ALA E 587 43.62 -48.83 -48.56
CA ALA E 587 43.34 -49.76 -47.48
C ALA E 587 44.50 -50.74 -47.36
N GLN E 588 44.47 -51.52 -46.29
CA GLN E 588 45.45 -52.59 -46.14
C GLN E 588 45.07 -53.80 -46.99
N ASP E 589 43.90 -54.38 -46.72
CA ASP E 589 43.34 -55.44 -47.54
C ASP E 589 42.01 -54.96 -48.12
N MET E 590 41.77 -55.29 -49.39
CA MET E 590 40.57 -54.86 -50.09
C MET E 590 39.85 -56.08 -50.63
N THR E 591 38.65 -56.35 -50.10
CA THR E 591 37.81 -57.42 -50.59
C THR E 591 36.54 -56.82 -51.16
N LEU E 592 36.27 -57.09 -52.44
CA LEU E 592 35.06 -56.64 -53.11
C LEU E 592 34.29 -57.89 -53.56
N THR E 593 33.36 -58.33 -52.73
CA THR E 593 32.57 -59.53 -53.00
C THR E 593 31.17 -59.15 -53.43
N ALA E 594 30.74 -59.68 -54.57
CA ALA E 594 29.42 -59.43 -55.12
C ALA E 594 28.62 -60.73 -55.14
N GLN E 595 27.43 -60.70 -54.53
CA GLN E 595 26.57 -61.87 -54.55
C GLN E 595 26.05 -62.16 -55.95
N GLY E 596 25.97 -61.14 -56.81
CA GLY E 596 25.64 -61.35 -58.20
C GLY E 596 26.87 -61.23 -59.08
N GLY E 597 26.91 -60.21 -59.94
CA GLY E 597 28.00 -60.01 -60.86
C GLY E 597 28.72 -58.70 -60.62
N MET E 598 30.00 -58.70 -60.92
CA MET E 598 30.82 -57.48 -60.89
C MET E 598 31.09 -57.03 -62.32
N LYS E 599 31.05 -55.71 -62.53
CA LYS E 599 31.37 -55.13 -63.82
C LYS E 599 32.24 -53.90 -63.57
N LEU E 600 33.49 -53.94 -64.03
CA LEU E 600 34.40 -52.82 -63.93
C LEU E 600 34.54 -52.21 -65.31
N LEU E 601 33.95 -51.04 -65.53
CA LEU E 601 33.96 -50.37 -66.81
C LEU E 601 34.82 -49.12 -66.73
N ALA E 602 35.70 -48.94 -67.72
CA ALA E 602 36.56 -47.77 -67.80
C ALA E 602 36.63 -47.30 -69.24
N ASN E 603 36.98 -46.03 -69.41
CA ASN E 603 37.14 -45.47 -70.74
C ASN E 603 38.58 -45.46 -71.23
N ALA E 604 39.56 -45.34 -70.33
CA ALA E 604 40.97 -45.35 -70.72
C ALA E 604 41.59 -46.73 -70.59
N LYS E 605 41.66 -47.27 -69.37
CA LYS E 605 42.40 -48.51 -69.14
C LYS E 605 41.89 -49.16 -67.87
N ILE E 606 42.18 -50.45 -67.74
CA ILE E 606 41.90 -51.22 -66.54
C ILE E 606 43.17 -51.98 -66.21
N GLY E 607 43.96 -51.44 -65.27
CA GLY E 607 45.22 -52.05 -64.89
C GLY E 607 45.11 -52.73 -63.53
N LEU E 608 45.64 -53.94 -63.46
CA LEU E 608 45.63 -54.71 -62.22
C LEU E 608 47.06 -55.02 -61.77
N LYS E 609 47.92 -54.01 -61.78
CA LYS E 609 49.30 -54.21 -61.37
C LYS E 609 49.38 -54.65 -59.91
N SER E 610 50.29 -55.57 -59.63
CA SER E 610 50.55 -56.03 -58.28
C SER E 610 52.02 -56.35 -58.14
N SER E 611 52.51 -56.35 -56.90
CA SER E 611 53.90 -56.67 -56.61
C SER E 611 54.11 -58.14 -56.31
N GLU E 612 53.07 -58.96 -56.40
CA GLU E 612 53.19 -60.40 -56.21
C GLU E 612 52.50 -61.22 -57.28
N GLY E 613 51.78 -60.60 -58.20
CA GLY E 613 51.10 -61.31 -59.26
C GLY E 613 49.60 -61.30 -59.07
N VAL E 614 48.91 -61.67 -60.16
CA VAL E 614 47.46 -61.74 -60.20
C VAL E 614 47.06 -63.18 -60.45
N ASP E 615 46.13 -63.69 -59.64
CA ASP E 615 45.71 -65.07 -59.71
C ASP E 615 44.21 -65.13 -59.96
N ILE E 616 43.78 -66.03 -60.84
CA ILE E 616 42.38 -66.11 -61.21
C ILE E 616 41.61 -67.14 -60.38
N ALA E 617 42.29 -68.19 -59.90
CA ALA E 617 41.66 -69.21 -59.08
C ALA E 617 40.42 -69.83 -59.74
#